data_2ROH
#
_entry.id   2ROH
#
_entity_poly.entity_id   1
_entity_poly.type   'polypeptide(L)'
_entity_poly.pdbx_seq_one_letter_code
;GSPFADPNSLALANVPLSRSKRPDFGQRRIRRPFTVAEVELLVEAVEHLGTGRWRDVKFRAFENVHHRTYVDLKDKWKTL
VHTASIAPQQRRGAPVPQELLDRVLAAQAYWSVDSSGRIVTL
;
_entity_poly.pdbx_strand_id   A
#
# COMPACT_ATOMS: atom_id res chain seq x y z
N GLY A 1 60.98 40.18 -20.86
CA GLY A 1 59.93 40.99 -20.25
C GLY A 1 58.69 40.17 -19.94
N SER A 2 58.78 39.30 -18.94
CA SER A 2 57.65 38.47 -18.55
C SER A 2 57.19 38.80 -17.14
N PRO A 3 55.95 38.40 -16.82
CA PRO A 3 55.35 38.65 -15.50
C PRO A 3 56.00 37.81 -14.41
N PHE A 4 55.90 38.28 -13.17
CA PHE A 4 56.50 37.57 -12.03
C PHE A 4 55.48 37.41 -10.91
N ALA A 5 55.63 36.35 -10.13
CA ALA A 5 54.72 36.08 -9.02
C ALA A 5 53.28 35.98 -9.50
N ASP A 6 53.03 35.10 -10.45
CA ASP A 6 51.70 34.91 -11.01
C ASP A 6 51.14 33.53 -10.61
N PRO A 7 49.81 33.40 -10.68
CA PRO A 7 49.12 32.15 -10.35
C PRO A 7 49.39 31.05 -11.36
N ASN A 8 49.43 31.42 -12.64
CA ASN A 8 49.68 30.46 -13.71
C ASN A 8 48.59 29.40 -13.74
N SER A 9 47.33 29.84 -13.78
CA SER A 9 46.20 28.93 -13.81
C SER A 9 46.28 28.01 -15.03
N LEU A 10 45.90 26.75 -14.84
CA LEU A 10 45.93 25.77 -15.92
C LEU A 10 44.66 25.86 -16.77
N ALA A 11 44.63 25.10 -17.86
CA ALA A 11 43.47 25.08 -18.75
C ALA A 11 42.30 24.35 -18.11
N LEU A 12 42.60 23.46 -17.18
CA LEU A 12 41.56 22.68 -16.51
C LEU A 12 40.79 21.82 -17.49
N ALA A 13 41.09 20.52 -17.51
CA ALA A 13 40.42 19.59 -18.40
C ALA A 13 39.49 18.67 -17.63
N ASN A 14 38.83 17.75 -18.35
CA ASN A 14 37.91 16.82 -17.73
C ASN A 14 38.17 15.40 -18.24
N VAL A 15 38.12 14.43 -17.32
CA VAL A 15 38.33 13.04 -17.68
C VAL A 15 37.06 12.23 -17.53
N PRO A 16 36.97 11.12 -18.29
CA PRO A 16 35.80 10.23 -18.26
C PRO A 16 35.68 9.46 -16.94
N LEU A 17 34.47 9.00 -16.63
CA LEU A 17 34.24 8.25 -15.40
C LEU A 17 32.90 7.52 -15.46
N SER A 18 32.85 6.34 -14.86
CA SER A 18 31.64 5.54 -14.85
C SER A 18 30.94 5.63 -13.50
N ARG A 19 29.86 4.87 -13.34
CA ARG A 19 29.10 4.87 -12.10
C ARG A 19 28.39 3.53 -11.89
N SER A 20 28.34 3.09 -10.64
CA SER A 20 27.71 1.81 -10.31
C SER A 20 26.86 1.94 -9.04
N LYS A 21 25.81 1.13 -8.96
CA LYS A 21 24.92 1.16 -7.80
C LYS A 21 24.21 -0.19 -7.63
N ARG A 22 23.47 -0.33 -6.53
CA ARG A 22 22.74 -1.56 -6.26
C ARG A 22 21.49 -1.27 -5.44
N PRO A 23 20.39 -1.98 -5.78
CA PRO A 23 19.11 -1.81 -5.08
C PRO A 23 19.15 -2.36 -3.65
N ASP A 24 17.99 -2.39 -3.02
CA ASP A 24 17.88 -2.89 -1.65
C ASP A 24 16.62 -3.72 -1.46
N PHE A 25 16.66 -4.63 -0.49
CA PHE A 25 15.51 -5.50 -0.21
C PHE A 25 15.23 -5.57 1.28
N GLY A 26 14.07 -6.09 1.63
CA GLY A 26 13.70 -6.21 3.04
C GLY A 26 12.45 -7.05 3.24
N GLN A 27 11.97 -7.09 4.48
CA GLN A 27 10.78 -7.86 4.81
C GLN A 27 10.11 -7.33 6.07
N ARG A 28 8.81 -7.09 5.99
CA ARG A 28 8.05 -6.57 7.13
C ARG A 28 7.39 -7.72 7.91
N ARG A 29 6.74 -7.37 9.02
CA ARG A 29 6.07 -8.36 9.85
C ARG A 29 5.03 -9.14 9.03
N ILE A 30 4.40 -10.11 9.68
CA ILE A 30 3.38 -10.92 9.01
C ILE A 30 2.03 -10.20 8.98
N ARG A 31 1.60 -9.82 7.79
CA ARG A 31 0.33 -9.13 7.63
C ARG A 31 -0.80 -10.12 7.36
N ARG A 32 -2.02 -9.60 7.26
CA ARG A 32 -3.19 -10.45 7.01
C ARG A 32 -3.74 -10.20 5.61
N PRO A 33 -4.53 -11.17 5.11
CA PRO A 33 -5.14 -11.09 3.78
C PRO A 33 -6.23 -10.02 3.70
N PHE A 34 -6.29 -9.31 2.58
CA PHE A 34 -7.28 -8.27 2.39
C PHE A 34 -8.22 -8.62 1.23
N THR A 35 -9.35 -7.92 1.17
CA THR A 35 -10.33 -8.16 0.12
C THR A 35 -10.20 -7.13 -0.99
N VAL A 36 -10.55 -7.54 -2.21
CA VAL A 36 -10.47 -6.65 -3.36
C VAL A 36 -11.18 -5.33 -3.09
N ALA A 37 -12.30 -5.40 -2.38
CA ALA A 37 -13.08 -4.21 -2.05
C ALA A 37 -12.37 -3.37 -0.99
N GLU A 38 -11.93 -4.03 0.08
CA GLU A 38 -11.23 -3.35 1.17
C GLU A 38 -9.98 -2.65 0.65
N VAL A 39 -9.23 -3.33 -0.20
CA VAL A 39 -8.01 -2.77 -0.77
C VAL A 39 -8.32 -1.60 -1.69
N GLU A 40 -9.33 -1.77 -2.54
CA GLU A 40 -9.72 -0.73 -3.48
C GLU A 40 -10.04 0.57 -2.75
N LEU A 41 -10.92 0.48 -1.75
CA LEU A 41 -11.31 1.65 -0.97
C LEU A 41 -10.13 2.20 -0.19
N LEU A 42 -9.34 1.31 0.40
CA LEU A 42 -8.16 1.72 1.17
C LEU A 42 -7.18 2.49 0.31
N VAL A 43 -6.90 1.98 -0.88
CA VAL A 43 -5.98 2.63 -1.80
C VAL A 43 -6.51 3.99 -2.23
N GLU A 44 -7.80 4.06 -2.50
CA GLU A 44 -8.44 5.30 -2.93
C GLU A 44 -8.38 6.35 -1.81
N ALA A 45 -8.42 5.88 -0.57
CA ALA A 45 -8.38 6.77 0.59
C ALA A 45 -7.03 7.49 0.67
N VAL A 46 -5.96 6.73 0.57
CA VAL A 46 -4.60 7.29 0.64
C VAL A 46 -4.23 7.96 -0.68
N GLU A 47 -4.76 7.43 -1.78
CA GLU A 47 -4.48 7.98 -3.10
C GLU A 47 -5.19 9.31 -3.30
N HIS A 48 -6.45 9.37 -2.90
CA HIS A 48 -7.25 10.58 -3.04
C HIS A 48 -6.50 11.78 -2.47
N LEU A 49 -5.71 11.54 -1.43
CA LEU A 49 -4.94 12.61 -0.78
C LEU A 49 -3.46 12.49 -1.15
N GLY A 50 -3.07 11.36 -1.72
CA GLY A 50 -1.69 11.15 -2.09
C GLY A 50 -0.79 10.94 -0.90
N THR A 51 -0.45 12.02 -0.22
CA THR A 51 0.43 11.95 0.95
C THR A 51 0.28 13.19 1.82
N GLY A 52 -0.90 13.36 2.41
CA GLY A 52 -1.14 14.52 3.27
C GLY A 52 -1.58 14.12 4.66
N ARG A 53 -2.88 14.22 4.93
CA ARG A 53 -3.42 13.87 6.23
C ARG A 53 -4.04 12.48 6.21
N TRP A 54 -3.66 11.65 7.17
CA TRP A 54 -4.18 10.29 7.26
C TRP A 54 -5.64 10.29 7.70
N ARG A 55 -6.04 11.34 8.41
CA ARG A 55 -7.40 11.47 8.89
C ARG A 55 -8.40 11.38 7.73
N ASP A 56 -8.09 12.08 6.65
CA ASP A 56 -8.95 12.09 5.47
C ASP A 56 -9.03 10.69 4.85
N VAL A 57 -7.99 9.90 5.05
CA VAL A 57 -7.95 8.55 4.52
C VAL A 57 -8.96 7.64 5.22
N LYS A 58 -8.93 7.65 6.55
CA LYS A 58 -9.85 6.84 7.34
C LYS A 58 -11.29 7.29 7.14
N PHE A 59 -11.48 8.59 6.94
CA PHE A 59 -12.81 9.14 6.74
C PHE A 59 -13.30 8.87 5.32
N ARG A 60 -12.43 9.10 4.34
CA ARG A 60 -12.77 8.88 2.95
C ARG A 60 -12.98 7.40 2.66
N ALA A 61 -12.08 6.57 3.18
CA ALA A 61 -12.16 5.12 3.00
C ALA A 61 -13.55 4.60 3.37
N PHE A 62 -13.88 4.67 4.65
CA PHE A 62 -15.17 4.20 5.14
C PHE A 62 -15.36 4.56 6.60
N GLU A 63 -15.99 5.69 6.87
CA GLU A 63 -16.23 6.14 8.23
C GLU A 63 -17.48 5.47 8.81
N ASN A 64 -17.53 4.14 8.71
CA ASN A 64 -18.67 3.39 9.21
C ASN A 64 -18.29 1.93 9.45
N VAL A 65 -17.53 1.36 8.51
CA VAL A 65 -17.09 -0.02 8.61
C VAL A 65 -16.27 -0.25 9.87
N HIS A 66 -15.68 -1.43 9.97
CA HIS A 66 -14.86 -1.78 11.13
C HIS A 66 -13.40 -1.36 10.91
N HIS A 67 -13.21 -0.11 10.51
CA HIS A 67 -11.87 0.42 10.25
C HIS A 67 -10.95 0.17 11.45
N ARG A 68 -9.67 0.43 11.27
CA ARG A 68 -8.69 0.24 12.33
C ARG A 68 -8.18 1.58 12.86
N THR A 69 -7.31 2.21 12.09
CA THR A 69 -6.74 3.51 12.46
C THR A 69 -6.16 4.23 11.26
N TYR A 70 -6.08 5.55 11.35
CA TYR A 70 -5.54 6.36 10.26
C TYR A 70 -4.19 5.81 9.79
N VAL A 71 -3.22 5.79 10.69
CA VAL A 71 -1.89 5.29 10.36
C VAL A 71 -1.95 3.86 9.85
N ASP A 72 -2.90 3.09 10.36
CA ASP A 72 -3.08 1.71 9.96
C ASP A 72 -3.30 1.60 8.45
N LEU A 73 -4.17 2.46 7.93
CA LEU A 73 -4.47 2.47 6.50
C LEU A 73 -3.27 2.95 5.69
N LYS A 74 -2.72 4.10 6.07
CA LYS A 74 -1.57 4.67 5.39
C LYS A 74 -0.41 3.68 5.35
N ASP A 75 -0.12 3.07 6.49
CA ASP A 75 0.96 2.10 6.58
C ASP A 75 0.65 0.86 5.73
N LYS A 76 -0.61 0.47 5.71
CA LYS A 76 -1.03 -0.70 4.95
C LYS A 76 -0.70 -0.52 3.47
N TRP A 77 -0.99 0.66 2.94
CA TRP A 77 -0.72 0.96 1.54
C TRP A 77 0.78 0.98 1.26
N LYS A 78 1.52 1.70 2.10
CA LYS A 78 2.97 1.79 1.94
C LYS A 78 3.60 0.41 1.85
N THR A 79 3.17 -0.50 2.73
CA THR A 79 3.69 -1.85 2.75
C THR A 79 3.35 -2.60 1.47
N LEU A 80 2.07 -2.58 1.10
CA LEU A 80 1.62 -3.25 -0.11
C LEU A 80 2.34 -2.70 -1.34
N VAL A 81 2.71 -1.42 -1.29
CA VAL A 81 3.41 -0.78 -2.39
C VAL A 81 4.83 -1.35 -2.55
N HIS A 82 5.54 -1.45 -1.44
CA HIS A 82 6.90 -1.97 -1.45
C HIS A 82 6.92 -3.42 -1.96
N THR A 83 5.93 -4.21 -1.54
CA THR A 83 5.84 -5.60 -1.95
C THR A 83 5.42 -5.72 -3.40
N ALA A 84 4.64 -4.74 -3.87
CA ALA A 84 4.18 -4.74 -5.25
C ALA A 84 5.21 -4.13 -6.18
N SER A 85 6.26 -3.56 -5.60
CA SER A 85 7.32 -2.93 -6.37
C SER A 85 8.56 -3.82 -6.41
N ILE A 86 8.83 -4.52 -5.32
CA ILE A 86 9.97 -5.41 -5.24
C ILE A 86 9.96 -6.43 -6.36
N ALA A 87 10.98 -7.28 -6.40
CA ALA A 87 11.09 -8.32 -7.42
C ALA A 87 9.81 -9.15 -7.50
N PRO A 88 9.62 -9.84 -8.62
CA PRO A 88 8.45 -10.69 -8.85
C PRO A 88 8.46 -11.93 -7.98
N GLN A 89 9.62 -12.57 -7.87
CA GLN A 89 9.75 -13.78 -7.07
C GLN A 89 9.49 -13.49 -5.60
N GLN A 90 9.72 -12.24 -5.20
CA GLN A 90 9.50 -11.83 -3.81
C GLN A 90 8.08 -11.31 -3.62
N ARG A 91 7.46 -10.86 -4.71
CA ARG A 91 6.11 -10.34 -4.66
C ARG A 91 5.09 -11.47 -4.49
N ARG A 92 5.03 -12.03 -3.29
CA ARG A 92 4.10 -13.12 -3.01
C ARG A 92 3.04 -12.68 -2.00
N GLY A 93 2.24 -11.69 -2.40
CA GLY A 93 1.20 -11.20 -1.52
C GLY A 93 -0.12 -11.92 -1.70
N ALA A 94 -1.17 -11.43 -1.06
CA ALA A 94 -2.49 -12.04 -1.17
C ALA A 94 -2.91 -12.19 -2.62
N PRO A 95 -3.88 -13.08 -2.87
CA PRO A 95 -4.40 -13.34 -4.22
C PRO A 95 -5.20 -12.16 -4.77
N VAL A 96 -4.49 -11.14 -5.22
CA VAL A 96 -5.13 -9.95 -5.78
C VAL A 96 -4.68 -9.70 -7.21
N PRO A 97 -5.50 -8.98 -7.97
CA PRO A 97 -5.20 -8.65 -9.37
C PRO A 97 -4.06 -7.64 -9.50
N GLN A 98 -3.41 -7.64 -10.66
CA GLN A 98 -2.30 -6.73 -10.91
C GLN A 98 -2.76 -5.28 -10.83
N GLU A 99 -4.03 -5.05 -11.13
CA GLU A 99 -4.60 -3.71 -11.09
C GLU A 99 -4.28 -3.01 -9.77
N LEU A 100 -4.46 -3.74 -8.67
CA LEU A 100 -4.18 -3.20 -7.34
C LEU A 100 -2.75 -2.69 -7.24
N LEU A 101 -1.82 -3.44 -7.80
CA LEU A 101 -0.41 -3.07 -7.77
C LEU A 101 -0.12 -1.95 -8.77
N ASP A 102 -0.94 -1.88 -9.81
CA ASP A 102 -0.79 -0.85 -10.83
C ASP A 102 -1.29 0.50 -10.33
N ARG A 103 -2.37 0.47 -9.56
CA ARG A 103 -2.95 1.69 -9.01
C ARG A 103 -2.10 2.24 -7.87
N VAL A 104 -1.62 1.35 -7.02
CA VAL A 104 -0.79 1.74 -5.89
C VAL A 104 0.58 2.24 -6.36
N LEU A 105 1.14 1.54 -7.34
CA LEU A 105 2.44 1.92 -7.89
C LEU A 105 2.36 3.22 -8.68
N ALA A 106 1.43 3.27 -9.62
CA ALA A 106 1.24 4.45 -10.45
C ALA A 106 1.00 5.68 -9.60
N ALA A 107 0.08 5.57 -8.64
CA ALA A 107 -0.23 6.69 -7.75
C ALA A 107 0.98 7.10 -6.93
N GLN A 108 1.71 6.11 -6.41
CA GLN A 108 2.89 6.38 -5.61
C GLN A 108 3.87 7.27 -6.36
N ALA A 109 4.12 6.95 -7.64
CA ALA A 109 5.03 7.72 -8.46
C ALA A 109 4.41 9.06 -8.85
N TYR A 110 3.12 9.04 -9.16
CA TYR A 110 2.41 10.24 -9.57
C TYR A 110 2.55 11.34 -8.51
N TRP A 111 2.42 10.95 -7.24
CA TRP A 111 2.54 11.89 -6.13
C TRP A 111 3.99 12.05 -5.71
N SER A 112 4.82 11.09 -6.09
CA SER A 112 6.24 11.11 -5.74
C SER A 112 6.90 12.38 -6.27
N VAL A 113 7.18 12.39 -7.56
CA VAL A 113 7.82 13.54 -8.20
C VAL A 113 6.97 14.07 -9.35
N ASP A 114 6.90 13.30 -10.43
CA ASP A 114 6.12 13.68 -11.60
C ASP A 114 5.15 12.57 -12.00
N SER A 115 5.69 11.50 -12.57
CA SER A 115 4.87 10.37 -12.99
C SER A 115 5.73 9.18 -13.38
N SER A 116 5.09 8.08 -13.74
CA SER A 116 5.81 6.87 -14.12
C SER A 116 5.49 6.49 -15.56
N GLY A 117 6.53 6.44 -16.39
CA GLY A 117 6.35 6.09 -17.79
C GLY A 117 7.41 6.70 -18.69
N ARG A 118 7.00 7.66 -19.50
CA ARG A 118 7.93 8.33 -20.42
C ARG A 118 8.51 7.33 -21.42
N ILE A 119 7.66 6.46 -21.95
CA ILE A 119 8.09 5.45 -22.91
C ILE A 119 7.29 5.56 -24.21
N VAL A 120 6.01 5.91 -24.08
CA VAL A 120 5.14 6.05 -25.24
C VAL A 120 5.28 7.44 -25.86
N THR A 121 5.18 7.49 -27.18
CA THR A 121 5.29 8.76 -27.90
C THR A 121 4.32 8.80 -29.09
N LEU A 122 3.05 9.05 -28.79
CA LEU A 122 2.03 9.12 -29.83
C LEU A 122 2.38 10.18 -30.87
N GLY A 1 19.37 -47.03 -41.68
CA GLY A 1 18.34 -46.16 -41.14
C GLY A 1 18.21 -44.87 -41.93
N SER A 2 17.05 -44.23 -41.84
CA SER A 2 16.80 -42.98 -42.55
C SER A 2 15.39 -42.48 -42.28
N PRO A 3 14.39 -43.28 -42.67
CA PRO A 3 12.98 -42.94 -42.49
C PRO A 3 12.56 -42.97 -41.02
N PHE A 4 12.54 -41.80 -40.39
CA PHE A 4 12.17 -41.69 -38.99
C PHE A 4 10.69 -41.29 -38.85
N ALA A 5 9.87 -42.24 -38.42
CA ALA A 5 8.44 -41.99 -38.25
C ALA A 5 8.01 -42.29 -36.81
N ASP A 6 7.16 -41.43 -36.27
CA ASP A 6 6.67 -41.58 -34.90
C ASP A 6 5.17 -41.92 -34.90
N PRO A 7 4.70 -42.49 -33.79
CA PRO A 7 3.29 -42.86 -33.63
C PRO A 7 2.37 -41.65 -33.52
N ASN A 8 1.08 -41.90 -33.37
CA ASN A 8 0.10 -40.82 -33.24
C ASN A 8 -0.64 -40.91 -31.91
N SER A 9 -0.35 -39.98 -31.01
CA SER A 9 -0.98 -39.96 -29.70
C SER A 9 -1.44 -38.55 -29.34
N LEU A 10 -2.58 -38.46 -28.66
CA LEU A 10 -3.12 -37.17 -28.26
C LEU A 10 -3.06 -37.00 -26.75
N ALA A 11 -3.48 -35.83 -26.27
CA ALA A 11 -3.47 -35.55 -24.84
C ALA A 11 -4.88 -35.27 -24.33
N LEU A 12 -5.64 -36.34 -24.09
CA LEU A 12 -7.01 -36.20 -23.60
C LEU A 12 -7.06 -36.29 -22.07
N ALA A 13 -6.12 -35.62 -21.42
CA ALA A 13 -6.06 -35.61 -19.97
C ALA A 13 -6.51 -34.27 -19.40
N ASN A 14 -7.81 -34.08 -19.31
CA ASN A 14 -8.38 -32.84 -18.79
C ASN A 14 -8.54 -32.91 -17.27
N VAL A 15 -8.45 -31.75 -16.62
CA VAL A 15 -8.59 -31.68 -15.17
C VAL A 15 -9.96 -31.16 -14.77
N PRO A 16 -10.60 -31.84 -13.81
CA PRO A 16 -11.93 -31.46 -13.32
C PRO A 16 -11.89 -30.17 -12.51
N LEU A 17 -12.74 -29.21 -12.91
CA LEU A 17 -12.80 -27.92 -12.22
C LEU A 17 -13.98 -27.88 -11.26
N SER A 18 -13.69 -27.68 -9.98
CA SER A 18 -14.74 -27.61 -8.96
C SER A 18 -14.81 -26.21 -8.34
N ARG A 19 -16.03 -25.80 -8.00
CA ARG A 19 -16.23 -24.48 -7.41
C ARG A 19 -17.62 -24.39 -6.76
N SER A 20 -17.72 -23.57 -5.72
CA SER A 20 -18.99 -23.39 -5.01
C SER A 20 -20.00 -22.67 -5.88
N LYS A 21 -21.28 -23.00 -5.69
CA LYS A 21 -22.35 -22.37 -6.46
C LYS A 21 -23.17 -21.43 -5.58
N ARG A 22 -22.50 -20.80 -4.62
CA ARG A 22 -23.16 -19.86 -3.71
C ARG A 22 -24.32 -20.54 -3.00
N PRO A 23 -24.00 -21.48 -2.09
CA PRO A 23 -25.00 -22.22 -1.32
C PRO A 23 -25.71 -21.33 -0.30
N ASP A 24 -26.99 -21.60 -0.08
CA ASP A 24 -27.79 -20.83 0.88
C ASP A 24 -27.13 -20.85 2.26
N PHE A 25 -27.58 -19.95 3.13
CA PHE A 25 -27.04 -19.87 4.49
C PHE A 25 -25.51 -19.72 4.46
N GLY A 26 -25.04 -18.77 3.67
CA GLY A 26 -23.61 -18.54 3.56
C GLY A 26 -23.26 -17.06 3.46
N GLN A 27 -22.60 -16.53 4.48
CA GLN A 27 -22.22 -15.13 4.51
C GLN A 27 -20.71 -14.98 4.31
N ARG A 28 -20.25 -13.73 4.23
CA ARG A 28 -18.84 -13.44 4.04
C ARG A 28 -18.01 -14.03 5.19
N ARG A 29 -16.69 -13.96 5.06
CA ARG A 29 -15.79 -14.48 6.07
C ARG A 29 -14.87 -13.37 6.60
N ILE A 30 -14.35 -13.58 7.81
CA ILE A 30 -13.46 -12.61 8.43
C ILE A 30 -12.04 -13.15 8.53
N ARG A 31 -11.93 -14.46 8.68
CA ARG A 31 -10.63 -15.12 8.79
C ARG A 31 -9.80 -14.89 7.53
N ARG A 32 -10.48 -14.53 6.44
CA ARG A 32 -9.81 -14.29 5.17
C ARG A 32 -9.25 -12.87 5.11
N PRO A 33 -8.29 -12.65 4.20
CA PRO A 33 -7.66 -11.33 4.02
C PRO A 33 -8.63 -10.32 3.40
N PHE A 34 -8.15 -9.08 3.25
CA PHE A 34 -8.96 -8.02 2.67
C PHE A 34 -9.40 -8.37 1.25
N THR A 35 -10.38 -7.65 0.75
CA THR A 35 -10.90 -7.89 -0.60
C THR A 35 -10.54 -6.74 -1.53
N VAL A 36 -10.62 -7.01 -2.84
CA VAL A 36 -10.29 -5.99 -3.84
C VAL A 36 -11.06 -4.70 -3.58
N ALA A 37 -12.32 -4.84 -3.18
CA ALA A 37 -13.16 -3.69 -2.90
C ALA A 37 -12.61 -2.88 -1.74
N GLU A 38 -12.29 -3.57 -0.65
CA GLU A 38 -11.76 -2.91 0.55
C GLU A 38 -10.40 -2.26 0.25
N VAL A 39 -9.51 -3.02 -0.36
CA VAL A 39 -8.18 -2.53 -0.71
C VAL A 39 -8.27 -1.38 -1.72
N GLU A 40 -9.28 -1.43 -2.57
CA GLU A 40 -9.47 -0.39 -3.58
C GLU A 40 -9.92 0.92 -2.94
N LEU A 41 -10.92 0.81 -2.05
CA LEU A 41 -11.45 1.99 -1.36
C LEU A 41 -10.36 2.68 -0.55
N LEU A 42 -9.58 1.89 0.19
CA LEU A 42 -8.50 2.43 1.01
C LEU A 42 -7.46 3.12 0.15
N VAL A 43 -6.86 2.37 -0.77
CA VAL A 43 -5.84 2.91 -1.67
C VAL A 43 -6.37 4.11 -2.44
N GLU A 44 -7.68 4.13 -2.66
CA GLU A 44 -8.31 5.22 -3.40
C GLU A 44 -8.46 6.45 -2.51
N ALA A 45 -8.64 6.22 -1.21
CA ALA A 45 -8.79 7.31 -0.26
C ALA A 45 -7.46 8.01 0.00
N VAL A 46 -6.41 7.22 0.16
CA VAL A 46 -5.09 7.75 0.41
C VAL A 46 -4.47 8.35 -0.86
N GLU A 47 -4.81 7.76 -2.00
CA GLU A 47 -4.30 8.24 -3.28
C GLU A 47 -4.96 9.55 -3.67
N HIS A 48 -6.28 9.61 -3.53
CA HIS A 48 -7.03 10.82 -3.88
C HIS A 48 -6.62 11.98 -2.98
N LEU A 49 -6.45 11.70 -1.69
CA LEU A 49 -6.07 12.73 -0.73
C LEU A 49 -4.55 12.85 -0.65
N GLY A 50 -3.85 11.94 -1.33
CA GLY A 50 -2.39 11.97 -1.32
C GLY A 50 -1.82 11.59 0.03
N THR A 51 -0.58 11.99 0.28
CA THR A 51 0.09 11.69 1.53
C THR A 51 0.23 12.95 2.40
N GLY A 52 -0.85 13.33 3.06
CA GLY A 52 -0.82 14.51 3.91
C GLY A 52 -1.72 14.36 5.13
N ARG A 53 -3.02 14.28 4.89
CA ARG A 53 -3.99 14.15 5.98
C ARG A 53 -4.37 12.69 6.18
N TRP A 54 -3.95 12.12 7.31
CA TRP A 54 -4.26 10.73 7.62
C TRP A 54 -5.73 10.56 7.97
N ARG A 55 -6.30 11.57 8.62
CA ARG A 55 -7.70 11.54 9.02
C ARG A 55 -8.61 11.59 7.80
N ASP A 56 -8.15 12.26 6.74
CA ASP A 56 -8.92 12.39 5.52
C ASP A 56 -9.14 11.02 4.87
N VAL A 57 -8.05 10.26 4.73
CA VAL A 57 -8.12 8.93 4.13
C VAL A 57 -8.86 7.96 5.03
N LYS A 58 -8.76 8.17 6.34
CA LYS A 58 -9.42 7.31 7.31
C LYS A 58 -10.93 7.39 7.17
N PHE A 59 -11.44 8.60 6.98
CA PHE A 59 -12.87 8.81 6.83
C PHE A 59 -13.30 8.61 5.37
N ARG A 60 -12.54 9.21 4.46
CA ARG A 60 -12.84 9.10 3.03
C ARG A 60 -12.92 7.64 2.60
N ALA A 61 -12.17 6.79 3.28
CA ALA A 61 -12.16 5.36 2.97
C ALA A 61 -13.37 4.66 3.57
N PHE A 62 -13.31 4.43 4.89
CA PHE A 62 -14.40 3.76 5.59
C PHE A 62 -14.22 3.87 7.10
N GLU A 63 -15.04 4.71 7.72
CA GLU A 63 -14.97 4.92 9.17
C GLU A 63 -15.94 3.99 9.89
N ASN A 64 -16.13 2.80 9.36
CA ASN A 64 -17.05 1.82 9.95
C ASN A 64 -16.60 0.40 9.64
N VAL A 65 -15.33 0.25 9.28
CA VAL A 65 -14.77 -1.06 8.96
C VAL A 65 -13.72 -1.48 9.98
N HIS A 66 -13.45 -2.78 10.04
CA HIS A 66 -12.46 -3.31 10.98
C HIS A 66 -11.14 -2.56 10.84
N HIS A 67 -10.49 -2.30 11.98
CA HIS A 67 -9.22 -1.58 11.99
C HIS A 67 -9.31 -0.29 11.20
N ARG A 68 -10.16 0.62 11.66
CA ARG A 68 -10.34 1.91 10.99
C ARG A 68 -9.40 2.96 11.57
N THR A 69 -8.11 2.73 11.45
CA THR A 69 -7.10 3.66 11.97
C THR A 69 -6.42 4.41 10.84
N TYR A 70 -6.39 5.73 10.94
CA TYR A 70 -5.77 6.57 9.93
C TYR A 70 -4.37 6.06 9.58
N VAL A 71 -3.61 5.71 10.62
CA VAL A 71 -2.25 5.21 10.43
C VAL A 71 -2.26 3.86 9.71
N ASP A 72 -3.29 3.07 9.96
CA ASP A 72 -3.42 1.76 9.33
C ASP A 72 -3.64 1.90 7.83
N LEU A 73 -4.44 2.87 7.44
CA LEU A 73 -4.73 3.10 6.02
C LEU A 73 -3.48 3.57 5.29
N LYS A 74 -2.81 4.57 5.85
CA LYS A 74 -1.59 5.11 5.24
C LYS A 74 -0.48 4.07 5.26
N ASP A 75 -0.32 3.39 6.39
CA ASP A 75 0.72 2.37 6.52
C ASP A 75 0.44 1.19 5.60
N LYS A 76 -0.83 0.84 5.46
CA LYS A 76 -1.23 -0.27 4.60
C LYS A 76 -0.90 0.02 3.14
N TRP A 77 -1.26 1.22 2.68
CA TRP A 77 -1.00 1.62 1.30
C TRP A 77 0.49 1.57 1.00
N LYS A 78 1.28 2.23 1.84
CA LYS A 78 2.73 2.26 1.66
C LYS A 78 3.31 0.86 1.70
N THR A 79 2.91 0.08 2.69
CA THR A 79 3.39 -1.29 2.84
C THR A 79 3.05 -2.12 1.61
N LEU A 80 1.79 -2.11 1.23
CA LEU A 80 1.33 -2.87 0.06
C LEU A 80 2.09 -2.45 -1.19
N VAL A 81 2.48 -1.18 -1.24
CA VAL A 81 3.22 -0.66 -2.39
C VAL A 81 4.62 -1.26 -2.47
N HIS A 82 5.30 -1.32 -1.32
CA HIS A 82 6.64 -1.88 -1.26
C HIS A 82 6.64 -3.36 -1.65
N THR A 83 5.63 -4.09 -1.20
CA THR A 83 5.51 -5.51 -1.51
C THR A 83 5.10 -5.72 -2.97
N ALA A 84 4.37 -4.76 -3.51
CA ALA A 84 3.91 -4.85 -4.90
C ALA A 84 4.97 -4.30 -5.85
N SER A 85 6.02 -3.71 -5.29
CA SER A 85 7.10 -3.14 -6.10
C SER A 85 8.34 -4.03 -6.05
N ILE A 86 8.57 -4.66 -4.90
CA ILE A 86 9.72 -5.53 -4.73
C ILE A 86 9.77 -6.59 -5.83
N ALA A 87 10.86 -7.36 -5.86
CA ALA A 87 11.04 -8.40 -6.86
C ALA A 87 9.81 -9.32 -6.91
N PRO A 88 9.67 -10.04 -8.03
CA PRO A 88 8.55 -10.97 -8.24
C PRO A 88 8.64 -12.19 -7.32
N GLN A 89 9.86 -12.65 -7.08
CA GLN A 89 10.09 -13.82 -6.23
C GLN A 89 9.53 -13.58 -4.83
N GLN A 90 9.38 -12.31 -4.47
CA GLN A 90 8.86 -11.95 -3.15
C GLN A 90 7.39 -11.57 -3.24
N ARG A 91 6.94 -11.25 -4.44
CA ARG A 91 5.54 -10.86 -4.66
C ARG A 91 4.62 -12.07 -4.56
N ARG A 92 4.36 -12.51 -3.34
CA ARG A 92 3.49 -13.66 -3.11
C ARG A 92 2.40 -13.34 -2.09
N GLY A 93 1.83 -12.14 -2.20
CA GLY A 93 0.78 -11.73 -1.30
C GLY A 93 -0.51 -12.48 -1.51
N ALA A 94 -1.64 -11.77 -1.38
CA ALA A 94 -2.94 -12.39 -1.56
C ALA A 94 -3.31 -12.48 -3.04
N PRO A 95 -4.27 -13.37 -3.36
CA PRO A 95 -4.72 -13.57 -4.74
C PRO A 95 -5.51 -12.38 -5.27
N VAL A 96 -4.79 -11.33 -5.66
CA VAL A 96 -5.42 -10.12 -6.18
C VAL A 96 -4.91 -9.80 -7.59
N PRO A 97 -5.73 -9.07 -8.37
CA PRO A 97 -5.39 -8.68 -9.73
C PRO A 97 -4.25 -7.66 -9.78
N GLN A 98 -3.39 -7.78 -10.79
CA GLN A 98 -2.27 -6.87 -10.95
C GLN A 98 -2.75 -5.42 -10.95
N GLU A 99 -3.98 -5.21 -11.37
CA GLU A 99 -4.56 -3.87 -11.42
C GLU A 99 -4.38 -3.15 -10.08
N LEU A 100 -4.40 -3.91 -9.00
CA LEU A 100 -4.23 -3.35 -7.66
C LEU A 100 -2.81 -2.85 -7.45
N LEU A 101 -1.83 -3.63 -7.91
CA LEU A 101 -0.43 -3.26 -7.78
C LEU A 101 -0.06 -2.16 -8.77
N ASP A 102 -0.80 -2.09 -9.87
CA ASP A 102 -0.55 -1.08 -10.90
C ASP A 102 -1.05 0.29 -10.44
N ARG A 103 -2.19 0.31 -9.78
CA ARG A 103 -2.77 1.56 -9.29
C ARG A 103 -1.98 2.09 -8.10
N VAL A 104 -1.65 1.20 -7.17
CA VAL A 104 -0.90 1.58 -5.98
C VAL A 104 0.50 2.05 -6.34
N LEU A 105 1.12 1.36 -7.30
CA LEU A 105 2.47 1.71 -7.74
C LEU A 105 2.46 3.02 -8.53
N ALA A 106 1.59 3.10 -9.53
CA ALA A 106 1.49 4.29 -10.36
C ALA A 106 1.25 5.53 -9.50
N ALA A 107 0.42 5.38 -8.47
CA ALA A 107 0.12 6.49 -7.57
C ALA A 107 1.33 6.87 -6.73
N GLN A 108 2.02 5.86 -6.20
CA GLN A 108 3.19 6.10 -5.37
C GLN A 108 4.21 6.96 -6.11
N ALA A 109 4.52 6.59 -7.34
CA ALA A 109 5.48 7.33 -8.15
C ALA A 109 4.89 8.66 -8.60
N TYR A 110 3.58 8.69 -8.82
CA TYR A 110 2.90 9.90 -9.25
C TYR A 110 3.04 11.01 -8.22
N TRP A 111 2.91 10.65 -6.95
CA TRP A 111 3.03 11.61 -5.86
C TRP A 111 4.49 11.92 -5.55
N SER A 112 5.39 11.04 -6.00
CA SER A 112 6.81 11.21 -5.76
C SER A 112 7.44 12.05 -6.88
N VAL A 113 6.85 13.21 -7.14
CA VAL A 113 7.34 14.11 -8.17
C VAL A 113 8.66 14.76 -7.75
N ASP A 114 8.63 15.46 -6.62
CA ASP A 114 9.81 16.12 -6.10
C ASP A 114 10.08 15.73 -4.65
N SER A 115 11.31 15.32 -4.36
CA SER A 115 11.68 14.90 -3.02
C SER A 115 12.21 16.08 -2.22
N SER A 116 12.80 17.06 -2.92
CA SER A 116 13.35 18.24 -2.27
C SER A 116 12.27 19.00 -1.52
N GLY A 117 12.58 19.38 -0.27
CA GLY A 117 11.62 20.11 0.53
C GLY A 117 12.24 21.31 1.23
N ARG A 118 11.42 22.03 1.98
CA ARG A 118 11.91 23.22 2.69
C ARG A 118 12.54 22.83 4.03
N ILE A 119 13.08 23.81 4.73
CA ILE A 119 13.72 23.58 6.01
C ILE A 119 12.78 22.86 6.98
N VAL A 120 13.32 21.90 7.72
CA VAL A 120 12.53 21.15 8.69
C VAL A 120 13.16 21.19 10.07
N THR A 121 13.48 22.40 10.54
CA THR A 121 14.08 22.57 11.85
C THR A 121 13.26 23.50 12.72
N LEU A 122 11.96 23.55 12.46
CA LEU A 122 11.05 24.40 13.22
C LEU A 122 10.50 23.66 14.44
N GLY A 1 79.28 32.49 -31.72
CA GLY A 1 78.88 32.00 -30.42
C GLY A 1 78.87 30.48 -30.36
N SER A 2 78.56 29.95 -29.18
CA SER A 2 78.52 28.49 -29.00
C SER A 2 77.10 28.03 -28.68
N PRO A 3 76.85 26.73 -28.89
CA PRO A 3 75.53 26.13 -28.64
C PRO A 3 75.20 26.06 -27.15
N PHE A 4 74.01 26.53 -26.80
CA PHE A 4 73.57 26.52 -25.40
C PHE A 4 73.86 25.17 -24.75
N ALA A 5 73.61 24.10 -25.50
CA ALA A 5 73.83 22.75 -24.99
C ALA A 5 73.23 22.58 -23.60
N ASP A 6 72.14 23.28 -23.35
CA ASP A 6 71.46 23.20 -22.06
C ASP A 6 70.69 21.90 -21.93
N PRO A 7 70.37 21.52 -20.68
CA PRO A 7 69.63 20.29 -20.39
C PRO A 7 68.17 20.37 -20.85
N ASN A 8 67.78 19.46 -21.74
CA ASN A 8 66.41 19.43 -22.25
C ASN A 8 65.74 18.11 -21.92
N SER A 9 65.13 18.05 -20.74
CA SER A 9 64.44 16.85 -20.29
C SER A 9 63.02 17.17 -19.81
N LEU A 10 62.10 16.24 -20.05
CA LEU A 10 60.72 16.42 -19.64
C LEU A 10 59.95 15.11 -19.72
N ALA A 11 59.02 14.91 -18.78
CA ALA A 11 58.22 13.70 -18.75
C ALA A 11 56.85 13.97 -18.15
N LEU A 12 55.82 13.92 -18.99
CA LEU A 12 54.45 14.16 -18.54
C LEU A 12 54.02 13.12 -17.50
N ALA A 13 53.17 13.53 -16.57
CA ALA A 13 52.69 12.62 -15.53
C ALA A 13 51.18 12.51 -15.58
N ASN A 14 50.68 11.68 -16.49
CA ASN A 14 49.24 11.48 -16.64
C ASN A 14 48.87 10.01 -16.37
N VAL A 15 47.85 9.82 -15.52
CA VAL A 15 47.40 8.48 -15.18
C VAL A 15 45.95 8.27 -15.60
N PRO A 16 45.58 7.00 -15.83
CA PRO A 16 44.22 6.63 -16.24
C PRO A 16 43.20 6.83 -15.11
N LEU A 17 41.96 6.44 -15.37
CA LEU A 17 40.89 6.58 -14.37
C LEU A 17 39.88 5.45 -14.52
N SER A 18 39.41 4.93 -13.38
CA SER A 18 38.44 3.85 -13.37
C SER A 18 37.34 4.12 -12.35
N ARG A 19 36.17 3.53 -12.58
CA ARG A 19 35.04 3.70 -11.68
C ARG A 19 33.98 2.63 -11.93
N SER A 20 33.51 2.01 -10.86
CA SER A 20 32.50 0.97 -10.96
C SER A 20 31.72 0.83 -9.66
N LYS A 21 30.40 0.68 -9.78
CA LYS A 21 29.54 0.54 -8.61
C LYS A 21 28.85 -0.81 -8.60
N ARG A 22 28.85 -1.47 -7.43
CA ARG A 22 28.22 -2.78 -7.30
C ARG A 22 27.55 -2.91 -5.94
N PRO A 23 26.41 -2.23 -5.77
CA PRO A 23 25.65 -2.25 -4.52
C PRO A 23 24.99 -3.61 -4.27
N ASP A 24 24.15 -3.67 -3.24
CA ASP A 24 23.46 -4.90 -2.90
C ASP A 24 22.03 -4.61 -2.45
N PHE A 25 21.21 -5.65 -2.37
CA PHE A 25 19.82 -5.50 -1.95
C PHE A 25 19.42 -6.62 -0.99
N GLY A 26 18.26 -6.47 -0.36
CA GLY A 26 17.79 -7.47 0.58
C GLY A 26 16.83 -6.90 1.60
N GLN A 27 15.53 -6.96 1.30
CA GLN A 27 14.51 -6.44 2.20
C GLN A 27 13.13 -6.90 1.77
N ARG A 28 12.33 -7.36 2.74
CA ARG A 28 10.98 -7.84 2.46
C ARG A 28 10.03 -7.47 3.59
N ARG A 29 8.77 -7.23 3.26
CA ARG A 29 7.77 -6.87 4.25
C ARG A 29 6.57 -7.82 4.19
N ILE A 30 5.81 -7.88 5.27
CA ILE A 30 4.64 -8.75 5.33
C ILE A 30 3.35 -7.94 5.26
N ARG A 31 2.30 -8.55 4.71
CA ARG A 31 1.01 -7.89 4.58
C ARG A 31 -0.05 -8.60 5.42
N ARG A 32 -1.27 -8.07 5.39
CA ARG A 32 -2.37 -8.65 6.14
C ARG A 32 -3.45 -9.18 5.21
N PRO A 33 -4.31 -10.07 5.73
CA PRO A 33 -5.40 -10.68 4.97
C PRO A 33 -6.50 -9.67 4.64
N PHE A 34 -6.38 -9.03 3.48
CA PHE A 34 -7.37 -8.03 3.06
C PHE A 34 -8.07 -8.49 1.78
N THR A 35 -9.20 -7.87 1.48
CA THR A 35 -9.96 -8.19 0.28
C THR A 35 -9.80 -7.13 -0.79
N VAL A 36 -10.05 -7.51 -2.04
CA VAL A 36 -9.92 -6.59 -3.17
C VAL A 36 -10.72 -5.31 -2.90
N ALA A 37 -11.88 -5.45 -2.26
CA ALA A 37 -12.73 -4.31 -1.95
C ALA A 37 -12.13 -3.47 -0.84
N GLU A 38 -11.72 -4.12 0.25
CA GLU A 38 -11.12 -3.43 1.39
C GLU A 38 -9.88 -2.65 0.96
N VAL A 39 -9.03 -3.31 0.18
CA VAL A 39 -7.79 -2.69 -0.30
C VAL A 39 -8.09 -1.54 -1.26
N GLU A 40 -9.06 -1.75 -2.15
CA GLU A 40 -9.44 -0.74 -3.12
C GLU A 40 -9.83 0.56 -2.43
N LEU A 41 -10.69 0.45 -1.42
CA LEU A 41 -11.14 1.63 -0.67
C LEU A 41 -9.97 2.28 0.06
N LEU A 42 -9.19 1.47 0.77
CA LEU A 42 -8.04 1.96 1.52
C LEU A 42 -7.08 2.72 0.60
N VAL A 43 -6.73 2.09 -0.51
CA VAL A 43 -5.81 2.71 -1.47
C VAL A 43 -6.45 3.94 -2.12
N GLU A 44 -7.73 3.83 -2.46
CA GLU A 44 -8.44 4.93 -3.09
C GLU A 44 -8.57 6.11 -2.14
N ALA A 45 -8.59 5.82 -0.83
CA ALA A 45 -8.70 6.86 0.17
C ALA A 45 -7.39 7.63 0.32
N VAL A 46 -6.29 6.90 0.45
CA VAL A 46 -4.98 7.52 0.59
C VAL A 46 -4.50 8.13 -0.72
N GLU A 47 -4.87 7.49 -1.83
CA GLU A 47 -4.48 7.96 -3.15
C GLU A 47 -5.24 9.24 -3.50
N HIS A 48 -6.55 9.23 -3.29
CA HIS A 48 -7.38 10.39 -3.58
C HIS A 48 -6.80 11.66 -2.96
N LEU A 49 -6.14 11.49 -1.82
CA LEU A 49 -5.53 12.63 -1.12
C LEU A 49 -4.02 12.69 -1.39
N GLY A 50 -3.48 11.59 -1.90
CA GLY A 50 -2.05 11.54 -2.19
C GLY A 50 -1.21 11.41 -0.94
N THR A 51 -0.49 12.47 -0.61
CA THR A 51 0.37 12.49 0.58
C THR A 51 -0.09 13.54 1.58
N GLY A 52 -1.09 13.19 2.38
CA GLY A 52 -1.60 14.12 3.37
C GLY A 52 -1.90 13.44 4.70
N ARG A 53 -2.65 14.13 5.55
CA ARG A 53 -2.99 13.60 6.86
C ARG A 53 -3.60 12.20 6.74
N TRP A 54 -3.35 11.36 7.73
CA TRP A 54 -3.87 9.99 7.72
C TRP A 54 -5.37 9.98 7.96
N ARG A 55 -5.82 10.82 8.89
CA ARG A 55 -7.25 10.90 9.22
C ARG A 55 -8.07 11.19 7.97
N ASP A 56 -7.46 11.87 7.01
CA ASP A 56 -8.14 12.21 5.76
C ASP A 56 -8.47 10.94 4.96
N VAL A 57 -7.51 10.04 4.88
CA VAL A 57 -7.70 8.79 4.14
C VAL A 57 -8.62 7.85 4.89
N LYS A 58 -8.68 8.00 6.22
CA LYS A 58 -9.52 7.16 7.05
C LYS A 58 -11.00 7.47 6.81
N PHE A 59 -11.33 8.76 6.81
CA PHE A 59 -12.70 9.20 6.60
C PHE A 59 -13.12 9.01 5.14
N ARG A 60 -12.15 9.20 4.24
CA ARG A 60 -12.43 9.06 2.81
C ARG A 60 -12.50 7.58 2.42
N ALA A 61 -11.84 6.74 3.20
CA ALA A 61 -11.83 5.30 2.94
C ALA A 61 -13.20 4.68 3.20
N PHE A 62 -13.58 4.58 4.48
CA PHE A 62 -14.86 4.02 4.86
C PHE A 62 -15.16 4.27 6.33
N GLU A 63 -16.01 5.27 6.58
CA GLU A 63 -16.37 5.62 7.95
C GLU A 63 -17.37 4.62 8.52
N ASN A 64 -17.79 3.68 7.69
CA ASN A 64 -18.75 2.66 8.11
C ASN A 64 -18.05 1.57 8.92
N VAL A 65 -16.95 1.05 8.38
CA VAL A 65 -16.19 0.00 9.04
C VAL A 65 -15.73 0.46 10.43
N HIS A 66 -15.53 -0.52 11.32
CA HIS A 66 -15.09 -0.23 12.68
C HIS A 66 -13.97 -1.17 13.10
N HIS A 67 -12.99 -1.35 12.23
CA HIS A 67 -11.86 -2.23 12.51
C HIS A 67 -10.62 -1.80 11.74
N ARG A 68 -10.42 -0.48 11.66
CA ARG A 68 -9.26 0.06 10.94
C ARG A 68 -8.91 1.44 11.48
N THR A 69 -7.63 1.80 11.38
CA THR A 69 -7.15 3.09 11.86
C THR A 69 -6.46 3.87 10.75
N TYR A 70 -6.56 5.20 10.80
CA TYR A 70 -5.95 6.05 9.79
C TYR A 70 -4.49 5.68 9.57
N VAL A 71 -3.78 5.43 10.68
CA VAL A 71 -2.37 5.05 10.60
C VAL A 71 -2.18 3.72 9.88
N ASP A 72 -3.10 2.79 10.14
CA ASP A 72 -3.05 1.48 9.52
C ASP A 72 -3.22 1.58 8.01
N LEU A 73 -4.04 2.55 7.57
CA LEU A 73 -4.29 2.75 6.15
C LEU A 73 -3.05 3.27 5.45
N LYS A 74 -2.50 4.36 5.96
CA LYS A 74 -1.30 4.96 5.37
C LYS A 74 -0.14 3.97 5.36
N ASP A 75 0.06 3.30 6.49
CA ASP A 75 1.14 2.31 6.61
C ASP A 75 0.90 1.13 5.67
N LYS A 76 -0.36 0.73 5.52
CA LYS A 76 -0.71 -0.37 4.65
C LYS A 76 -0.43 -0.03 3.18
N TRP A 77 -0.81 1.17 2.78
CA TRP A 77 -0.60 1.62 1.42
C TRP A 77 0.89 1.62 1.06
N LYS A 78 1.69 2.24 1.93
CA LYS A 78 3.13 2.31 1.71
C LYS A 78 3.74 0.91 1.68
N THR A 79 3.32 0.06 2.61
CA THR A 79 3.83 -1.30 2.68
C THR A 79 3.45 -2.09 1.44
N LEU A 80 2.17 -2.09 1.10
CA LEU A 80 1.69 -2.81 -0.08
C LEU A 80 2.41 -2.35 -1.33
N VAL A 81 2.77 -1.07 -1.37
CA VAL A 81 3.47 -0.51 -2.52
C VAL A 81 4.87 -1.09 -2.65
N HIS A 82 5.59 -1.16 -1.53
CA HIS A 82 6.94 -1.69 -1.52
C HIS A 82 6.95 -3.15 -1.97
N THR A 83 5.93 -3.89 -1.57
CA THR A 83 5.81 -5.30 -1.93
C THR A 83 5.44 -5.47 -3.40
N ALA A 84 4.71 -4.49 -3.93
CA ALA A 84 4.28 -4.53 -5.33
C ALA A 84 5.39 -4.01 -6.25
N SER A 85 6.43 -3.44 -5.64
CA SER A 85 7.55 -2.89 -6.41
C SER A 85 8.74 -3.85 -6.38
N ILE A 86 8.94 -4.50 -5.23
CA ILE A 86 10.04 -5.44 -5.08
C ILE A 86 9.99 -6.54 -6.14
N ALA A 87 10.95 -7.46 -6.07
CA ALA A 87 11.01 -8.55 -7.03
C ALA A 87 9.68 -9.31 -7.08
N PRO A 88 9.47 -10.04 -8.19
CA PRO A 88 8.24 -10.82 -8.39
C PRO A 88 8.15 -12.02 -7.45
N GLN A 89 9.30 -12.53 -7.03
CA GLN A 89 9.36 -13.68 -6.13
C GLN A 89 9.08 -13.26 -4.70
N GLN A 90 8.95 -11.95 -4.49
CA GLN A 90 8.69 -11.42 -3.16
C GLN A 90 7.34 -10.71 -3.10
N ARG A 91 6.89 -10.21 -4.25
CA ARG A 91 5.61 -9.53 -4.33
C ARG A 91 4.45 -10.49 -4.15
N ARG A 92 4.76 -11.79 -4.18
CA ARG A 92 3.74 -12.81 -4.01
C ARG A 92 2.90 -12.56 -2.77
N GLY A 93 1.64 -12.18 -2.97
CA GLY A 93 0.76 -11.90 -1.85
C GLY A 93 -0.60 -12.55 -2.02
N ALA A 94 -1.64 -11.89 -1.50
CA ALA A 94 -2.99 -12.41 -1.60
C ALA A 94 -3.45 -12.48 -3.05
N PRO A 95 -4.48 -13.30 -3.30
CA PRO A 95 -5.04 -13.48 -4.65
C PRO A 95 -5.77 -12.24 -5.14
N VAL A 96 -5.02 -11.21 -5.52
CA VAL A 96 -5.60 -9.97 -6.00
C VAL A 96 -5.10 -9.64 -7.41
N PRO A 97 -5.89 -8.86 -8.15
CA PRO A 97 -5.54 -8.45 -9.52
C PRO A 97 -4.37 -7.47 -9.55
N GLN A 98 -3.50 -7.64 -10.54
CA GLN A 98 -2.34 -6.77 -10.70
C GLN A 98 -2.75 -5.31 -10.70
N GLU A 99 -3.98 -5.04 -11.13
CA GLU A 99 -4.49 -3.68 -11.18
C GLU A 99 -4.29 -2.96 -9.85
N LEU A 100 -4.30 -3.74 -8.77
CA LEU A 100 -4.11 -3.19 -7.43
C LEU A 100 -2.67 -2.74 -7.22
N LEU A 101 -1.73 -3.56 -7.66
CA LEU A 101 -0.31 -3.23 -7.53
C LEU A 101 0.12 -2.19 -8.55
N ASP A 102 -0.56 -2.19 -9.70
CA ASP A 102 -0.26 -1.24 -10.76
C ASP A 102 -0.85 0.14 -10.45
N ARG A 103 -2.00 0.14 -9.80
CA ARG A 103 -2.68 1.38 -9.45
C ARG A 103 -2.00 2.05 -8.25
N VAL A 104 -1.54 1.23 -7.31
CA VAL A 104 -0.87 1.74 -6.12
C VAL A 104 0.53 2.24 -6.45
N LEU A 105 1.22 1.51 -7.32
CA LEU A 105 2.57 1.89 -7.73
C LEU A 105 2.55 3.13 -8.61
N ALA A 106 1.65 3.16 -9.57
CA ALA A 106 1.52 4.29 -10.49
C ALA A 106 1.14 5.57 -9.73
N ALA A 107 0.15 5.45 -8.84
CA ALA A 107 -0.30 6.58 -8.07
C ALA A 107 0.77 7.05 -7.08
N GLN A 108 1.50 6.09 -6.52
CA GLN A 108 2.56 6.41 -5.57
C GLN A 108 3.62 7.29 -6.22
N ALA A 109 4.13 6.86 -7.37
CA ALA A 109 5.15 7.61 -8.09
C ALA A 109 4.60 8.93 -8.61
N TYR A 110 3.33 8.93 -8.98
CA TYR A 110 2.67 10.14 -9.49
C TYR A 110 2.69 11.25 -8.44
N TRP A 111 2.39 10.89 -7.21
CA TRP A 111 2.37 11.85 -6.11
C TRP A 111 3.77 12.28 -5.73
N SER A 112 4.76 11.48 -6.13
CA SER A 112 6.16 11.79 -5.83
C SER A 112 6.64 13.00 -6.62
N VAL A 113 7.01 14.05 -5.90
CA VAL A 113 7.49 15.28 -6.53
C VAL A 113 8.95 15.54 -6.18
N ASP A 114 9.38 15.05 -5.02
CA ASP A 114 10.75 15.23 -4.57
C ASP A 114 11.05 14.35 -3.37
N SER A 115 12.32 14.34 -2.94
CA SER A 115 12.73 13.54 -1.80
C SER A 115 13.18 14.42 -0.65
N SER A 116 12.49 15.54 -0.47
CA SER A 116 12.82 16.48 0.61
C SER A 116 11.77 16.42 1.72
N GLY A 117 12.23 16.19 2.95
CA GLY A 117 11.32 16.12 4.08
C GLY A 117 11.04 14.69 4.50
N ARG A 118 11.68 14.26 5.58
CA ARG A 118 11.48 12.90 6.09
C ARG A 118 10.21 12.81 6.92
N ILE A 119 9.95 11.63 7.46
CA ILE A 119 8.77 11.40 8.28
C ILE A 119 9.01 11.81 9.73
N VAL A 120 8.79 13.08 10.04
CA VAL A 120 8.98 13.59 11.39
C VAL A 120 7.89 13.08 12.33
N THR A 121 8.30 12.30 13.33
CA THR A 121 7.37 11.75 14.30
C THR A 121 7.72 12.18 15.71
N LEU A 122 8.26 13.39 15.84
CA LEU A 122 8.64 13.91 17.15
C LEU A 122 7.67 15.00 17.60
N GLY A 1 28.08 12.95 23.75
CA GLY A 1 27.24 12.97 22.57
C GLY A 1 27.18 11.62 21.89
N SER A 2 26.79 10.59 22.63
CA SER A 2 26.70 9.24 22.09
C SER A 2 25.35 9.04 21.39
N PRO A 3 25.29 8.02 20.52
CA PRO A 3 24.08 7.70 19.76
C PRO A 3 22.97 7.13 20.64
N PHE A 4 21.74 7.54 20.38
CA PHE A 4 20.60 7.07 21.16
C PHE A 4 19.75 6.08 20.35
N ALA A 5 19.37 4.98 20.98
CA ALA A 5 18.55 3.96 20.32
C ALA A 5 17.20 3.82 21.00
N ASP A 6 16.23 3.31 20.25
CA ASP A 6 14.88 3.12 20.77
C ASP A 6 14.80 1.87 21.64
N PRO A 7 13.76 1.80 22.49
CA PRO A 7 13.55 0.66 23.38
C PRO A 7 13.15 -0.60 22.63
N ASN A 8 12.93 -1.68 23.38
CA ASN A 8 12.53 -2.95 22.78
C ASN A 8 11.60 -3.72 23.70
N SER A 9 10.54 -4.28 23.13
CA SER A 9 9.56 -5.04 23.90
C SER A 9 8.73 -5.94 22.99
N LEU A 10 8.11 -6.95 23.58
CA LEU A 10 7.28 -7.89 22.82
C LEU A 10 5.80 -7.69 23.15
N ALA A 11 4.94 -8.36 22.39
CA ALA A 11 3.50 -8.26 22.60
C ALA A 11 2.75 -9.23 21.69
N LEU A 12 1.98 -10.13 22.31
CA LEU A 12 1.21 -11.11 21.55
C LEU A 12 -0.29 -10.85 21.70
N ALA A 13 -0.75 -9.74 21.14
CA ALA A 13 -2.16 -9.39 21.20
C ALA A 13 -2.51 -8.30 20.19
N ASN A 14 -3.79 -8.03 20.02
CA ASN A 14 -4.25 -7.00 19.08
C ASN A 14 -4.17 -5.62 19.71
N VAL A 15 -4.07 -4.60 18.86
CA VAL A 15 -4.00 -3.22 19.33
C VAL A 15 -5.38 -2.64 19.52
N PRO A 16 -5.60 -1.98 20.67
CA PRO A 16 -6.88 -1.35 21.00
C PRO A 16 -7.18 -0.14 20.13
N LEU A 17 -8.47 0.16 19.94
CA LEU A 17 -8.88 1.29 19.13
C LEU A 17 -8.61 2.61 19.86
N SER A 18 -7.46 3.21 19.57
CA SER A 18 -7.08 4.48 20.20
C SER A 18 -6.50 5.44 19.17
N ARG A 19 -6.20 6.66 19.62
CA ARG A 19 -5.64 7.67 18.74
C ARG A 19 -4.57 8.49 19.47
N SER A 20 -3.36 8.52 18.90
CA SER A 20 -2.26 9.26 19.49
C SER A 20 -1.42 9.95 18.41
N LYS A 21 -0.86 11.10 18.75
CA LYS A 21 -0.03 11.85 17.82
C LYS A 21 1.43 11.50 17.98
N ARG A 22 1.72 10.20 18.09
CA ARG A 22 3.08 9.72 18.24
C ARG A 22 3.13 8.20 18.21
N PRO A 23 2.91 7.63 17.01
CA PRO A 23 2.93 6.17 16.81
C PRO A 23 4.33 5.59 16.93
N ASP A 24 4.42 4.27 16.87
CA ASP A 24 5.70 3.58 16.98
C ASP A 24 6.10 2.97 15.64
N PHE A 25 7.24 2.29 15.62
CA PHE A 25 7.74 1.67 14.40
C PHE A 25 8.05 0.19 14.64
N GLY A 26 7.15 -0.69 14.20
CA GLY A 26 7.36 -2.11 14.38
C GLY A 26 6.06 -2.86 14.60
N GLN A 27 5.60 -3.57 13.58
CA GLN A 27 4.36 -4.33 13.68
C GLN A 27 4.39 -5.54 12.73
N ARG A 28 3.39 -6.40 12.86
CA ARG A 28 3.30 -7.59 12.03
C ARG A 28 2.02 -7.58 11.21
N ARG A 29 1.50 -6.38 10.92
CA ARG A 29 0.28 -6.24 10.15
C ARG A 29 0.59 -6.01 8.67
N ILE A 30 1.53 -6.79 8.14
CA ILE A 30 1.93 -6.66 6.75
C ILE A 30 1.20 -7.69 5.88
N ARG A 31 0.69 -7.24 4.74
CA ARG A 31 -0.03 -8.11 3.82
C ARG A 31 -1.18 -8.82 4.53
N ARG A 32 -1.97 -8.04 5.28
CA ARG A 32 -3.11 -8.59 6.01
C ARG A 32 -4.16 -9.13 5.04
N PRO A 33 -5.02 -10.03 5.55
CA PRO A 33 -6.10 -10.63 4.75
C PRO A 33 -7.20 -9.63 4.40
N PHE A 34 -7.01 -8.94 3.28
CA PHE A 34 -7.98 -7.95 2.84
C PHE A 34 -8.60 -8.35 1.49
N THR A 35 -9.72 -7.73 1.15
CA THR A 35 -10.40 -8.03 -0.10
C THR A 35 -10.20 -6.91 -1.11
N VAL A 36 -10.43 -7.22 -2.39
CA VAL A 36 -10.27 -6.24 -3.45
C VAL A 36 -11.08 -4.99 -3.17
N ALA A 37 -12.29 -5.16 -2.64
CA ALA A 37 -13.15 -4.04 -2.31
C ALA A 37 -12.54 -3.17 -1.23
N GLU A 38 -12.09 -3.80 -0.14
CA GLU A 38 -11.48 -3.06 0.96
C GLU A 38 -10.20 -2.36 0.51
N VAL A 39 -9.34 -3.10 -0.17
CA VAL A 39 -8.08 -2.55 -0.66
C VAL A 39 -8.33 -1.43 -1.66
N GLU A 40 -9.35 -1.58 -2.48
CA GLU A 40 -9.70 -0.59 -3.49
C GLU A 40 -10.06 0.74 -2.84
N LEU A 41 -10.95 0.69 -1.84
CA LEU A 41 -11.39 1.89 -1.14
C LEU A 41 -10.24 2.50 -0.35
N LEU A 42 -9.47 1.65 0.32
CA LEU A 42 -8.33 2.12 1.12
C LEU A 42 -7.38 2.95 0.26
N VAL A 43 -6.72 2.28 -0.70
CA VAL A 43 -5.79 2.96 -1.58
C VAL A 43 -6.43 4.17 -2.24
N GLU A 44 -7.69 4.03 -2.62
CA GLU A 44 -8.42 5.11 -3.28
C GLU A 44 -8.57 6.31 -2.34
N ALA A 45 -8.57 6.03 -1.04
CA ALA A 45 -8.70 7.08 -0.04
C ALA A 45 -7.41 7.88 0.10
N VAL A 46 -6.29 7.17 0.26
CA VAL A 46 -5.00 7.81 0.40
C VAL A 46 -4.51 8.36 -0.94
N GLU A 47 -4.92 7.71 -2.02
CA GLU A 47 -4.52 8.13 -3.36
C GLU A 47 -5.20 9.44 -3.75
N HIS A 48 -6.43 9.62 -3.29
CA HIS A 48 -7.19 10.83 -3.58
C HIS A 48 -6.62 12.02 -2.82
N LEU A 49 -6.22 11.79 -1.57
CA LEU A 49 -5.66 12.85 -0.74
C LEU A 49 -4.15 12.94 -0.92
N GLY A 50 -3.58 11.95 -1.60
CA GLY A 50 -2.14 11.93 -1.83
C GLY A 50 -1.35 12.05 -0.53
N THR A 51 -0.53 13.08 -0.44
CA THR A 51 0.29 13.30 0.75
C THR A 51 -0.41 14.22 1.73
N GLY A 52 -1.69 13.98 1.96
CA GLY A 52 -2.46 14.81 2.88
C GLY A 52 -2.26 14.38 4.32
N ARG A 53 -3.37 14.22 5.04
CA ARG A 53 -3.32 13.82 6.45
C ARG A 53 -3.85 12.40 6.62
N TRP A 54 -3.46 11.77 7.72
CA TRP A 54 -3.89 10.40 8.00
C TRP A 54 -5.38 10.37 8.37
N ARG A 55 -5.84 11.40 9.06
CA ARG A 55 -7.24 11.49 9.46
C ARG A 55 -8.14 11.67 8.25
N ASP A 56 -7.65 12.40 7.25
CA ASP A 56 -8.42 12.65 6.04
C ASP A 56 -8.69 11.35 5.29
N VAL A 57 -7.65 10.54 5.11
CA VAL A 57 -7.78 9.26 4.41
C VAL A 57 -8.58 8.27 5.24
N LYS A 58 -8.51 8.41 6.56
CA LYS A 58 -9.24 7.52 7.46
C LYS A 58 -10.74 7.68 7.29
N PHE A 59 -11.20 8.93 7.26
CA PHE A 59 -12.62 9.21 7.09
C PHE A 59 -13.04 9.12 5.63
N ARG A 60 -12.12 9.50 4.74
CA ARG A 60 -12.39 9.48 3.31
C ARG A 60 -12.45 8.04 2.80
N ALA A 61 -11.81 7.13 3.53
CA ALA A 61 -11.79 5.73 3.14
C ALA A 61 -13.11 5.05 3.49
N PHE A 62 -13.32 4.79 4.78
CA PHE A 62 -14.55 4.15 5.25
C PHE A 62 -14.70 4.29 6.76
N GLU A 63 -15.58 5.17 7.19
CA GLU A 63 -15.82 5.40 8.61
C GLU A 63 -16.98 4.55 9.11
N ASN A 64 -17.04 3.31 8.64
CA ASN A 64 -18.10 2.39 9.04
C ASN A 64 -17.64 0.94 8.95
N VAL A 65 -16.32 0.75 8.97
CA VAL A 65 -15.74 -0.59 8.89
C VAL A 65 -15.04 -0.96 10.20
N HIS A 66 -15.42 -2.09 10.77
CA HIS A 66 -14.83 -2.56 12.02
C HIS A 66 -13.31 -2.58 11.92
N HIS A 67 -12.65 -2.34 13.05
CA HIS A 67 -11.19 -2.32 13.09
C HIS A 67 -10.62 -1.42 12.00
N ARG A 68 -10.51 -0.13 12.30
CA ARG A 68 -9.98 0.83 11.34
C ARG A 68 -9.05 1.82 12.03
N THR A 69 -7.99 2.23 11.32
CA THR A 69 -7.02 3.17 11.86
C THR A 69 -6.36 3.98 10.75
N TYR A 70 -6.30 5.29 10.93
CA TYR A 70 -5.69 6.17 9.95
C TYR A 70 -4.31 5.66 9.53
N VAL A 71 -3.51 5.27 10.52
CA VAL A 71 -2.17 4.76 10.25
C VAL A 71 -2.23 3.43 9.50
N ASP A 72 -3.29 2.65 9.76
CA ASP A 72 -3.46 1.36 9.12
C ASP A 72 -3.65 1.53 7.61
N LEU A 73 -4.49 2.49 7.23
CA LEU A 73 -4.76 2.75 5.82
C LEU A 73 -3.51 3.26 5.11
N LYS A 74 -2.86 4.26 5.71
CA LYS A 74 -1.65 4.83 5.14
C LYS A 74 -0.54 3.79 5.06
N ASP A 75 -0.36 3.06 6.15
CA ASP A 75 0.67 2.03 6.21
C ASP A 75 0.38 0.89 5.24
N LYS A 76 -0.91 0.54 5.14
CA LYS A 76 -1.33 -0.53 4.26
C LYS A 76 -1.02 -0.20 2.80
N TRP A 77 -1.27 1.05 2.41
CA TRP A 77 -1.01 1.50 1.05
C TRP A 77 0.49 1.46 0.74
N LYS A 78 1.28 2.06 1.62
CA LYS A 78 2.73 2.10 1.44
C LYS A 78 3.30 0.69 1.37
N THR A 79 2.89 -0.16 2.32
CA THR A 79 3.36 -1.53 2.37
C THR A 79 3.03 -2.28 1.08
N LEU A 80 1.76 -2.22 0.67
CA LEU A 80 1.33 -2.89 -0.55
C LEU A 80 2.11 -2.39 -1.76
N VAL A 81 2.54 -1.13 -1.71
CA VAL A 81 3.30 -0.54 -2.80
C VAL A 81 4.67 -1.19 -2.93
N HIS A 82 5.34 -1.38 -1.80
CA HIS A 82 6.66 -2.00 -1.78
C HIS A 82 6.59 -3.43 -2.31
N THR A 83 5.57 -4.16 -1.88
CA THR A 83 5.39 -5.54 -2.32
C THR A 83 4.96 -5.62 -3.78
N ALA A 84 4.26 -4.58 -4.24
CA ALA A 84 3.80 -4.53 -5.62
C ALA A 84 4.90 -4.06 -6.55
N SER A 85 5.99 -3.58 -5.97
CA SER A 85 7.12 -3.09 -6.75
C SER A 85 8.24 -4.13 -6.81
N ILE A 86 8.30 -4.99 -5.79
CA ILE A 86 9.31 -6.03 -5.72
C ILE A 86 8.95 -7.20 -6.62
N ALA A 87 9.74 -8.27 -6.53
CA ALA A 87 9.51 -9.46 -7.34
C ALA A 87 8.73 -10.51 -6.54
N PRO A 88 8.10 -11.46 -7.26
CA PRO A 88 7.32 -12.53 -6.65
C PRO A 88 8.20 -13.54 -5.91
N GLN A 89 9.33 -13.90 -6.52
CA GLN A 89 10.26 -14.85 -5.92
C GLN A 89 10.75 -14.34 -4.58
N GLN A 90 10.68 -13.03 -4.38
CA GLN A 90 11.14 -12.43 -3.14
C GLN A 90 10.07 -12.56 -2.04
N ARG A 91 8.84 -12.25 -2.39
CA ARG A 91 7.73 -12.34 -1.44
C ARG A 91 6.41 -12.54 -2.17
N ARG A 92 5.93 -13.78 -2.19
CA ARG A 92 4.67 -14.11 -2.85
C ARG A 92 3.54 -13.20 -2.35
N GLY A 93 3.19 -12.21 -3.16
CA GLY A 93 2.13 -11.30 -2.79
C GLY A 93 0.76 -11.96 -2.79
N ALA A 94 -0.13 -11.47 -1.93
CA ALA A 94 -1.47 -12.01 -1.83
C ALA A 94 -2.15 -12.09 -3.20
N PRO A 95 -3.19 -12.92 -3.30
CA PRO A 95 -3.93 -13.10 -4.54
C PRO A 95 -4.75 -11.87 -4.93
N VAL A 96 -4.07 -10.86 -5.46
CA VAL A 96 -4.73 -9.63 -5.86
C VAL A 96 -4.51 -9.34 -7.34
N PRO A 97 -5.42 -8.55 -7.93
CA PRO A 97 -5.34 -8.19 -9.35
C PRO A 97 -4.19 -7.24 -9.65
N GLN A 98 -3.54 -7.44 -10.79
CA GLN A 98 -2.41 -6.60 -11.19
C GLN A 98 -2.84 -5.14 -11.29
N GLU A 99 -4.09 -4.92 -11.67
CA GLU A 99 -4.62 -3.56 -11.82
C GLU A 99 -4.54 -2.80 -10.49
N LEU A 100 -4.73 -3.53 -9.39
CA LEU A 100 -4.67 -2.91 -8.06
C LEU A 100 -3.26 -2.42 -7.75
N LEU A 101 -2.27 -3.25 -8.03
CA LEU A 101 -0.88 -2.91 -7.78
C LEU A 101 -0.43 -1.78 -8.72
N ASP A 102 -1.09 -1.67 -9.86
CA ASP A 102 -0.76 -0.65 -10.84
C ASP A 102 -1.21 0.73 -10.36
N ARG A 103 -2.44 0.80 -9.87
CA ARG A 103 -3.00 2.06 -9.37
C ARG A 103 -2.25 2.53 -8.14
N VAL A 104 -1.90 1.60 -7.26
CA VAL A 104 -1.19 1.93 -6.03
C VAL A 104 0.22 2.43 -6.34
N LEU A 105 0.91 1.74 -7.23
CA LEU A 105 2.26 2.12 -7.62
C LEU A 105 2.26 3.41 -8.43
N ALA A 106 1.41 3.46 -9.45
CA ALA A 106 1.30 4.64 -10.30
C ALA A 106 1.09 5.90 -9.47
N ALA A 107 0.17 5.82 -8.51
CA ALA A 107 -0.12 6.96 -7.64
C ALA A 107 1.07 7.30 -6.77
N GLN A 108 1.70 6.28 -6.20
CA GLN A 108 2.86 6.48 -5.33
C GLN A 108 3.94 7.28 -6.04
N ALA A 109 4.24 6.90 -7.27
CA ALA A 109 5.25 7.60 -8.05
C ALA A 109 4.81 9.02 -8.40
N TYR A 110 3.54 9.16 -8.74
CA TYR A 110 2.98 10.46 -9.09
C TYR A 110 3.08 11.43 -7.92
N TRP A 111 2.78 10.94 -6.73
CA TRP A 111 2.85 11.76 -5.52
C TRP A 111 4.27 11.89 -5.02
N SER A 112 5.14 10.97 -5.46
CA SER A 112 6.54 10.97 -5.05
C SER A 112 7.20 12.30 -5.40
N VAL A 113 8.48 12.43 -5.07
CA VAL A 113 9.24 13.64 -5.34
C VAL A 113 8.74 14.80 -4.48
N ASP A 114 7.89 14.48 -3.50
CA ASP A 114 7.34 15.49 -2.61
C ASP A 114 6.59 14.85 -1.45
N SER A 115 6.96 15.21 -0.23
CA SER A 115 6.32 14.66 0.96
C SER A 115 6.67 15.50 2.19
N SER A 116 5.97 15.23 3.29
CA SER A 116 6.19 15.97 4.53
C SER A 116 6.50 15.00 5.68
N GLY A 117 7.14 13.88 5.34
CA GLY A 117 7.48 12.90 6.35
C GLY A 117 8.98 12.77 6.55
N ARG A 118 9.38 12.24 7.70
CA ARG A 118 10.80 12.07 8.00
C ARG A 118 11.47 11.18 6.96
N ILE A 119 12.70 11.54 6.59
CA ILE A 119 13.45 10.77 5.61
C ILE A 119 13.58 9.31 6.03
N VAL A 120 12.75 8.46 5.43
CA VAL A 120 12.77 7.04 5.75
C VAL A 120 13.69 6.29 4.80
N THR A 121 14.50 5.39 5.36
CA THR A 121 15.44 4.61 4.56
C THR A 121 14.94 3.17 4.40
N LEU A 122 13.63 3.00 4.40
CA LEU A 122 13.03 1.67 4.24
C LEU A 122 11.55 1.79 3.86
N GLY A 1 -32.89 -33.19 -12.14
CA GLY A 1 -32.43 -31.98 -11.49
C GLY A 1 -32.95 -30.72 -12.15
N SER A 2 -32.43 -30.42 -13.33
CA SER A 2 -32.85 -29.23 -14.06
C SER A 2 -33.17 -29.57 -15.52
N PRO A 3 -33.93 -28.69 -16.18
CA PRO A 3 -34.33 -28.87 -17.58
C PRO A 3 -33.16 -28.73 -18.54
N PHE A 4 -32.29 -27.77 -18.25
CA PHE A 4 -31.11 -27.53 -19.09
C PHE A 4 -31.53 -27.19 -20.52
N ALA A 5 -32.68 -26.55 -20.66
CA ALA A 5 -33.20 -26.16 -21.97
C ALA A 5 -33.14 -24.66 -22.16
N ASP A 6 -32.43 -24.22 -23.19
CA ASP A 6 -32.29 -22.80 -23.49
C ASP A 6 -33.12 -22.42 -24.72
N PRO A 7 -34.33 -21.91 -24.48
CA PRO A 7 -35.24 -21.49 -25.54
C PRO A 7 -34.75 -20.25 -26.27
N ASN A 8 -34.01 -19.40 -25.56
CA ASN A 8 -33.48 -18.17 -26.13
C ASN A 8 -31.97 -18.09 -25.96
N SER A 9 -31.26 -17.94 -27.07
CA SER A 9 -29.80 -17.85 -27.04
C SER A 9 -29.32 -16.60 -27.76
N LEU A 10 -29.93 -15.46 -27.44
CA LEU A 10 -29.56 -14.19 -28.06
C LEU A 10 -29.45 -13.09 -27.01
N ALA A 11 -28.29 -12.44 -26.96
CA ALA A 11 -28.05 -11.37 -26.00
C ALA A 11 -26.71 -10.70 -26.25
N LEU A 12 -26.38 -9.71 -25.41
CA LEU A 12 -25.12 -8.99 -25.54
C LEU A 12 -23.93 -9.94 -25.43
N ALA A 13 -22.73 -9.38 -25.56
CA ALA A 13 -21.51 -10.19 -25.46
C ALA A 13 -21.49 -11.00 -24.17
N ASN A 14 -21.24 -10.33 -23.06
CA ASN A 14 -21.19 -10.98 -21.76
C ASN A 14 -22.19 -10.36 -20.79
N VAL A 15 -22.98 -11.21 -20.13
CA VAL A 15 -23.98 -10.74 -19.17
C VAL A 15 -23.65 -11.22 -17.76
N PRO A 16 -23.73 -10.30 -16.79
CA PRO A 16 -23.45 -10.60 -15.40
C PRO A 16 -24.52 -11.49 -14.76
N LEU A 17 -25.78 -11.13 -14.99
CA LEU A 17 -26.89 -11.91 -14.45
C LEU A 17 -26.82 -11.98 -12.92
N SER A 18 -26.29 -10.92 -12.32
CA SER A 18 -26.16 -10.86 -10.87
C SER A 18 -26.20 -9.42 -10.37
N ARG A 19 -26.01 -9.25 -9.07
CA ARG A 19 -26.01 -7.92 -8.46
C ARG A 19 -24.92 -7.79 -7.41
N SER A 20 -25.13 -8.44 -6.27
CA SER A 20 -24.16 -8.39 -5.18
C SER A 20 -24.56 -9.34 -4.05
N LYS A 21 -23.71 -10.33 -3.79
CA LYS A 21 -23.99 -11.30 -2.73
C LYS A 21 -22.69 -11.95 -2.25
N ARG A 22 -22.81 -12.87 -1.29
CA ARG A 22 -21.66 -13.56 -0.75
C ARG A 22 -20.59 -12.56 -0.29
N PRO A 23 -20.86 -11.88 0.83
CA PRO A 23 -19.93 -10.89 1.40
C PRO A 23 -18.68 -11.53 1.97
N ASP A 24 -17.52 -11.03 1.54
CA ASP A 24 -16.24 -11.56 2.01
C ASP A 24 -15.83 -10.90 3.33
N PHE A 25 -15.51 -11.72 4.32
CA PHE A 25 -15.11 -11.21 5.62
C PHE A 25 -14.63 -12.35 6.52
N GLY A 26 -13.95 -12.00 7.61
CA GLY A 26 -13.45 -13.00 8.53
C GLY A 26 -13.33 -12.48 9.95
N GLN A 27 -12.13 -12.52 10.50
CA GLN A 27 -11.89 -12.06 11.86
C GLN A 27 -11.07 -10.77 11.86
N ARG A 28 -11.21 -9.99 12.93
CA ARG A 28 -10.48 -8.72 13.05
C ARG A 28 -9.02 -8.98 13.41
N ARG A 29 -8.21 -9.29 12.41
CA ARG A 29 -6.79 -9.54 12.62
C ARG A 29 -5.94 -8.85 11.55
N ILE A 30 -4.75 -8.41 11.94
CA ILE A 30 -3.85 -7.73 11.02
C ILE A 30 -2.90 -8.73 10.35
N ARG A 31 -2.69 -9.87 11.00
CA ARG A 31 -1.81 -10.90 10.47
C ARG A 31 -2.41 -11.53 9.21
N ARG A 32 -3.72 -11.35 9.03
CA ARG A 32 -4.41 -11.89 7.87
C ARG A 32 -4.29 -10.95 6.68
N PRO A 33 -4.52 -11.48 5.47
CA PRO A 33 -4.46 -10.71 4.23
C PRO A 33 -5.61 -9.71 4.12
N PHE A 34 -5.67 -9.02 2.98
CA PHE A 34 -6.71 -8.03 2.75
C PHE A 34 -7.59 -8.44 1.56
N THR A 35 -8.76 -7.83 1.45
CA THR A 35 -9.69 -8.13 0.38
C THR A 35 -9.60 -7.08 -0.74
N VAL A 36 -9.88 -7.50 -1.96
CA VAL A 36 -9.83 -6.60 -3.11
C VAL A 36 -10.64 -5.34 -2.85
N ALA A 37 -11.76 -5.49 -2.16
CA ALA A 37 -12.62 -4.36 -1.84
C ALA A 37 -11.98 -3.47 -0.78
N GLU A 38 -11.52 -4.09 0.31
CA GLU A 38 -10.89 -3.35 1.40
C GLU A 38 -9.67 -2.58 0.90
N VAL A 39 -8.86 -3.24 0.08
CA VAL A 39 -7.66 -2.62 -0.47
C VAL A 39 -8.01 -1.46 -1.39
N GLU A 40 -9.00 -1.69 -2.26
CA GLU A 40 -9.43 -0.67 -3.21
C GLU A 40 -9.79 0.63 -2.48
N LEU A 41 -10.63 0.51 -1.46
CA LEU A 41 -11.05 1.68 -0.69
C LEU A 41 -9.87 2.28 0.07
N LEU A 42 -8.97 1.42 0.54
CA LEU A 42 -7.81 1.87 1.29
C LEU A 42 -6.87 2.68 0.40
N VAL A 43 -6.31 2.03 -0.62
CA VAL A 43 -5.40 2.69 -1.54
C VAL A 43 -6.05 3.94 -2.14
N GLU A 44 -7.32 3.85 -2.48
CA GLU A 44 -8.05 4.97 -3.06
C GLU A 44 -8.19 6.10 -2.03
N ALA A 45 -8.32 5.73 -0.77
CA ALA A 45 -8.45 6.71 0.30
C ALA A 45 -7.20 7.56 0.45
N VAL A 46 -6.05 6.89 0.51
CA VAL A 46 -4.77 7.58 0.65
C VAL A 46 -4.35 8.22 -0.67
N GLU A 47 -4.71 7.58 -1.77
CA GLU A 47 -4.36 8.08 -3.10
C GLU A 47 -5.17 9.33 -3.44
N HIS A 48 -6.47 9.28 -3.18
CA HIS A 48 -7.36 10.41 -3.45
C HIS A 48 -6.80 11.68 -2.84
N LEU A 49 -6.07 11.54 -1.73
CA LEU A 49 -5.48 12.68 -1.05
C LEU A 49 -3.99 12.80 -1.34
N GLY A 50 -3.42 11.72 -1.86
CA GLY A 50 -2.00 11.71 -2.18
C GLY A 50 -1.14 11.35 -0.99
N THR A 51 -0.54 12.37 -0.37
CA THR A 51 0.32 12.16 0.79
C THR A 51 0.11 13.25 1.83
N GLY A 52 -0.85 13.03 2.73
CA GLY A 52 -1.13 14.01 3.77
C GLY A 52 -1.37 13.36 5.12
N ARG A 53 -2.51 13.66 5.73
CA ARG A 53 -2.85 13.12 7.03
C ARG A 53 -3.55 11.77 6.89
N TRP A 54 -3.27 10.86 7.82
CA TRP A 54 -3.88 9.53 7.79
C TRP A 54 -5.37 9.60 8.03
N ARG A 55 -5.78 10.41 9.01
CA ARG A 55 -7.19 10.56 9.35
C ARG A 55 -7.99 10.97 8.12
N ASP A 56 -7.33 11.64 7.18
CA ASP A 56 -7.98 12.09 5.96
C ASP A 56 -8.38 10.90 5.08
N VAL A 57 -7.49 9.92 4.98
CA VAL A 57 -7.73 8.73 4.18
C VAL A 57 -8.75 7.82 4.86
N LYS A 58 -8.81 7.89 6.19
CA LYS A 58 -9.74 7.08 6.96
C LYS A 58 -11.16 7.55 6.77
N PHE A 59 -11.37 8.86 6.86
CA PHE A 59 -12.70 9.44 6.70
C PHE A 59 -13.13 9.42 5.24
N ARG A 60 -12.17 9.62 4.34
CA ARG A 60 -12.44 9.62 2.91
C ARG A 60 -12.78 8.21 2.42
N ALA A 61 -12.18 7.21 3.05
CA ALA A 61 -12.41 5.82 2.69
C ALA A 61 -13.85 5.41 2.94
N PHE A 62 -14.22 5.35 4.21
CA PHE A 62 -15.58 4.97 4.60
C PHE A 62 -15.80 5.14 6.10
N GLU A 63 -16.40 6.26 6.48
CA GLU A 63 -16.66 6.54 7.89
C GLU A 63 -17.61 5.52 8.48
N ASN A 64 -18.31 4.79 7.61
CA ASN A 64 -19.26 3.77 8.05
C ASN A 64 -18.54 2.63 8.76
N VAL A 65 -17.31 2.36 8.34
CA VAL A 65 -16.52 1.30 8.93
C VAL A 65 -15.39 1.85 9.80
N HIS A 66 -15.29 1.34 11.03
CA HIS A 66 -14.25 1.79 11.95
C HIS A 66 -13.44 0.60 12.48
N HIS A 67 -13.39 -0.46 11.68
CA HIS A 67 -12.65 -1.66 12.08
C HIS A 67 -11.14 -1.43 11.93
N ARG A 68 -10.77 -0.47 11.09
CA ARG A 68 -9.36 -0.16 10.86
C ARG A 68 -9.05 1.27 11.27
N THR A 69 -7.81 1.51 11.68
CA THR A 69 -7.38 2.84 12.09
C THR A 69 -6.71 3.58 10.95
N TYR A 70 -6.85 4.91 10.95
CA TYR A 70 -6.26 5.74 9.91
C TYR A 70 -4.78 5.39 9.70
N VAL A 71 -4.06 5.20 10.81
CA VAL A 71 -2.65 4.86 10.75
C VAL A 71 -2.45 3.52 10.05
N ASP A 72 -3.32 2.57 10.32
CA ASP A 72 -3.23 1.25 9.71
C ASP A 72 -3.42 1.33 8.20
N LEU A 73 -4.27 2.24 7.76
CA LEU A 73 -4.54 2.42 6.34
C LEU A 73 -3.29 2.92 5.61
N LYS A 74 -2.75 4.04 6.07
CA LYS A 74 -1.55 4.61 5.47
C LYS A 74 -0.40 3.62 5.49
N ASP A 75 -0.26 2.92 6.61
CA ASP A 75 0.81 1.93 6.76
C ASP A 75 0.57 0.73 5.85
N LYS A 76 -0.68 0.33 5.72
CA LYS A 76 -1.05 -0.81 4.87
C LYS A 76 -0.72 -0.51 3.41
N TRP A 77 -0.99 0.72 2.98
CA TRP A 77 -0.73 1.12 1.60
C TRP A 77 0.77 1.13 1.31
N LYS A 78 1.53 1.80 2.19
CA LYS A 78 2.97 1.89 2.03
C LYS A 78 3.59 0.50 1.92
N THR A 79 3.11 -0.42 2.76
CA THR A 79 3.62 -1.79 2.77
C THR A 79 3.24 -2.52 1.48
N LEU A 80 1.96 -2.48 1.16
CA LEU A 80 1.46 -3.15 -0.05
C LEU A 80 2.15 -2.60 -1.29
N VAL A 81 2.50 -1.33 -1.25
CA VAL A 81 3.17 -0.68 -2.37
C VAL A 81 4.59 -1.21 -2.55
N HIS A 82 5.33 -1.30 -1.45
CA HIS A 82 6.70 -1.79 -1.50
C HIS A 82 6.74 -3.24 -1.98
N THR A 83 5.77 -4.04 -1.55
CA THR A 83 5.70 -5.43 -1.94
C THR A 83 5.26 -5.57 -3.39
N ALA A 84 4.46 -4.62 -3.86
CA ALA A 84 3.96 -4.64 -5.23
C ALA A 84 4.97 -4.01 -6.18
N SER A 85 6.02 -3.42 -5.62
CA SER A 85 7.05 -2.76 -6.42
C SER A 85 8.31 -3.63 -6.47
N ILE A 86 8.60 -4.32 -5.38
CA ILE A 86 9.78 -5.18 -5.31
C ILE A 86 9.78 -6.19 -6.45
N ALA A 87 10.83 -7.02 -6.49
CA ALA A 87 10.96 -8.03 -7.53
C ALA A 87 9.69 -8.88 -7.62
N PRO A 88 9.52 -9.57 -8.76
CA PRO A 88 8.35 -10.42 -9.01
C PRO A 88 8.37 -11.68 -8.15
N GLN A 89 9.57 -12.11 -7.77
CA GLN A 89 9.73 -13.31 -6.95
C GLN A 89 9.49 -12.99 -5.47
N GLN A 90 9.65 -11.72 -5.11
CA GLN A 90 9.46 -11.29 -3.73
C GLN A 90 8.04 -10.80 -3.52
N ARG A 91 7.48 -10.15 -4.54
CA ARG A 91 6.12 -9.61 -4.45
C ARG A 91 5.12 -10.74 -4.18
N ARG A 92 5.48 -11.96 -4.57
CA ARG A 92 4.61 -13.11 -4.38
C ARG A 92 4.15 -13.19 -2.92
N GLY A 93 2.89 -12.84 -2.68
CA GLY A 93 2.34 -12.88 -1.34
C GLY A 93 0.99 -13.54 -1.29
N ALA A 94 -0.07 -12.77 -1.58
CA ALA A 94 -1.42 -13.29 -1.57
C ALA A 94 -2.07 -13.17 -2.94
N PRO A 95 -3.14 -13.95 -3.17
CA PRO A 95 -3.87 -13.95 -4.45
C PRO A 95 -4.65 -12.66 -4.66
N VAL A 96 -3.97 -11.63 -5.17
CA VAL A 96 -4.60 -10.36 -5.43
C VAL A 96 -4.51 -9.97 -6.90
N PRO A 97 -5.44 -9.12 -7.36
CA PRO A 97 -5.47 -8.66 -8.76
C PRO A 97 -4.31 -7.73 -9.09
N GLN A 98 -3.79 -7.85 -10.30
CA GLN A 98 -2.67 -7.02 -10.75
C GLN A 98 -3.07 -5.55 -10.77
N GLU A 99 -4.33 -5.28 -11.05
CA GLU A 99 -4.84 -3.92 -11.10
C GLU A 99 -4.56 -3.18 -9.80
N LEU A 100 -4.62 -3.91 -8.69
CA LEU A 100 -4.37 -3.34 -7.37
C LEU A 100 -2.94 -2.80 -7.28
N LEU A 101 -1.99 -3.56 -7.82
CA LEU A 101 -0.59 -3.16 -7.80
C LEU A 101 -0.32 -2.05 -8.80
N ASP A 102 -1.14 -1.99 -9.85
CA ASP A 102 -1.00 -0.97 -10.88
C ASP A 102 -1.49 0.37 -10.39
N ARG A 103 -2.57 0.35 -9.61
CA ARG A 103 -3.16 1.58 -9.07
C ARG A 103 -2.29 2.14 -7.94
N VAL A 104 -1.80 1.25 -7.09
CA VAL A 104 -0.96 1.66 -5.97
C VAL A 104 0.40 2.17 -6.45
N LEU A 105 0.94 1.50 -7.45
CA LEU A 105 2.24 1.87 -8.02
C LEU A 105 2.13 3.17 -8.82
N ALA A 106 1.18 3.21 -9.74
CA ALA A 106 0.97 4.38 -10.57
C ALA A 106 0.73 5.62 -9.72
N ALA A 107 -0.10 5.48 -8.69
CA ALA A 107 -0.41 6.59 -7.80
C ALA A 107 0.81 7.00 -6.99
N GLN A 108 1.56 6.02 -6.51
CA GLN A 108 2.76 6.28 -5.72
C GLN A 108 3.71 7.21 -6.47
N ALA A 109 4.02 6.84 -7.72
CA ALA A 109 4.91 7.64 -8.54
C ALA A 109 4.28 8.98 -8.92
N TYR A 110 2.97 8.96 -9.13
CA TYR A 110 2.24 10.17 -9.49
C TYR A 110 2.45 11.27 -8.46
N TRP A 111 2.40 10.89 -7.19
CA TRP A 111 2.58 11.84 -6.10
C TRP A 111 4.06 12.00 -5.75
N SER A 112 4.87 11.02 -6.17
CA SER A 112 6.30 11.04 -5.89
C SER A 112 6.95 12.28 -6.51
N VAL A 113 8.27 12.36 -6.41
CA VAL A 113 9.01 13.49 -6.95
C VAL A 113 10.37 13.06 -7.48
N ASP A 114 10.47 12.92 -8.81
CA ASP A 114 11.72 12.50 -9.44
C ASP A 114 12.10 11.10 -9.01
N SER A 115 11.23 10.12 -9.29
CA SER A 115 11.47 8.74 -8.93
C SER A 115 11.35 7.83 -10.14
N SER A 116 11.59 6.54 -9.94
CA SER A 116 11.50 5.56 -11.03
C SER A 116 10.10 5.55 -11.63
N GLY A 117 10.03 5.62 -12.95
CA GLY A 117 8.76 5.61 -13.63
C GLY A 117 8.63 6.73 -14.65
N ARG A 118 8.78 6.38 -15.92
CA ARG A 118 8.69 7.36 -17.00
C ARG A 118 8.23 6.71 -18.30
N ILE A 119 7.50 5.61 -18.17
CA ILE A 119 6.99 4.90 -19.33
C ILE A 119 5.71 4.15 -19.01
N VAL A 120 5.24 3.34 -19.95
CA VAL A 120 4.02 2.56 -19.76
C VAL A 120 2.96 3.37 -19.00
N THR A 121 2.83 4.64 -19.38
CA THR A 121 1.86 5.52 -18.74
C THR A 121 0.43 5.07 -19.02
N LEU A 122 0.24 4.37 -20.13
CA LEU A 122 -1.07 3.88 -20.52
C LEU A 122 -0.95 2.77 -21.56
N GLY A 1 -8.33 -12.10 -23.58
CA GLY A 1 -9.53 -11.69 -24.27
C GLY A 1 -10.79 -12.16 -23.57
N SER A 2 -10.88 -11.88 -22.28
CA SER A 2 -12.04 -12.29 -21.49
C SER A 2 -12.78 -11.07 -20.94
N PRO A 3 -13.45 -10.34 -21.84
CA PRO A 3 -14.21 -9.13 -21.47
C PRO A 3 -15.47 -9.46 -20.67
N PHE A 4 -15.94 -8.49 -19.90
CA PHE A 4 -17.13 -8.68 -19.08
C PHE A 4 -17.59 -7.35 -18.48
N ALA A 5 -18.90 -7.23 -18.27
CA ALA A 5 -19.47 -6.01 -17.72
C ALA A 5 -19.46 -6.05 -16.19
N ASP A 6 -18.93 -5.00 -15.58
CA ASP A 6 -18.86 -4.91 -14.13
C ASP A 6 -20.05 -4.15 -13.57
N PRO A 7 -20.32 -4.34 -12.26
CA PRO A 7 -21.43 -3.68 -11.58
C PRO A 7 -21.20 -2.17 -11.41
N ASN A 8 -22.14 -1.38 -11.90
CA ASN A 8 -22.04 0.07 -11.81
C ASN A 8 -22.10 0.53 -10.35
N SER A 9 -22.90 -0.18 -9.55
CA SER A 9 -23.06 0.16 -8.15
C SER A 9 -23.52 1.60 -7.98
N LEU A 10 -24.22 2.11 -8.99
CA LEU A 10 -24.73 3.48 -8.95
C LEU A 10 -25.86 3.62 -7.94
N ALA A 11 -25.52 4.01 -6.73
CA ALA A 11 -26.52 4.19 -5.68
C ALA A 11 -25.92 4.87 -4.45
N LEU A 12 -26.49 6.00 -4.07
CA LEU A 12 -26.01 6.75 -2.92
C LEU A 12 -27.18 7.30 -2.10
N ALA A 13 -27.28 6.86 -0.85
CA ALA A 13 -28.34 7.31 0.05
C ALA A 13 -27.77 7.89 1.33
N ASN A 14 -28.47 8.87 1.89
CA ASN A 14 -28.03 9.52 3.12
C ASN A 14 -28.14 8.56 4.30
N VAL A 15 -27.13 8.57 5.16
CA VAL A 15 -27.11 7.71 6.34
C VAL A 15 -27.25 8.52 7.62
N PRO A 16 -27.75 7.87 8.68
CA PRO A 16 -27.94 8.52 9.99
C PRO A 16 -26.63 8.81 10.69
N LEU A 17 -25.99 9.92 10.29
CA LEU A 17 -24.72 10.32 10.89
C LEU A 17 -24.75 11.79 11.29
N SER A 18 -25.20 12.06 12.52
CA SER A 18 -25.28 13.42 13.03
C SER A 18 -24.03 13.77 13.83
N ARG A 19 -23.97 13.27 15.06
CA ARG A 19 -22.84 13.54 15.94
C ARG A 19 -22.06 12.24 16.24
N SER A 20 -20.90 12.39 16.85
CA SER A 20 -20.06 11.24 17.17
C SER A 20 -18.98 11.63 18.19
N LYS A 21 -18.97 10.94 19.32
CA LYS A 21 -17.99 11.20 20.37
C LYS A 21 -16.73 10.36 20.17
N ARG A 22 -16.85 9.07 20.46
CA ARG A 22 -15.72 8.15 20.31
C ARG A 22 -16.14 6.72 20.66
N PRO A 23 -16.91 6.09 19.76
CA PRO A 23 -17.38 4.73 19.95
C PRO A 23 -16.25 3.70 19.85
N ASP A 24 -15.65 3.39 20.99
CA ASP A 24 -14.55 2.43 21.04
C ASP A 24 -14.40 1.84 22.43
N PHE A 25 -14.29 0.52 22.52
CA PHE A 25 -14.14 -0.15 23.79
C PHE A 25 -12.66 -0.38 24.12
N GLY A 26 -11.94 -1.00 23.18
CA GLY A 26 -10.54 -1.27 23.38
C GLY A 26 -10.13 -2.66 22.92
N GLN A 27 -10.36 -2.95 21.65
CA GLN A 27 -10.02 -4.25 21.09
C GLN A 27 -8.63 -4.24 20.46
N ARG A 28 -8.21 -5.37 19.92
CA ARG A 28 -6.91 -5.49 19.29
C ARG A 28 -7.05 -5.54 17.76
N ARG A 29 -5.96 -5.25 17.07
CA ARG A 29 -5.95 -5.25 15.61
C ARG A 29 -6.32 -6.64 15.08
N ILE A 30 -7.28 -6.67 14.15
CA ILE A 30 -7.72 -7.93 13.56
C ILE A 30 -6.86 -8.31 12.37
N ARG A 31 -6.01 -9.32 12.54
CA ARG A 31 -5.13 -9.78 11.47
C ARG A 31 -5.89 -10.66 10.49
N ARG A 32 -6.83 -10.07 9.76
CA ARG A 32 -7.62 -10.80 8.79
C ARG A 32 -7.35 -10.31 7.38
N PRO A 33 -7.68 -11.14 6.38
CA PRO A 33 -7.47 -10.81 4.97
C PRO A 33 -8.41 -9.72 4.48
N PHE A 34 -8.08 -9.14 3.33
CA PHE A 34 -8.91 -8.07 2.76
C PHE A 34 -9.50 -8.50 1.42
N THR A 35 -10.51 -7.77 0.97
CA THR A 35 -11.16 -8.07 -0.30
C THR A 35 -10.84 -7.01 -1.35
N VAL A 36 -11.00 -7.38 -2.62
CA VAL A 36 -10.74 -6.46 -3.72
C VAL A 36 -11.45 -5.13 -3.51
N ALA A 37 -12.65 -5.19 -2.92
CA ALA A 37 -13.43 -3.99 -2.66
C ALA A 37 -12.80 -3.16 -1.56
N GLU A 38 -12.47 -3.80 -0.44
CA GLU A 38 -11.86 -3.12 0.69
C GLU A 38 -10.52 -2.50 0.29
N VAL A 39 -9.67 -3.30 -0.35
CA VAL A 39 -8.36 -2.84 -0.77
C VAL A 39 -8.48 -1.72 -1.80
N GLU A 40 -9.47 -1.82 -2.67
CA GLU A 40 -9.70 -0.81 -3.70
C GLU A 40 -10.00 0.55 -3.07
N LEU A 41 -10.95 0.58 -2.16
CA LEU A 41 -11.34 1.80 -1.48
C LEU A 41 -10.20 2.32 -0.60
N LEU A 42 -9.51 1.39 0.06
CA LEU A 42 -8.40 1.75 0.94
C LEU A 42 -7.37 2.59 0.19
N VAL A 43 -6.75 1.99 -0.83
CA VAL A 43 -5.74 2.69 -1.62
C VAL A 43 -6.33 3.93 -2.29
N GLU A 44 -7.55 3.81 -2.80
CA GLU A 44 -8.21 4.93 -3.46
C GLU A 44 -8.42 6.08 -2.49
N ALA A 45 -8.47 5.76 -1.21
CA ALA A 45 -8.66 6.79 -0.17
C ALA A 45 -7.37 7.57 0.06
N VAL A 46 -6.27 6.86 0.24
CA VAL A 46 -4.98 7.48 0.47
C VAL A 46 -4.44 8.12 -0.80
N GLU A 47 -4.75 7.51 -1.94
CA GLU A 47 -4.30 8.02 -3.23
C GLU A 47 -5.03 9.29 -3.60
N HIS A 48 -6.29 9.40 -3.18
CA HIS A 48 -7.11 10.58 -3.45
C HIS A 48 -6.63 11.78 -2.65
N LEU A 49 -6.02 11.50 -1.50
CA LEU A 49 -5.52 12.56 -0.64
C LEU A 49 -3.99 12.63 -0.69
N GLY A 50 -3.39 11.69 -1.41
CA GLY A 50 -1.93 11.66 -1.52
C GLY A 50 -1.25 11.50 -0.19
N THR A 51 -0.44 12.49 0.19
CA THR A 51 0.28 12.45 1.45
C THR A 51 -0.25 13.51 2.42
N GLY A 52 -1.54 13.80 2.32
CA GLY A 52 -2.15 14.79 3.19
C GLY A 52 -2.04 14.42 4.66
N ARG A 53 -3.03 13.69 5.16
CA ARG A 53 -3.04 13.27 6.56
C ARG A 53 -3.67 11.89 6.71
N TRP A 54 -3.22 11.15 7.72
CA TRP A 54 -3.74 9.81 7.96
C TRP A 54 -5.21 9.86 8.33
N ARG A 55 -5.59 10.89 9.09
CA ARG A 55 -6.98 11.06 9.52
C ARG A 55 -7.88 11.37 8.32
N ASP A 56 -7.30 12.01 7.32
CA ASP A 56 -8.06 12.38 6.11
C ASP A 56 -8.44 11.14 5.31
N VAL A 57 -7.47 10.25 5.10
CA VAL A 57 -7.71 9.03 4.35
C VAL A 57 -8.60 8.07 5.13
N LYS A 58 -8.45 8.07 6.45
CA LYS A 58 -9.25 7.20 7.30
C LYS A 58 -10.69 7.69 7.38
N PHE A 59 -10.87 9.00 7.21
CA PHE A 59 -12.20 9.59 7.26
C PHE A 59 -12.88 9.55 5.90
N ARG A 60 -12.12 9.92 4.86
CA ARG A 60 -12.64 9.93 3.50
C ARG A 60 -13.16 8.54 3.11
N ALA A 61 -12.34 7.53 3.36
CA ALA A 61 -12.69 6.15 3.03
C ALA A 61 -13.96 5.73 3.77
N PHE A 62 -13.81 5.41 5.06
CA PHE A 62 -14.94 4.99 5.87
C PHE A 62 -14.54 4.88 7.34
N GLU A 63 -14.80 5.93 8.10
CA GLU A 63 -14.46 5.95 9.52
C GLU A 63 -15.17 4.82 10.25
N ASN A 64 -16.23 4.29 9.66
CA ASN A 64 -16.99 3.21 10.26
C ASN A 64 -17.11 2.03 9.30
N VAL A 65 -15.97 1.61 8.74
CA VAL A 65 -15.95 0.49 7.82
C VAL A 65 -16.06 -0.84 8.56
N HIS A 66 -15.42 -0.92 9.71
CA HIS A 66 -15.46 -2.14 10.52
C HIS A 66 -14.64 -1.97 11.80
N HIS A 67 -13.33 -1.88 11.64
CA HIS A 67 -12.43 -1.71 12.78
C HIS A 67 -11.00 -1.47 12.32
N ARG A 68 -10.80 -0.42 11.55
CA ARG A 68 -9.47 -0.09 11.04
C ARG A 68 -8.97 1.23 11.64
N THR A 69 -7.73 1.59 11.31
CA THR A 69 -7.14 2.81 11.83
C THR A 69 -6.44 3.60 10.72
N TYR A 70 -6.40 4.92 10.87
CA TYR A 70 -5.77 5.78 9.87
C TYR A 70 -4.38 5.27 9.51
N VAL A 71 -3.62 4.85 10.52
CA VAL A 71 -2.28 4.34 10.31
C VAL A 71 -2.31 3.04 9.53
N ASP A 72 -3.35 2.24 9.74
CA ASP A 72 -3.50 0.97 9.05
C ASP A 72 -3.68 1.17 7.55
N LEU A 73 -4.48 2.17 7.19
CA LEU A 73 -4.75 2.47 5.79
C LEU A 73 -3.49 2.98 5.10
N LYS A 74 -2.83 3.96 5.72
CA LYS A 74 -1.61 4.53 5.17
C LYS A 74 -0.50 3.49 5.12
N ASP A 75 -0.36 2.72 6.19
CA ASP A 75 0.66 1.68 6.27
C ASP A 75 0.38 0.56 5.27
N LYS A 76 -0.90 0.23 5.12
CA LYS A 76 -1.31 -0.83 4.19
C LYS A 76 -0.92 -0.48 2.77
N TRP A 77 -1.24 0.73 2.34
CA TRP A 77 -0.93 1.20 1.00
C TRP A 77 0.58 1.19 0.76
N LYS A 78 1.32 1.78 1.69
CA LYS A 78 2.77 1.85 1.59
C LYS A 78 3.37 0.44 1.49
N THR A 79 2.90 -0.45 2.35
CA THR A 79 3.39 -1.83 2.37
C THR A 79 3.04 -2.55 1.07
N LEU A 80 1.76 -2.51 0.70
CA LEU A 80 1.30 -3.16 -0.52
C LEU A 80 2.03 -2.61 -1.74
N VAL A 81 2.39 -1.33 -1.68
CA VAL A 81 3.10 -0.68 -2.78
C VAL A 81 4.51 -1.25 -2.95
N HIS A 82 5.23 -1.38 -1.84
CA HIS A 82 6.57 -1.92 -1.87
C HIS A 82 6.59 -3.34 -2.41
N THR A 83 5.65 -4.15 -1.94
CA THR A 83 5.55 -5.54 -2.38
C THR A 83 5.12 -5.63 -3.84
N ALA A 84 4.34 -4.65 -4.28
CA ALA A 84 3.86 -4.62 -5.65
C ALA A 84 4.93 -4.07 -6.59
N SER A 85 5.99 -3.51 -6.02
CA SER A 85 7.08 -2.95 -6.80
C SER A 85 8.27 -3.90 -6.85
N ILE A 86 8.30 -4.85 -5.92
CA ILE A 86 9.38 -5.83 -5.85
C ILE A 86 9.03 -7.08 -6.65
N ALA A 87 9.86 -8.11 -6.52
CA ALA A 87 9.64 -9.37 -7.21
C ALA A 87 9.09 -10.42 -6.27
N PRO A 88 8.46 -11.46 -6.84
CA PRO A 88 7.87 -12.57 -6.07
C PRO A 88 8.93 -13.43 -5.41
N GLN A 89 10.09 -13.56 -6.05
CA GLN A 89 11.18 -14.36 -5.52
C GLN A 89 11.76 -13.74 -4.25
N GLN A 90 11.38 -12.48 -4.00
CA GLN A 90 11.86 -11.77 -2.81
C GLN A 90 10.76 -11.66 -1.76
N ARG A 91 9.52 -11.54 -2.23
CA ARG A 91 8.38 -11.42 -1.32
C ARG A 91 7.07 -11.35 -2.11
N ARG A 92 6.24 -12.37 -1.93
CA ARG A 92 4.96 -12.45 -2.62
C ARG A 92 3.92 -11.55 -1.94
N GLY A 93 2.82 -11.28 -2.64
CA GLY A 93 1.77 -10.45 -2.09
C GLY A 93 0.43 -11.14 -2.05
N ALA A 94 -0.53 -10.55 -1.34
CA ALA A 94 -1.86 -11.12 -1.23
C ALA A 94 -2.44 -11.43 -2.61
N PRO A 95 -3.45 -12.31 -2.64
CA PRO A 95 -4.12 -12.71 -3.88
C PRO A 95 -4.96 -11.58 -4.47
N VAL A 96 -4.28 -10.60 -5.06
CA VAL A 96 -4.96 -9.46 -5.68
C VAL A 96 -4.59 -9.34 -7.15
N PRO A 97 -5.48 -8.70 -7.93
CA PRO A 97 -5.28 -8.49 -9.37
C PRO A 97 -4.16 -7.49 -9.66
N GLN A 98 -3.65 -7.53 -10.88
CA GLN A 98 -2.58 -6.62 -11.28
C GLN A 98 -3.04 -5.17 -11.23
N GLU A 99 -4.33 -4.95 -11.47
CA GLU A 99 -4.89 -3.61 -11.44
C GLU A 99 -4.58 -2.91 -10.12
N LEU A 100 -4.74 -3.64 -9.03
CA LEU A 100 -4.48 -3.09 -7.69
C LEU A 100 -3.04 -2.58 -7.60
N LEU A 101 -2.11 -3.35 -8.16
CA LEU A 101 -0.71 -2.97 -8.14
C LEU A 101 -0.42 -1.84 -9.12
N ASP A 102 -1.23 -1.76 -10.17
CA ASP A 102 -1.06 -0.73 -11.19
C ASP A 102 -1.57 0.62 -10.68
N ARG A 103 -2.68 0.59 -9.96
CA ARG A 103 -3.26 1.81 -9.42
C ARG A 103 -2.41 2.36 -8.28
N VAL A 104 -1.98 1.47 -7.40
CA VAL A 104 -1.15 1.87 -6.26
C VAL A 104 0.20 2.38 -6.72
N LEU A 105 0.78 1.70 -7.72
CA LEU A 105 2.08 2.08 -8.25
C LEU A 105 2.01 3.42 -8.97
N ALA A 106 1.05 3.55 -9.90
CA ALA A 106 0.87 4.77 -10.65
C ALA A 106 0.70 5.97 -9.71
N ALA A 107 -0.19 5.84 -8.74
CA ALA A 107 -0.44 6.90 -7.78
C ALA A 107 0.83 7.27 -7.03
N GLN A 108 1.57 6.26 -6.59
CA GLN A 108 2.81 6.48 -5.85
C GLN A 108 3.76 7.39 -6.62
N ALA A 109 3.96 7.07 -7.90
CA ALA A 109 4.84 7.86 -8.75
C ALA A 109 4.25 9.24 -9.02
N TYR A 110 2.95 9.27 -9.27
CA TYR A 110 2.26 10.53 -9.55
C TYR A 110 2.57 11.57 -8.48
N TRP A 111 2.55 11.14 -7.22
CA TRP A 111 2.82 12.03 -6.10
C TRP A 111 4.31 12.03 -5.77
N SER A 112 5.01 10.99 -6.18
CA SER A 112 6.43 10.87 -5.92
C SER A 112 6.74 11.14 -4.45
N VAL A 113 5.89 10.65 -3.57
CA VAL A 113 6.06 10.84 -2.13
C VAL A 113 7.46 10.41 -1.69
N ASP A 114 8.02 9.43 -2.39
CA ASP A 114 9.35 8.93 -2.08
C ASP A 114 10.11 8.55 -3.35
N SER A 115 11.07 9.38 -3.74
CA SER A 115 11.86 9.13 -4.93
C SER A 115 12.68 7.85 -4.79
N SER A 116 12.25 6.81 -5.48
CA SER A 116 12.94 5.52 -5.43
C SER A 116 12.56 4.65 -6.62
N GLY A 117 13.40 3.65 -6.92
CA GLY A 117 13.13 2.76 -8.03
C GLY A 117 14.07 1.57 -8.05
N ARG A 118 13.82 0.60 -7.18
CA ARG A 118 14.65 -0.59 -7.10
C ARG A 118 14.51 -1.42 -8.37
N ILE A 119 15.19 -2.57 -8.39
CA ILE A 119 15.15 -3.46 -9.55
C ILE A 119 13.72 -3.86 -9.88
N VAL A 120 13.38 -3.84 -11.17
CA VAL A 120 12.05 -4.20 -11.62
C VAL A 120 12.10 -5.25 -12.72
N THR A 121 12.94 -5.00 -13.73
CA THR A 121 13.09 -5.93 -14.84
C THR A 121 13.72 -7.24 -14.39
N LEU A 122 14.49 -7.18 -13.30
CA LEU A 122 15.15 -8.36 -12.76
C LEU A 122 14.13 -9.45 -12.42
N GLY A 1 52.54 -2.20 70.72
CA GLY A 1 52.35 -2.81 69.41
C GLY A 1 50.89 -2.85 68.99
N SER A 2 50.33 -1.68 68.71
CA SER A 2 48.93 -1.58 68.30
C SER A 2 48.69 -0.28 67.53
N PRO A 3 49.18 -0.23 66.29
CA PRO A 3 49.03 0.95 65.41
C PRO A 3 47.59 1.14 64.95
N PHE A 4 46.86 2.00 65.65
CA PHE A 4 45.48 2.28 65.30
C PHE A 4 45.38 3.32 64.18
N ALA A 5 45.99 3.01 63.05
CA ALA A 5 45.98 3.90 61.90
C ALA A 5 45.06 3.38 60.80
N ASP A 6 44.22 4.27 60.27
CA ASP A 6 43.29 3.89 59.22
C ASP A 6 43.66 4.56 57.90
N PRO A 7 43.23 3.97 56.78
CA PRO A 7 43.50 4.49 55.44
C PRO A 7 42.74 5.78 55.15
N ASN A 8 43.41 6.91 55.40
CA ASN A 8 42.80 8.21 55.18
C ASN A 8 42.79 8.56 53.69
N SER A 9 41.62 8.42 53.07
CA SER A 9 41.46 8.71 51.64
C SER A 9 40.00 8.71 51.24
N LEU A 10 39.56 9.81 50.64
CA LEU A 10 38.17 9.93 50.21
C LEU A 10 38.09 10.64 48.85
N ALA A 11 37.75 9.88 47.82
CA ALA A 11 37.63 10.43 46.47
C ALA A 11 36.20 10.35 45.96
N LEU A 12 35.47 11.45 46.06
CA LEU A 12 34.09 11.51 45.60
C LEU A 12 33.85 12.70 44.67
N ALA A 13 34.14 12.50 43.38
CA ALA A 13 33.95 13.55 42.40
C ALA A 13 33.17 13.04 41.20
N ASN A 14 31.90 13.43 41.12
CA ASN A 14 31.04 13.02 40.02
C ASN A 14 30.87 14.14 39.00
N VAL A 15 30.90 13.78 37.72
CA VAL A 15 30.75 14.75 36.64
C VAL A 15 29.43 14.55 35.90
N PRO A 16 28.94 15.64 35.27
CA PRO A 16 27.69 15.60 34.51
C PRO A 16 27.82 14.81 33.23
N LEU A 17 26.68 14.34 32.71
CA LEU A 17 26.66 13.55 31.49
C LEU A 17 25.24 13.45 30.94
N SER A 18 25.12 13.53 29.61
CA SER A 18 23.83 13.45 28.95
C SER A 18 23.71 12.15 28.15
N ARG A 19 22.55 11.51 28.27
CA ARG A 19 22.30 10.25 27.56
C ARG A 19 20.80 9.99 27.44
N SER A 20 20.36 9.67 26.22
CA SER A 20 18.95 9.39 25.97
C SER A 20 18.76 8.78 24.58
N LYS A 21 18.39 7.50 24.55
CA LYS A 21 18.18 6.80 23.29
C LYS A 21 17.11 5.72 23.46
N ARG A 22 16.31 5.52 22.41
CA ARG A 22 15.25 4.52 22.43
C ARG A 22 15.55 3.40 21.46
N PRO A 23 14.89 2.24 21.66
CA PRO A 23 15.07 1.06 20.81
C PRO A 23 14.49 1.26 19.42
N ASP A 24 14.83 0.35 18.50
CA ASP A 24 14.35 0.43 17.14
C ASP A 24 13.00 -0.29 17.00
N PHE A 25 11.92 0.48 17.03
CA PHE A 25 10.58 -0.08 16.92
C PHE A 25 10.13 -0.12 15.46
N GLY A 26 11.00 -0.61 14.59
CA GLY A 26 10.69 -0.69 13.18
C GLY A 26 10.47 -2.12 12.71
N GLN A 27 9.71 -2.89 13.50
CA GLN A 27 9.43 -4.28 13.15
C GLN A 27 7.92 -4.53 13.12
N ARG A 28 7.15 -3.48 12.85
CA ARG A 28 5.70 -3.60 12.79
C ARG A 28 5.25 -3.96 11.39
N ARG A 29 5.67 -5.14 10.91
CA ARG A 29 5.31 -5.61 9.58
C ARG A 29 4.05 -6.48 9.63
N ILE A 30 3.07 -6.04 10.42
CA ILE A 30 1.82 -6.78 10.55
C ILE A 30 0.89 -6.53 9.37
N ARG A 31 0.81 -7.50 8.47
CA ARG A 31 -0.05 -7.36 7.30
C ARG A 31 -1.21 -8.35 7.36
N ARG A 32 -2.28 -7.96 8.02
CA ARG A 32 -3.46 -8.80 8.15
C ARG A 32 -4.11 -9.04 6.80
N PRO A 33 -4.93 -10.11 6.71
CA PRO A 33 -5.64 -10.47 5.47
C PRO A 33 -6.73 -9.47 5.12
N PHE A 34 -6.62 -8.88 3.93
CA PHE A 34 -7.60 -7.90 3.46
C PHE A 34 -8.30 -8.41 2.21
N THR A 35 -9.44 -7.79 1.89
CA THR A 35 -10.22 -8.17 0.72
C THR A 35 -10.02 -7.18 -0.42
N VAL A 36 -10.23 -7.64 -1.65
CA VAL A 36 -10.08 -6.80 -2.83
C VAL A 36 -10.86 -5.50 -2.68
N ALA A 37 -12.04 -5.59 -2.09
CA ALA A 37 -12.89 -4.42 -1.89
C ALA A 37 -12.30 -3.50 -0.82
N GLU A 38 -11.94 -4.08 0.32
CA GLU A 38 -11.36 -3.31 1.42
C GLU A 38 -10.08 -2.60 0.98
N VAL A 39 -9.24 -3.32 0.24
CA VAL A 39 -7.98 -2.75 -0.24
C VAL A 39 -8.23 -1.64 -1.26
N GLU A 40 -9.20 -1.86 -2.13
CA GLU A 40 -9.54 -0.87 -3.15
C GLU A 40 -9.91 0.47 -2.51
N LEU A 41 -10.84 0.43 -1.56
CA LEU A 41 -11.26 1.64 -0.88
C LEU A 41 -10.11 2.30 -0.14
N LEU A 42 -9.36 1.49 0.61
CA LEU A 42 -8.21 1.99 1.37
C LEU A 42 -7.24 2.72 0.45
N VAL A 43 -6.67 1.99 -0.51
CA VAL A 43 -5.72 2.57 -1.45
C VAL A 43 -6.30 3.80 -2.14
N GLU A 44 -7.53 3.67 -2.62
CA GLU A 44 -8.21 4.77 -3.30
C GLU A 44 -8.37 5.96 -2.37
N ALA A 45 -8.42 5.69 -1.07
CA ALA A 45 -8.58 6.74 -0.07
C ALA A 45 -7.27 7.51 0.12
N VAL A 46 -6.18 6.78 0.29
CA VAL A 46 -4.88 7.39 0.49
C VAL A 46 -4.35 8.00 -0.81
N GLU A 47 -4.69 7.36 -1.93
CA GLU A 47 -4.24 7.82 -3.24
C GLU A 47 -4.97 9.11 -3.63
N HIS A 48 -6.19 9.26 -3.14
CA HIS A 48 -6.99 10.45 -3.43
C HIS A 48 -6.41 11.68 -2.73
N LEU A 49 -5.77 11.46 -1.60
CA LEU A 49 -5.17 12.55 -0.83
C LEU A 49 -3.66 12.53 -0.95
N GLY A 50 -3.13 11.56 -1.69
CA GLY A 50 -1.70 11.45 -1.87
C GLY A 50 -0.95 11.44 -0.57
N THR A 51 -0.25 12.54 -0.27
CA THR A 51 0.52 12.66 0.96
C THR A 51 -0.22 13.50 1.99
N GLY A 52 -1.49 13.18 2.21
CA GLY A 52 -2.29 13.92 3.17
C GLY A 52 -2.12 13.41 4.58
N ARG A 53 -3.24 13.19 5.27
CA ARG A 53 -3.20 12.70 6.64
C ARG A 53 -3.88 11.33 6.75
N TRP A 54 -3.33 10.46 7.58
CA TRP A 54 -3.89 9.12 7.78
C TRP A 54 -5.37 9.20 8.11
N ARG A 55 -5.75 10.22 8.87
CA ARG A 55 -7.14 10.39 9.26
C ARG A 55 -8.00 10.81 8.06
N ASP A 56 -7.38 11.47 7.09
CA ASP A 56 -8.08 11.91 5.90
C ASP A 56 -8.43 10.73 5.01
N VAL A 57 -7.51 9.79 4.88
CA VAL A 57 -7.72 8.60 4.06
C VAL A 57 -8.69 7.63 4.73
N LYS A 58 -8.72 7.66 6.06
CA LYS A 58 -9.61 6.79 6.82
C LYS A 58 -11.05 7.23 6.69
N PHE A 59 -11.29 8.53 6.86
CA PHE A 59 -12.63 9.08 6.76
C PHE A 59 -13.09 9.13 5.31
N ARG A 60 -12.22 9.58 4.43
CA ARG A 60 -12.54 9.67 3.01
C ARG A 60 -12.94 8.31 2.46
N ALA A 61 -12.27 7.26 2.94
CA ALA A 61 -12.56 5.90 2.49
C ALA A 61 -14.00 5.52 2.78
N PHE A 62 -14.32 5.38 4.06
CA PHE A 62 -15.67 5.01 4.48
C PHE A 62 -15.81 5.07 6.00
N GLU A 63 -16.31 6.20 6.49
CA GLU A 63 -16.50 6.40 7.92
C GLU A 63 -17.45 5.35 8.50
N ASN A 64 -18.26 4.77 7.63
CA ASN A 64 -19.23 3.76 8.04
C ASN A 64 -18.52 2.51 8.56
N VAL A 65 -17.29 2.30 8.09
CA VAL A 65 -16.50 1.15 8.51
C VAL A 65 -16.19 1.20 10.00
N HIS A 66 -15.42 2.22 10.40
CA HIS A 66 -15.06 2.38 11.80
C HIS A 66 -14.41 1.11 12.34
N HIS A 67 -13.77 0.35 11.46
CA HIS A 67 -13.10 -0.88 11.86
C HIS A 67 -11.65 -0.89 11.41
N ARG A 68 -11.01 0.27 11.48
CA ARG A 68 -9.61 0.40 11.08
C ARG A 68 -9.00 1.67 11.65
N THR A 69 -7.68 1.65 11.86
CA THR A 69 -6.97 2.78 12.42
C THR A 69 -6.34 3.62 11.31
N TYR A 70 -6.25 4.93 11.54
CA TYR A 70 -5.67 5.84 10.56
C TYR A 70 -4.31 5.33 10.08
N VAL A 71 -3.38 5.17 11.01
CA VAL A 71 -2.05 4.69 10.69
C VAL A 71 -2.11 3.37 9.94
N ASP A 72 -3.11 2.56 10.26
CA ASP A 72 -3.28 1.26 9.62
C ASP A 72 -3.50 1.42 8.12
N LEU A 73 -4.33 2.40 7.76
CA LEU A 73 -4.62 2.66 6.35
C LEU A 73 -3.39 3.13 5.61
N LYS A 74 -2.78 4.20 6.10
CA LYS A 74 -1.57 4.75 5.49
C LYS A 74 -0.46 3.71 5.43
N ASP A 75 -0.24 3.01 6.55
CA ASP A 75 0.78 1.99 6.63
C ASP A 75 0.46 0.83 5.68
N LYS A 76 -0.82 0.48 5.59
CA LYS A 76 -1.26 -0.61 4.73
C LYS A 76 -0.88 -0.33 3.26
N TRP A 77 -1.09 0.91 2.83
CA TRP A 77 -0.77 1.30 1.46
C TRP A 77 0.73 1.24 1.21
N LYS A 78 1.49 1.84 2.13
CA LYS A 78 2.95 1.86 2.00
C LYS A 78 3.51 0.44 1.97
N THR A 79 3.00 -0.42 2.85
CA THR A 79 3.45 -1.80 2.90
C THR A 79 3.10 -2.55 1.62
N LEU A 80 1.84 -2.48 1.22
CA LEU A 80 1.38 -3.15 0.01
C LEU A 80 2.15 -2.66 -1.20
N VAL A 81 2.56 -1.39 -1.17
CA VAL A 81 3.31 -0.80 -2.28
C VAL A 81 4.70 -1.42 -2.39
N HIS A 82 5.37 -1.58 -1.26
CA HIS A 82 6.70 -2.16 -1.23
C HIS A 82 6.68 -3.61 -1.70
N THR A 83 5.62 -4.32 -1.34
CA THR A 83 5.47 -5.72 -1.73
C THR A 83 5.10 -5.84 -3.21
N ALA A 84 4.44 -4.82 -3.74
CA ALA A 84 4.03 -4.81 -5.13
C ALA A 84 5.04 -4.06 -6.00
N SER A 85 6.07 -3.53 -5.36
CA SER A 85 7.10 -2.77 -6.07
C SER A 85 8.45 -3.48 -5.96
N ILE A 86 8.60 -4.30 -4.93
CA ILE A 86 9.84 -5.03 -4.71
C ILE A 86 10.42 -5.53 -6.03
N ALA A 87 9.89 -6.65 -6.51
CA ALA A 87 10.34 -7.24 -7.77
C ALA A 87 9.31 -8.22 -8.32
N PRO A 88 9.41 -8.51 -9.63
CA PRO A 88 8.49 -9.43 -10.30
C PRO A 88 8.71 -10.88 -9.87
N GLN A 89 9.97 -11.27 -9.69
CA GLN A 89 10.30 -12.62 -9.28
C GLN A 89 9.83 -12.88 -7.85
N GLN A 90 9.76 -11.82 -7.05
CA GLN A 90 9.31 -11.94 -5.66
C GLN A 90 7.81 -12.10 -5.58
N ARG A 91 7.08 -10.99 -5.80
CA ARG A 91 5.63 -11.01 -5.74
C ARG A 91 5.14 -11.90 -4.61
N ARG A 92 5.80 -11.81 -3.45
CA ARG A 92 5.43 -12.60 -2.30
C ARG A 92 4.32 -11.92 -1.50
N GLY A 93 3.18 -12.59 -1.41
CA GLY A 93 2.05 -12.03 -0.67
C GLY A 93 0.74 -12.71 -1.01
N ALA A 94 -0.31 -12.39 -0.26
CA ALA A 94 -1.63 -12.98 -0.49
C ALA A 94 -2.05 -12.82 -1.95
N PRO A 95 -3.02 -13.64 -2.37
CA PRO A 95 -3.53 -13.60 -3.75
C PRO A 95 -4.34 -12.34 -4.03
N VAL A 96 -3.69 -11.35 -4.63
CA VAL A 96 -4.35 -10.09 -4.96
C VAL A 96 -4.29 -9.82 -6.46
N PRO A 97 -5.23 -9.00 -6.94
CA PRO A 97 -5.32 -8.63 -8.37
C PRO A 97 -4.16 -7.73 -8.79
N GLN A 98 -3.71 -7.90 -10.03
CA GLN A 98 -2.61 -7.10 -10.56
C GLN A 98 -3.01 -5.63 -10.64
N GLU A 99 -4.27 -5.38 -10.96
CA GLU A 99 -4.77 -4.01 -11.08
C GLU A 99 -4.51 -3.23 -9.79
N LEU A 100 -4.54 -3.92 -8.66
CA LEU A 100 -4.31 -3.30 -7.37
C LEU A 100 -2.87 -2.82 -7.25
N LEU A 101 -1.94 -3.61 -7.77
CA LEU A 101 -0.53 -3.26 -7.72
C LEU A 101 -0.20 -2.16 -8.74
N ASP A 102 -1.00 -2.10 -9.80
CA ASP A 102 -0.80 -1.10 -10.84
C ASP A 102 -1.28 0.27 -10.37
N ARG A 103 -2.37 0.29 -9.62
CA ARG A 103 -2.93 1.54 -9.11
C ARG A 103 -2.08 2.10 -7.97
N VAL A 104 -1.65 1.21 -7.07
CA VAL A 104 -0.84 1.61 -5.93
C VAL A 104 0.55 2.06 -6.39
N LEU A 105 1.11 1.35 -7.38
CA LEU A 105 2.42 1.69 -7.90
C LEU A 105 2.40 3.02 -8.64
N ALA A 106 1.47 3.14 -9.59
CA ALA A 106 1.33 4.37 -10.36
C ALA A 106 1.15 5.58 -9.46
N ALA A 107 0.23 5.47 -8.51
CA ALA A 107 -0.05 6.56 -7.58
C ALA A 107 1.19 6.92 -6.78
N GLN A 108 1.92 5.90 -6.32
CA GLN A 108 3.13 6.12 -5.55
C GLN A 108 4.12 6.99 -6.31
N ALA A 109 4.36 6.65 -7.57
CA ALA A 109 5.27 7.40 -8.42
C ALA A 109 4.71 8.78 -8.75
N TYR A 110 3.41 8.84 -9.00
CA TYR A 110 2.75 10.09 -9.34
C TYR A 110 3.01 11.15 -8.27
N TRP A 111 2.91 10.74 -7.01
CA TRP A 111 3.15 11.65 -5.89
C TRP A 111 4.63 11.77 -5.57
N SER A 112 5.41 10.80 -6.05
CA SER A 112 6.85 10.79 -5.82
C SER A 112 7.54 11.87 -6.64
N VAL A 113 8.32 12.71 -5.96
CA VAL A 113 9.03 13.79 -6.63
C VAL A 113 9.85 13.27 -7.81
N ASP A 114 10.31 12.02 -7.69
CA ASP A 114 11.11 11.41 -8.73
C ASP A 114 10.92 9.89 -8.73
N SER A 115 10.77 9.32 -9.92
CA SER A 115 10.57 7.88 -10.06
C SER A 115 11.02 7.40 -11.44
N SER A 116 11.41 6.12 -11.51
CA SER A 116 11.87 5.55 -12.76
C SER A 116 10.71 5.35 -13.73
N GLY A 117 11.00 4.72 -14.87
CA GLY A 117 9.97 4.48 -15.86
C GLY A 117 8.77 3.74 -15.29
N ARG A 118 7.65 3.79 -16.00
CA ARG A 118 6.44 3.12 -15.56
C ARG A 118 6.43 1.65 -15.99
N ILE A 119 5.51 0.88 -15.41
CA ILE A 119 5.40 -0.54 -15.73
C ILE A 119 5.07 -0.74 -17.21
N VAL A 120 6.01 -1.29 -17.95
CA VAL A 120 5.82 -1.55 -19.38
C VAL A 120 5.64 -3.04 -19.64
N THR A 121 4.53 -3.59 -19.17
CA THR A 121 4.24 -5.00 -19.37
C THR A 121 3.33 -5.22 -20.57
N LEU A 122 3.53 -4.42 -21.61
CA LEU A 122 2.74 -4.52 -22.82
C LEU A 122 3.43 -5.42 -23.85
N GLY A 1 -52.72 -40.98 10.88
CA GLY A 1 -51.34 -40.80 10.48
C GLY A 1 -51.19 -40.65 8.99
N SER A 2 -51.86 -39.65 8.42
CA SER A 2 -51.79 -39.40 6.99
C SER A 2 -51.45 -37.95 6.71
N PRO A 3 -50.21 -37.56 7.03
CA PRO A 3 -49.72 -36.19 6.82
C PRO A 3 -49.55 -35.86 5.35
N PHE A 4 -49.19 -34.60 5.06
CA PHE A 4 -48.99 -34.16 3.69
C PHE A 4 -47.52 -34.29 3.28
N ALA A 5 -47.30 -34.81 2.09
CA ALA A 5 -45.94 -34.98 1.58
C ALA A 5 -45.41 -33.69 0.96
N ASP A 6 -44.26 -33.25 1.44
CA ASP A 6 -43.64 -32.02 0.94
C ASP A 6 -42.98 -32.26 -0.42
N PRO A 7 -42.74 -31.17 -1.16
CA PRO A 7 -42.12 -31.23 -2.49
C PRO A 7 -40.65 -31.62 -2.41
N ASN A 8 -40.37 -32.91 -2.60
CA ASN A 8 -39.00 -33.41 -2.57
C ASN A 8 -38.43 -33.59 -3.97
N SER A 9 -38.37 -32.48 -4.71
CA SER A 9 -37.86 -32.52 -6.08
C SER A 9 -37.32 -31.15 -6.48
N LEU A 10 -36.48 -31.13 -7.51
CA LEU A 10 -35.90 -29.89 -8.01
C LEU A 10 -35.67 -29.95 -9.52
N ALA A 11 -35.58 -28.78 -10.14
CA ALA A 11 -35.37 -28.70 -11.59
C ALA A 11 -33.90 -28.43 -11.91
N LEU A 12 -33.43 -27.25 -11.50
CA LEU A 12 -32.04 -26.86 -11.75
C LEU A 12 -31.70 -25.56 -11.02
N ALA A 13 -30.68 -25.62 -10.18
CA ALA A 13 -30.26 -24.44 -9.42
C ALA A 13 -28.92 -24.69 -8.74
N ASN A 14 -27.91 -23.89 -9.09
CA ASN A 14 -26.58 -24.03 -8.50
C ASN A 14 -26.48 -23.21 -7.22
N VAL A 15 -25.56 -23.61 -6.34
CA VAL A 15 -25.35 -22.92 -5.08
C VAL A 15 -24.48 -21.68 -5.27
N PRO A 16 -24.92 -20.56 -4.68
CA PRO A 16 -24.20 -19.29 -4.77
C PRO A 16 -22.89 -19.30 -3.99
N LEU A 17 -22.20 -18.17 -3.96
CA LEU A 17 -20.93 -18.06 -3.24
C LEU A 17 -20.97 -16.89 -2.25
N SER A 18 -21.27 -17.20 -1.00
CA SER A 18 -21.34 -16.17 0.04
C SER A 18 -19.96 -15.59 0.31
N ARG A 19 -19.90 -14.63 1.24
CA ARG A 19 -18.64 -13.99 1.59
C ARG A 19 -18.48 -13.91 3.11
N SER A 20 -19.09 -14.85 3.81
CA SER A 20 -19.02 -14.88 5.27
C SER A 20 -17.88 -15.78 5.75
N LYS A 21 -17.51 -15.64 7.01
CA LYS A 21 -16.43 -16.44 7.59
C LYS A 21 -16.52 -16.45 9.11
N ARG A 22 -16.34 -17.63 9.70
CA ARG A 22 -16.40 -17.78 11.15
C ARG A 22 -15.11 -18.39 11.68
N PRO A 23 -14.04 -17.58 11.69
CA PRO A 23 -12.72 -18.01 12.18
C PRO A 23 -12.71 -18.23 13.69
N ASP A 24 -11.89 -19.17 14.15
CA ASP A 24 -11.78 -19.46 15.57
C ASP A 24 -10.36 -19.21 16.06
N PHE A 25 -9.97 -17.94 16.08
CA PHE A 25 -8.63 -17.56 16.54
C PHE A 25 -8.52 -16.05 16.72
N GLY A 26 -7.62 -15.63 17.61
CA GLY A 26 -7.44 -14.21 17.87
C GLY A 26 -6.08 -13.72 17.43
N GLN A 27 -5.99 -13.25 16.19
CA GLN A 27 -4.73 -12.74 15.66
C GLN A 27 -4.84 -11.27 15.30
N ARG A 28 -4.11 -10.43 16.03
CA ARG A 28 -4.12 -8.99 15.79
C ARG A 28 -2.96 -8.57 14.89
N ARG A 29 -2.48 -9.51 14.08
CA ARG A 29 -1.36 -9.24 13.18
C ARG A 29 -1.48 -10.08 11.92
N ILE A 30 -1.71 -9.41 10.79
CA ILE A 30 -1.84 -10.09 9.51
C ILE A 30 -0.71 -9.71 8.56
N ARG A 31 -0.27 -10.66 7.75
CA ARG A 31 0.81 -10.41 6.79
C ARG A 31 0.26 -10.36 5.36
N ARG A 32 -0.91 -10.96 5.16
CA ARG A 32 -1.53 -10.97 3.85
C ARG A 32 -2.27 -9.66 3.57
N PRO A 33 -2.52 -9.39 2.28
CA PRO A 33 -3.22 -8.18 1.85
C PRO A 33 -4.69 -8.18 2.24
N PHE A 34 -5.43 -7.20 1.74
CA PHE A 34 -6.85 -7.10 2.04
C PHE A 34 -7.70 -7.40 0.80
N THR A 35 -8.99 -7.64 1.02
CA THR A 35 -9.90 -7.94 -0.07
C THR A 35 -9.83 -6.89 -1.16
N VAL A 36 -10.18 -7.28 -2.39
CA VAL A 36 -10.16 -6.36 -3.51
C VAL A 36 -10.95 -5.09 -3.21
N ALA A 37 -12.10 -5.26 -2.58
CA ALA A 37 -12.95 -4.13 -2.24
C ALA A 37 -12.35 -3.32 -1.09
N GLU A 38 -11.86 -4.01 -0.08
CA GLU A 38 -11.25 -3.35 1.07
C GLU A 38 -10.05 -2.51 0.65
N VAL A 39 -9.15 -3.12 -0.12
CA VAL A 39 -7.96 -2.45 -0.60
C VAL A 39 -8.31 -1.36 -1.61
N GLU A 40 -9.37 -1.59 -2.37
CA GLU A 40 -9.81 -0.64 -3.37
C GLU A 40 -10.17 0.70 -2.73
N LEU A 41 -11.04 0.66 -1.73
CA LEU A 41 -11.46 1.87 -1.03
C LEU A 41 -10.30 2.49 -0.26
N LEU A 42 -9.46 1.63 0.32
CA LEU A 42 -8.32 2.08 1.09
C LEU A 42 -7.36 2.89 0.22
N VAL A 43 -6.72 2.22 -0.73
CA VAL A 43 -5.79 2.88 -1.63
C VAL A 43 -6.43 4.09 -2.32
N GLU A 44 -7.68 3.91 -2.76
CA GLU A 44 -8.40 4.99 -3.43
C GLU A 44 -8.59 6.18 -2.50
N ALA A 45 -8.67 5.91 -1.21
CA ALA A 45 -8.85 6.94 -0.21
C ALA A 45 -7.55 7.73 0.00
N VAL A 46 -6.46 7.02 0.24
CA VAL A 46 -5.16 7.64 0.45
C VAL A 46 -4.62 8.25 -0.84
N GLU A 47 -4.98 7.63 -1.96
CA GLU A 47 -4.53 8.10 -3.27
C GLU A 47 -5.20 9.42 -3.64
N HIS A 48 -6.51 9.50 -3.38
CA HIS A 48 -7.27 10.71 -3.68
C HIS A 48 -6.66 11.92 -3.00
N LEU A 49 -5.95 11.69 -1.90
CA LEU A 49 -5.31 12.77 -1.15
C LEU A 49 -3.80 12.75 -1.36
N GLY A 50 -3.28 11.64 -1.88
CA GLY A 50 -1.86 11.52 -2.12
C GLY A 50 -1.19 10.56 -1.16
N THR A 51 -0.51 11.10 -0.15
CA THR A 51 0.19 10.29 0.84
C THR A 51 -0.15 10.74 2.25
N GLY A 52 -0.25 12.06 2.44
CA GLY A 52 -0.57 12.60 3.76
C GLY A 52 -2.06 12.60 4.03
N ARG A 53 -2.48 13.44 4.99
CA ARG A 53 -3.89 13.53 5.34
C ARG A 53 -4.42 12.20 5.85
N TRP A 54 -3.70 11.61 6.80
CA TRP A 54 -4.09 10.32 7.36
C TRP A 54 -5.54 10.36 7.83
N ARG A 55 -6.00 11.53 8.24
CA ARG A 55 -7.38 11.70 8.70
C ARG A 55 -8.35 11.72 7.53
N ASP A 56 -7.99 12.46 6.48
CA ASP A 56 -8.83 12.56 5.30
C ASP A 56 -9.11 11.19 4.70
N VAL A 57 -8.05 10.40 4.53
CA VAL A 57 -8.17 9.07 3.97
C VAL A 57 -8.90 8.13 4.92
N LYS A 58 -8.68 8.33 6.22
CA LYS A 58 -9.33 7.51 7.24
C LYS A 58 -10.86 7.57 7.10
N PHE A 59 -11.38 8.77 6.89
CA PHE A 59 -12.82 8.96 6.75
C PHE A 59 -13.25 8.74 5.30
N ARG A 60 -12.49 9.31 4.37
CA ARG A 60 -12.80 9.16 2.94
C ARG A 60 -12.99 7.70 2.57
N ALA A 61 -12.17 6.83 3.15
CA ALA A 61 -12.24 5.41 2.88
C ALA A 61 -13.54 4.81 3.40
N PHE A 62 -13.66 4.75 4.73
CA PHE A 62 -14.86 4.21 5.36
C PHE A 62 -14.79 4.36 6.88
N GLU A 63 -15.48 5.36 7.40
CA GLU A 63 -15.49 5.62 8.84
C GLU A 63 -16.23 4.50 9.58
N ASN A 64 -16.90 3.64 8.83
CA ASN A 64 -17.65 2.54 9.41
C ASN A 64 -16.71 1.48 10.00
N VAL A 65 -15.79 1.00 9.17
CA VAL A 65 -14.83 -0.01 9.61
C VAL A 65 -14.00 0.51 10.78
N HIS A 66 -14.42 0.15 11.99
CA HIS A 66 -13.71 0.57 13.20
C HIS A 66 -12.34 -0.08 13.28
N HIS A 67 -12.24 -1.31 12.77
CA HIS A 67 -10.97 -2.04 12.79
C HIS A 67 -9.93 -1.33 11.94
N ARG A 68 -10.38 -0.41 11.10
CA ARG A 68 -9.48 0.34 10.23
C ARG A 68 -9.20 1.73 10.81
N THR A 69 -7.92 2.05 10.97
CA THR A 69 -7.52 3.35 11.52
C THR A 69 -6.76 4.16 10.48
N TYR A 70 -6.70 5.47 10.69
CA TYR A 70 -5.99 6.36 9.77
C TYR A 70 -4.59 5.83 9.46
N VAL A 71 -3.88 5.42 10.51
CA VAL A 71 -2.54 4.89 10.36
C VAL A 71 -2.54 3.57 9.61
N ASP A 72 -3.60 2.80 9.79
CA ASP A 72 -3.74 1.50 9.12
C ASP A 72 -3.85 1.69 7.61
N LEU A 73 -4.64 2.67 7.20
CA LEU A 73 -4.84 2.95 5.79
C LEU A 73 -3.56 3.45 5.14
N LYS A 74 -2.92 4.42 5.77
CA LYS A 74 -1.66 4.97 5.27
C LYS A 74 -0.55 3.93 5.28
N ASP A 75 -0.48 3.17 6.37
CA ASP A 75 0.54 2.12 6.50
C ASP A 75 0.29 0.99 5.52
N LYS A 76 -0.98 0.66 5.32
CA LYS A 76 -1.36 -0.41 4.40
C LYS A 76 -0.93 -0.09 2.98
N TRP A 77 -1.25 1.12 2.53
CA TRP A 77 -0.90 1.54 1.18
C TRP A 77 0.61 1.55 1.00
N LYS A 78 1.32 2.13 1.96
CA LYS A 78 2.78 2.21 1.90
C LYS A 78 3.39 0.81 1.93
N THR A 79 2.93 -0.02 2.86
CA THR A 79 3.43 -1.38 2.98
C THR A 79 3.20 -2.18 1.70
N LEU A 80 1.97 -2.16 1.21
CA LEU A 80 1.62 -2.88 -0.01
C LEU A 80 2.44 -2.36 -1.20
N VAL A 81 2.77 -1.07 -1.16
CA VAL A 81 3.54 -0.45 -2.22
C VAL A 81 4.96 -1.01 -2.27
N HIS A 82 5.53 -1.26 -1.10
CA HIS A 82 6.88 -1.80 -1.00
C HIS A 82 6.93 -3.25 -1.48
N THR A 83 5.92 -4.03 -1.08
CA THR A 83 5.86 -5.43 -1.47
C THR A 83 5.42 -5.58 -2.93
N ALA A 84 4.65 -4.61 -3.41
CA ALA A 84 4.17 -4.63 -4.78
C ALA A 84 5.19 -4.00 -5.73
N SER A 85 6.21 -3.39 -5.16
CA SER A 85 7.25 -2.73 -5.96
C SER A 85 8.51 -3.60 -6.01
N ILE A 86 8.79 -4.30 -4.91
CA ILE A 86 9.96 -5.16 -4.84
C ILE A 86 9.99 -6.15 -5.99
N ALA A 87 11.08 -6.90 -6.09
CA ALA A 87 11.24 -7.88 -7.15
C ALA A 87 10.04 -8.81 -7.22
N PRO A 88 9.85 -9.48 -8.37
CA PRO A 88 8.75 -10.41 -8.60
C PRO A 88 8.89 -11.68 -7.78
N GLN A 89 10.13 -12.08 -7.54
CA GLN A 89 10.41 -13.29 -6.77
C GLN A 89 9.85 -13.18 -5.35
N GLN A 90 9.57 -11.95 -4.93
CA GLN A 90 9.03 -11.71 -3.60
C GLN A 90 7.68 -11.00 -3.67
N ARG A 91 7.03 -11.10 -4.83
CA ARG A 91 5.74 -10.47 -5.03
C ARG A 91 4.61 -11.40 -4.60
N ARG A 92 4.98 -12.52 -3.98
CA ARG A 92 4.00 -13.49 -3.51
C ARG A 92 2.93 -12.82 -2.66
N GLY A 93 1.83 -13.54 -2.41
CA GLY A 93 0.76 -13.00 -1.60
C GLY A 93 -0.59 -13.59 -1.97
N ALA A 94 -1.66 -12.91 -1.58
CA ALA A 94 -3.01 -13.37 -1.87
C ALA A 94 -3.33 -13.21 -3.35
N PRO A 95 -4.34 -13.96 -3.82
CA PRO A 95 -4.78 -13.92 -5.22
C PRO A 95 -5.46 -12.60 -5.58
N VAL A 96 -4.66 -11.57 -5.81
CA VAL A 96 -5.18 -10.25 -6.17
C VAL A 96 -4.73 -9.84 -7.57
N PRO A 97 -5.59 -9.07 -8.26
CA PRO A 97 -5.30 -8.59 -9.61
C PRO A 97 -4.19 -7.54 -9.64
N GLN A 98 -3.32 -7.64 -10.62
CA GLN A 98 -2.20 -6.70 -10.76
C GLN A 98 -2.69 -5.26 -10.72
N GLU A 99 -3.94 -5.07 -11.14
CA GLU A 99 -4.53 -3.73 -11.15
C GLU A 99 -4.36 -3.04 -9.80
N LEU A 100 -4.39 -3.84 -8.73
CA LEU A 100 -4.24 -3.31 -7.38
C LEU A 100 -2.86 -2.68 -7.19
N LEU A 101 -1.82 -3.38 -7.63
CA LEU A 101 -0.45 -2.89 -7.52
C LEU A 101 -0.19 -1.78 -8.53
N ASP A 102 -0.95 -1.79 -9.61
CA ASP A 102 -0.79 -0.77 -10.65
C ASP A 102 -1.28 0.59 -10.16
N ARG A 103 -2.37 0.58 -9.42
CA ARG A 103 -2.94 1.82 -8.88
C ARG A 103 -2.13 2.32 -7.70
N VAL A 104 -1.75 1.41 -6.82
CA VAL A 104 -0.96 1.75 -5.64
C VAL A 104 0.42 2.26 -6.02
N LEU A 105 1.06 1.55 -6.94
CA LEU A 105 2.40 1.94 -7.40
C LEU A 105 2.35 3.24 -8.18
N ALA A 106 1.45 3.30 -9.16
CA ALA A 106 1.30 4.49 -9.98
C ALA A 106 1.15 5.74 -9.12
N ALA A 107 0.24 5.68 -8.16
CA ALA A 107 0.00 6.81 -7.26
C ALA A 107 1.25 7.14 -6.44
N GLN A 108 1.89 6.11 -5.91
CA GLN A 108 3.11 6.29 -5.12
C GLN A 108 4.14 7.10 -5.88
N ALA A 109 4.35 6.75 -7.14
CA ALA A 109 5.32 7.44 -7.98
C ALA A 109 4.80 8.81 -8.39
N TYR A 110 3.56 8.86 -8.87
CA TYR A 110 2.95 10.10 -9.31
C TYR A 110 3.02 11.16 -8.20
N TRP A 111 2.73 10.73 -6.97
CA TRP A 111 2.76 11.64 -5.83
C TRP A 111 4.19 11.84 -5.34
N SER A 112 5.08 10.93 -5.72
CA SER A 112 6.48 11.02 -5.31
C SER A 112 7.07 12.37 -5.69
N VAL A 113 7.68 13.04 -4.70
CA VAL A 113 8.28 14.34 -4.93
C VAL A 113 9.72 14.19 -5.42
N ASP A 114 10.60 13.76 -4.53
CA ASP A 114 12.02 13.58 -4.87
C ASP A 114 12.47 12.15 -4.57
N SER A 115 13.41 11.66 -5.37
CA SER A 115 13.93 10.31 -5.19
C SER A 115 15.13 10.31 -4.26
N SER A 116 15.00 9.64 -3.12
CA SER A 116 16.08 9.56 -2.14
C SER A 116 16.60 8.13 -2.02
N GLY A 117 17.87 7.99 -1.67
CA GLY A 117 18.47 6.68 -1.52
C GLY A 117 17.89 5.91 -0.35
N ARG A 118 18.05 4.60 -0.38
CA ARG A 118 17.53 3.75 0.69
C ARG A 118 18.59 3.53 1.77
N ILE A 119 18.17 2.97 2.90
CA ILE A 119 19.08 2.71 4.01
C ILE A 119 20.17 1.73 3.60
N VAL A 120 19.88 0.91 2.61
CA VAL A 120 20.83 -0.08 2.13
C VAL A 120 21.39 -0.92 3.27
N THR A 121 20.50 -1.46 4.09
CA THR A 121 20.90 -2.29 5.23
C THR A 121 20.99 -3.76 4.83
N LEU A 122 20.24 -4.14 3.80
CA LEU A 122 20.24 -5.52 3.32
C LEU A 122 21.66 -5.97 2.99
N GLY A 1 -20.99 11.67 80.36
CA GLY A 1 -20.85 12.58 79.25
C GLY A 1 -19.85 12.10 78.22
N SER A 2 -20.34 11.78 77.02
CA SER A 2 -19.47 11.29 75.95
C SER A 2 -19.90 11.87 74.61
N PRO A 3 -18.98 11.83 73.63
CA PRO A 3 -19.25 12.34 72.28
C PRO A 3 -20.24 11.46 71.51
N PHE A 4 -21.03 12.10 70.65
CA PHE A 4 -22.02 11.38 69.85
C PHE A 4 -22.65 12.29 68.81
N ALA A 5 -23.15 11.71 67.74
CA ALA A 5 -23.78 12.47 66.67
C ALA A 5 -22.83 13.53 66.11
N ASP A 6 -21.56 13.16 65.97
CA ASP A 6 -20.55 14.09 65.45
C ASP A 6 -20.65 14.20 63.93
N PRO A 7 -20.09 15.28 63.38
CA PRO A 7 -20.10 15.53 61.93
C PRO A 7 -19.21 14.55 61.17
N ASN A 8 -19.32 14.56 59.84
CA ASN A 8 -18.53 13.67 59.00
C ASN A 8 -18.31 14.29 57.62
N SER A 9 -17.09 14.17 57.12
CA SER A 9 -16.74 14.72 55.80
C SER A 9 -15.98 13.69 54.97
N LEU A 10 -16.50 13.40 53.78
CA LEU A 10 -15.87 12.43 52.88
C LEU A 10 -16.49 12.49 51.50
N ALA A 11 -15.73 12.96 50.52
CA ALA A 11 -16.21 13.06 49.15
C ALA A 11 -15.04 13.18 48.17
N LEU A 12 -14.83 12.12 47.39
CA LEU A 12 -13.76 12.10 46.41
C LEU A 12 -14.30 12.13 44.99
N ALA A 13 -13.77 13.01 44.16
CA ALA A 13 -14.20 13.13 42.78
C ALA A 13 -13.02 13.04 41.82
N ASN A 14 -13.13 12.16 40.83
CA ASN A 14 -12.06 11.97 39.85
C ASN A 14 -12.57 12.29 38.44
N VAL A 15 -11.77 13.03 37.68
CA VAL A 15 -12.12 13.40 36.32
C VAL A 15 -11.35 12.57 35.30
N PRO A 16 -12.07 12.04 34.31
CA PRO A 16 -11.48 11.23 33.24
C PRO A 16 -10.59 12.04 32.31
N LEU A 17 -9.58 11.38 31.76
CA LEU A 17 -8.65 12.04 30.84
C LEU A 17 -8.51 11.25 29.55
N SER A 18 -8.31 11.97 28.44
CA SER A 18 -8.16 11.33 27.14
C SER A 18 -6.93 11.86 26.42
N ARG A 19 -6.19 10.96 25.77
CA ARG A 19 -4.98 11.35 25.04
C ARG A 19 -4.76 10.43 23.84
N SER A 20 -4.71 11.02 22.66
CA SER A 20 -4.51 10.25 21.43
C SER A 20 -3.03 9.90 21.23
N LYS A 21 -2.74 8.62 21.16
CA LYS A 21 -1.37 8.15 20.98
C LYS A 21 -1.30 7.10 19.88
N ARG A 22 -0.09 6.87 19.36
CA ARG A 22 0.11 5.90 18.30
C ARG A 22 1.29 4.98 18.62
N PRO A 23 1.30 3.78 18.00
CA PRO A 23 2.35 2.79 18.21
C PRO A 23 3.69 3.23 17.62
N ASP A 24 3.62 4.02 16.56
CA ASP A 24 4.83 4.51 15.89
C ASP A 24 5.75 3.35 15.54
N PHE A 25 5.18 2.19 15.30
CA PHE A 25 5.96 1.01 14.95
C PHE A 25 5.65 0.55 13.53
N GLY A 26 6.69 0.06 12.83
CA GLY A 26 6.51 -0.40 11.47
C GLY A 26 7.04 -1.80 11.27
N GLN A 27 6.16 -2.72 10.86
CA GLN A 27 6.55 -4.10 10.63
C GLN A 27 6.23 -4.52 9.21
N ARG A 28 7.21 -5.11 8.53
CA ARG A 28 7.04 -5.56 7.15
C ARG A 28 6.67 -7.05 7.11
N ARG A 29 6.07 -7.54 8.19
CA ARG A 29 5.67 -8.93 8.27
C ARG A 29 4.44 -9.21 7.41
N ILE A 30 3.93 -10.43 7.48
CA ILE A 30 2.77 -10.82 6.71
C ILE A 30 1.49 -10.27 7.35
N ARG A 31 0.57 -9.80 6.51
CA ARG A 31 -0.70 -9.26 6.99
C ARG A 31 -1.84 -10.22 6.71
N ARG A 32 -3.05 -9.83 7.12
CA ARG A 32 -4.23 -10.67 6.91
C ARG A 32 -4.75 -10.52 5.49
N PRO A 33 -5.56 -11.49 5.05
CA PRO A 33 -6.14 -11.49 3.70
C PRO A 33 -7.20 -10.42 3.53
N PHE A 34 -7.08 -9.64 2.46
CA PHE A 34 -8.02 -8.57 2.18
C PHE A 34 -8.77 -8.83 0.87
N THR A 35 -9.88 -8.12 0.68
CA THR A 35 -10.69 -8.28 -0.53
C THR A 35 -10.50 -7.08 -1.47
N VAL A 36 -10.76 -7.31 -2.75
CA VAL A 36 -10.63 -6.24 -3.75
C VAL A 36 -11.40 -5.00 -3.33
N ALA A 37 -12.53 -5.20 -2.66
CA ALA A 37 -13.35 -4.09 -2.21
C ALA A 37 -12.67 -3.33 -1.06
N GLU A 38 -12.20 -4.08 -0.07
CA GLU A 38 -11.53 -3.49 1.08
C GLU A 38 -10.26 -2.76 0.65
N VAL A 39 -9.44 -3.43 -0.14
CA VAL A 39 -8.19 -2.85 -0.62
C VAL A 39 -8.45 -1.63 -1.48
N GLU A 40 -9.51 -1.69 -2.28
CA GLU A 40 -9.87 -0.58 -3.15
C GLU A 40 -10.17 0.68 -2.34
N LEU A 41 -11.05 0.55 -1.36
CA LEU A 41 -11.43 1.67 -0.51
C LEU A 41 -10.22 2.24 0.22
N LEU A 42 -9.36 1.34 0.71
CA LEU A 42 -8.16 1.75 1.43
C LEU A 42 -7.23 2.54 0.52
N VAL A 43 -6.79 1.92 -0.57
CA VAL A 43 -5.89 2.57 -1.52
C VAL A 43 -6.49 3.87 -2.02
N GLU A 44 -7.79 3.87 -2.30
CA GLU A 44 -8.47 5.05 -2.79
C GLU A 44 -8.45 6.17 -1.74
N ALA A 45 -8.52 5.77 -0.47
CA ALA A 45 -8.50 6.73 0.62
C ALA A 45 -7.20 7.52 0.65
N VAL A 46 -6.08 6.80 0.60
CA VAL A 46 -4.76 7.43 0.62
C VAL A 46 -4.43 8.02 -0.74
N GLU A 47 -4.95 7.41 -1.80
CA GLU A 47 -4.69 7.88 -3.15
C GLU A 47 -5.42 9.20 -3.42
N HIS A 48 -6.71 9.24 -3.11
CA HIS A 48 -7.52 10.43 -3.30
C HIS A 48 -6.87 11.64 -2.64
N LEU A 49 -6.20 11.40 -1.52
CA LEU A 49 -5.53 12.47 -0.78
C LEU A 49 -4.02 12.40 -0.96
N GLY A 50 -3.57 11.49 -1.83
CA GLY A 50 -2.15 11.34 -2.07
C GLY A 50 -1.36 11.15 -0.79
N THR A 51 -0.70 12.21 -0.35
CA THR A 51 0.11 12.15 0.87
C THR A 51 -0.14 13.37 1.75
N GLY A 52 -1.24 13.36 2.49
CA GLY A 52 -1.57 14.47 3.36
C GLY A 52 -2.13 14.02 4.70
N ARG A 53 -3.18 14.68 5.16
CA ARG A 53 -3.80 14.35 6.43
C ARG A 53 -4.30 12.91 6.43
N TRP A 54 -3.88 12.14 7.43
CA TRP A 54 -4.29 10.75 7.55
C TRP A 54 -5.76 10.63 7.93
N ARG A 55 -6.23 11.60 8.71
CA ARG A 55 -7.63 11.60 9.15
C ARG A 55 -8.58 11.56 7.95
N ASP A 56 -8.30 12.40 6.95
CA ASP A 56 -9.13 12.46 5.75
C ASP A 56 -9.20 11.10 5.08
N VAL A 57 -8.12 10.33 5.19
CA VAL A 57 -8.05 9.00 4.58
C VAL A 57 -8.98 8.03 5.31
N LYS A 58 -8.91 8.03 6.63
CA LYS A 58 -9.73 7.14 7.45
C LYS A 58 -11.21 7.48 7.29
N PHE A 59 -11.49 8.75 6.98
CA PHE A 59 -12.86 9.20 6.80
C PHE A 59 -13.33 8.96 5.37
N ARG A 60 -12.49 9.30 4.41
CA ARG A 60 -12.83 9.12 3.01
C ARG A 60 -12.81 7.64 2.63
N ALA A 61 -12.00 6.86 3.33
CA ALA A 61 -11.89 5.44 3.08
C ALA A 61 -13.27 4.77 3.06
N PHE A 62 -13.87 4.64 4.24
CA PHE A 62 -15.19 4.03 4.35
C PHE A 62 -15.99 4.66 5.49
N GLU A 63 -15.31 4.95 6.59
CA GLU A 63 -15.95 5.57 7.75
C GLU A 63 -17.22 4.81 8.13
N ASN A 64 -17.21 3.50 7.89
CA ASN A 64 -18.37 2.66 8.20
C ASN A 64 -17.93 1.38 8.90
N VAL A 65 -16.86 0.77 8.39
CA VAL A 65 -16.33 -0.46 8.97
C VAL A 65 -15.25 -0.18 10.00
N HIS A 66 -15.32 -0.86 11.14
CA HIS A 66 -14.34 -0.68 12.20
C HIS A 66 -13.10 -1.52 11.94
N HIS A 67 -12.23 -1.61 12.95
CA HIS A 67 -11.00 -2.39 12.83
C HIS A 67 -10.08 -1.79 11.77
N ARG A 68 -9.72 -0.53 11.94
CA ARG A 68 -8.85 0.16 11.00
C ARG A 68 -8.57 1.59 11.45
N THR A 69 -7.31 1.97 11.42
CA THR A 69 -6.91 3.32 11.82
C THR A 69 -6.20 4.05 10.69
N TYR A 70 -6.27 5.38 10.72
CA TYR A 70 -5.64 6.20 9.68
C TYR A 70 -4.19 5.77 9.47
N VAL A 71 -3.47 5.55 10.57
CA VAL A 71 -2.08 5.15 10.51
C VAL A 71 -1.94 3.78 9.83
N ASP A 72 -2.91 2.91 10.06
CA ASP A 72 -2.89 1.58 9.48
C ASP A 72 -3.08 1.64 7.96
N LEU A 73 -3.94 2.57 7.52
CA LEU A 73 -4.21 2.73 6.10
C LEU A 73 -2.97 3.21 5.35
N LYS A 74 -2.31 4.22 5.91
CA LYS A 74 -1.10 4.78 5.31
C LYS A 74 0.01 3.74 5.27
N ASP A 75 0.22 3.05 6.38
CA ASP A 75 1.25 2.02 6.46
C ASP A 75 0.91 0.84 5.56
N LYS A 76 -0.37 0.50 5.50
CA LYS A 76 -0.83 -0.61 4.68
C LYS A 76 -0.58 -0.34 3.20
N TRP A 77 -0.77 0.92 2.80
CA TRP A 77 -0.56 1.33 1.42
C TRP A 77 0.91 1.26 1.04
N LYS A 78 1.75 1.88 1.85
CA LYS A 78 3.19 1.89 1.60
C LYS A 78 3.74 0.47 1.49
N THR A 79 3.35 -0.39 2.41
CA THR A 79 3.79 -1.77 2.41
C THR A 79 3.36 -2.49 1.14
N LEU A 80 2.06 -2.41 0.84
CA LEU A 80 1.51 -3.05 -0.35
C LEU A 80 2.22 -2.55 -1.61
N VAL A 81 2.66 -1.29 -1.58
CA VAL A 81 3.35 -0.70 -2.71
C VAL A 81 4.70 -1.37 -2.94
N HIS A 82 5.48 -1.51 -1.87
CA HIS A 82 6.80 -2.13 -1.95
C HIS A 82 6.68 -3.56 -2.48
N THR A 83 5.72 -4.31 -1.95
CA THR A 83 5.52 -5.69 -2.37
C THR A 83 5.02 -5.77 -3.80
N ALA A 84 4.28 -4.75 -4.22
CA ALA A 84 3.73 -4.70 -5.57
C ALA A 84 4.79 -4.21 -6.57
N SER A 85 5.91 -3.72 -6.04
CA SER A 85 6.99 -3.23 -6.89
C SER A 85 8.11 -4.25 -6.99
N ILE A 86 8.19 -5.13 -6.00
CA ILE A 86 9.23 -6.17 -5.97
C ILE A 86 8.80 -7.38 -6.80
N ALA A 87 9.60 -8.44 -6.73
CA ALA A 87 9.31 -9.66 -7.46
C ALA A 87 8.68 -10.71 -6.55
N PRO A 88 8.00 -11.70 -7.15
CA PRO A 88 7.35 -12.78 -6.41
C PRO A 88 8.35 -13.73 -5.76
N GLN A 89 9.52 -13.83 -6.37
CA GLN A 89 10.56 -14.71 -5.85
C GLN A 89 11.11 -14.18 -4.52
N GLN A 90 10.99 -12.88 -4.32
CA GLN A 90 11.48 -12.25 -3.10
C GLN A 90 10.39 -12.21 -2.03
N ARG A 91 9.13 -12.10 -2.48
CA ARG A 91 8.00 -12.06 -1.56
C ARG A 91 6.69 -11.98 -2.33
N ARG A 92 5.96 -13.10 -2.37
CA ARG A 92 4.69 -13.15 -3.07
C ARG A 92 3.66 -12.25 -2.40
N GLY A 93 2.74 -11.72 -3.20
CA GLY A 93 1.71 -10.85 -2.67
C GLY A 93 0.34 -11.49 -2.68
N ALA A 94 -0.58 -10.96 -1.86
CA ALA A 94 -1.93 -11.49 -1.79
C ALA A 94 -2.56 -11.60 -3.16
N PRO A 95 -3.61 -12.43 -3.27
CA PRO A 95 -4.32 -12.65 -4.53
C PRO A 95 -5.12 -11.43 -4.96
N VAL A 96 -4.42 -10.43 -5.51
CA VAL A 96 -5.06 -9.21 -5.97
C VAL A 96 -4.79 -8.96 -7.45
N PRO A 97 -5.68 -8.21 -8.10
CA PRO A 97 -5.56 -7.88 -9.53
C PRO A 97 -4.40 -6.93 -9.80
N GLN A 98 -3.94 -6.92 -11.05
CA GLN A 98 -2.82 -6.06 -11.45
C GLN A 98 -3.20 -4.59 -11.30
N GLU A 99 -4.48 -4.28 -11.48
CA GLU A 99 -4.96 -2.92 -11.37
C GLU A 99 -4.61 -2.32 -10.01
N LEU A 100 -4.77 -3.12 -8.96
CA LEU A 100 -4.46 -2.67 -7.61
C LEU A 100 -3.01 -2.24 -7.50
N LEU A 101 -2.11 -3.03 -8.06
CA LEU A 101 -0.68 -2.73 -8.03
C LEU A 101 -0.35 -1.57 -8.97
N ASP A 102 -1.17 -1.40 -10.00
CA ASP A 102 -0.97 -0.34 -10.98
C ASP A 102 -1.41 1.00 -10.41
N ARG A 103 -2.50 1.00 -9.65
CA ARG A 103 -3.02 2.23 -9.05
C ARG A 103 -2.13 2.69 -7.90
N VAL A 104 -1.62 1.73 -7.13
CA VAL A 104 -0.76 2.03 -5.99
C VAL A 104 0.62 2.46 -6.47
N LEU A 105 1.12 1.81 -7.51
CA LEU A 105 2.44 2.12 -8.06
C LEU A 105 2.42 3.45 -8.80
N ALA A 106 1.43 3.62 -9.67
CA ALA A 106 1.30 4.85 -10.44
C ALA A 106 1.07 6.04 -9.52
N ALA A 107 0.20 5.89 -8.53
CA ALA A 107 -0.11 6.95 -7.59
C ALA A 107 1.12 7.28 -6.73
N GLN A 108 1.83 6.26 -6.31
CA GLN A 108 3.02 6.45 -5.49
C GLN A 108 4.05 7.32 -6.21
N ALA A 109 4.36 6.96 -7.45
CA ALA A 109 5.32 7.71 -8.25
C ALA A 109 4.76 9.06 -8.65
N TYR A 110 3.46 9.12 -8.89
CA TYR A 110 2.79 10.36 -9.29
C TYR A 110 2.84 11.39 -8.16
N TRP A 111 2.59 10.93 -6.95
CA TRP A 111 2.60 11.81 -5.78
C TRP A 111 4.02 12.10 -5.34
N SER A 112 4.96 11.26 -5.77
CA SER A 112 6.36 11.42 -5.40
C SER A 112 7.00 12.55 -6.22
N VAL A 113 8.06 13.14 -5.67
CA VAL A 113 8.76 14.22 -6.34
C VAL A 113 9.19 13.82 -7.75
N ASP A 114 9.54 12.55 -7.91
CA ASP A 114 9.96 12.04 -9.21
C ASP A 114 9.49 10.59 -9.40
N SER A 115 9.10 10.28 -10.63
CA SER A 115 8.61 8.93 -10.95
C SER A 115 9.69 7.89 -10.68
N SER A 116 9.29 6.62 -10.67
CA SER A 116 10.22 5.53 -10.43
C SER A 116 10.33 4.61 -11.64
N GLY A 117 11.00 3.48 -11.47
CA GLY A 117 11.16 2.53 -12.55
C GLY A 117 9.83 2.02 -13.07
N ARG A 118 9.83 1.54 -14.31
CA ARG A 118 8.61 1.02 -14.93
C ARG A 118 8.07 -0.17 -14.14
N ILE A 119 7.13 -0.88 -14.75
CA ILE A 119 6.53 -2.05 -14.10
C ILE A 119 7.11 -3.34 -14.67
N VAL A 120 8.06 -3.93 -13.94
CA VAL A 120 8.70 -5.17 -14.37
C VAL A 120 8.36 -6.31 -13.41
N THR A 121 7.33 -7.08 -13.75
CA THR A 121 6.91 -8.20 -12.92
C THR A 121 7.73 -9.44 -13.21
N LEU A 122 8.26 -9.52 -14.43
CA LEU A 122 9.08 -10.66 -14.83
C LEU A 122 10.29 -10.82 -13.93
N GLY A 1 -72.20 -48.70 -4.98
CA GLY A 1 -71.10 -48.67 -4.04
C GLY A 1 -70.17 -47.48 -4.27
N SER A 2 -69.04 -47.73 -4.92
CA SER A 2 -68.08 -46.67 -5.19
C SER A 2 -67.52 -46.10 -3.89
N PRO A 3 -66.66 -46.88 -3.22
CA PRO A 3 -66.04 -46.46 -1.96
C PRO A 3 -65.03 -45.33 -2.14
N PHE A 4 -64.84 -44.53 -1.10
CA PHE A 4 -63.90 -43.42 -1.16
C PHE A 4 -62.50 -43.87 -0.74
N ALA A 5 -61.57 -43.85 -1.70
CA ALA A 5 -60.20 -44.24 -1.44
C ALA A 5 -59.30 -43.03 -1.25
N ASP A 6 -59.64 -41.93 -1.90
CA ASP A 6 -58.87 -40.70 -1.80
C ASP A 6 -59.66 -39.62 -1.08
N PRO A 7 -58.94 -38.61 -0.55
CA PRO A 7 -59.57 -37.50 0.17
C PRO A 7 -60.36 -36.57 -0.74
N ASN A 8 -61.19 -35.72 -0.15
CA ASN A 8 -62.01 -34.79 -0.90
C ASN A 8 -61.35 -33.42 -0.99
N SER A 9 -60.03 -33.42 -1.17
CA SER A 9 -59.28 -32.17 -1.26
C SER A 9 -58.84 -31.91 -2.69
N LEU A 10 -59.30 -30.81 -3.26
CA LEU A 10 -58.95 -30.45 -4.63
C LEU A 10 -57.47 -30.11 -4.74
N ALA A 11 -57.09 -28.95 -4.19
CA ALA A 11 -55.70 -28.52 -4.23
C ALA A 11 -55.49 -27.28 -3.37
N LEU A 12 -54.23 -26.94 -3.11
CA LEU A 12 -53.90 -25.79 -2.29
C LEU A 12 -52.96 -24.84 -3.05
N ALA A 13 -53.52 -23.79 -3.62
CA ALA A 13 -52.74 -22.81 -4.37
C ALA A 13 -51.80 -22.05 -3.43
N ASN A 14 -50.50 -22.16 -3.69
CA ASN A 14 -49.50 -21.49 -2.88
C ASN A 14 -49.15 -20.12 -3.47
N VAL A 15 -49.14 -19.10 -2.62
CA VAL A 15 -48.83 -17.74 -3.06
C VAL A 15 -47.49 -17.28 -2.50
N PRO A 16 -46.84 -16.33 -3.20
CA PRO A 16 -45.55 -15.78 -2.78
C PRO A 16 -45.66 -14.92 -1.52
N LEU A 17 -45.08 -15.41 -0.44
CA LEU A 17 -45.11 -14.68 0.82
C LEU A 17 -43.78 -14.00 1.10
N SER A 18 -42.70 -14.77 1.00
CA SER A 18 -41.35 -14.24 1.22
C SER A 18 -40.79 -13.61 -0.05
N ARG A 19 -39.53 -13.21 0.02
CA ARG A 19 -38.87 -12.58 -1.13
C ARG A 19 -37.46 -13.14 -1.32
N SER A 20 -36.59 -12.89 -0.35
CA SER A 20 -35.21 -13.36 -0.41
C SER A 20 -34.56 -13.30 0.96
N LYS A 21 -33.29 -13.69 1.03
CA LYS A 21 -32.54 -13.67 2.28
C LYS A 21 -31.06 -13.40 2.02
N ARG A 22 -30.41 -12.78 2.99
CA ARG A 22 -28.99 -12.47 2.88
C ARG A 22 -28.30 -12.50 4.25
N PRO A 23 -28.16 -13.70 4.80
CA PRO A 23 -27.53 -13.90 6.11
C PRO A 23 -26.03 -13.63 6.07
N ASP A 24 -25.36 -13.87 7.21
CA ASP A 24 -23.93 -13.66 7.30
C ASP A 24 -23.36 -14.34 8.54
N PHE A 25 -22.19 -14.96 8.38
CA PHE A 25 -21.53 -15.65 9.49
C PHE A 25 -20.13 -15.10 9.72
N GLY A 26 -19.56 -15.41 10.88
CA GLY A 26 -18.24 -14.94 11.21
C GLY A 26 -17.83 -15.29 12.62
N GLN A 27 -16.70 -15.97 12.77
CA GLN A 27 -16.21 -16.37 14.08
C GLN A 27 -14.68 -16.25 14.15
N ARG A 28 -14.13 -16.58 15.30
CA ARG A 28 -12.67 -16.52 15.49
C ARG A 28 -11.99 -17.73 14.86
N ARG A 29 -11.98 -17.76 13.53
CA ARG A 29 -11.36 -18.87 12.80
C ARG A 29 -11.09 -18.47 11.35
N ILE A 30 -10.15 -19.18 10.72
CA ILE A 30 -9.81 -18.90 9.33
C ILE A 30 -9.62 -17.41 9.09
N ARG A 31 -8.39 -16.92 9.32
CA ARG A 31 -8.09 -15.51 9.13
C ARG A 31 -7.61 -15.25 7.70
N ARG A 32 -8.56 -14.93 6.82
CA ARG A 32 -8.25 -14.65 5.42
C ARG A 32 -7.67 -13.24 5.26
N PRO A 33 -6.96 -13.01 4.16
CA PRO A 33 -6.35 -11.71 3.86
C PRO A 33 -7.39 -10.65 3.51
N PHE A 34 -6.92 -9.43 3.26
CA PHE A 34 -7.81 -8.32 2.92
C PHE A 34 -8.62 -8.64 1.66
N THR A 35 -9.66 -7.86 1.43
CA THR A 35 -10.52 -8.06 0.27
C THR A 35 -10.12 -7.13 -0.87
N VAL A 36 -10.33 -7.58 -2.10
CA VAL A 36 -9.99 -6.78 -3.27
C VAL A 36 -10.59 -5.38 -3.18
N ALA A 37 -11.85 -5.31 -2.78
CA ALA A 37 -12.54 -4.04 -2.65
C ALA A 37 -12.01 -3.26 -1.45
N GLU A 38 -11.82 -3.95 -0.33
CA GLU A 38 -11.32 -3.32 0.89
C GLU A 38 -9.96 -2.66 0.64
N VAL A 39 -9.11 -3.34 -0.11
CA VAL A 39 -7.78 -2.82 -0.41
C VAL A 39 -7.86 -1.68 -1.42
N GLU A 40 -8.77 -1.80 -2.38
CA GLU A 40 -8.95 -0.77 -3.40
C GLU A 40 -9.41 0.54 -2.78
N LEU A 41 -10.25 0.44 -1.76
CA LEU A 41 -10.77 1.61 -1.07
C LEU A 41 -9.73 2.21 -0.14
N LEU A 42 -8.96 1.35 0.51
CA LEU A 42 -7.92 1.80 1.44
C LEU A 42 -6.85 2.60 0.69
N VAL A 43 -6.51 2.16 -0.51
CA VAL A 43 -5.51 2.84 -1.31
C VAL A 43 -6.06 4.13 -1.91
N GLU A 44 -7.34 4.08 -2.32
CA GLU A 44 -7.98 5.24 -2.91
C GLU A 44 -8.08 6.39 -1.90
N ALA A 45 -8.23 6.04 -0.63
CA ALA A 45 -8.33 7.02 0.43
C ALA A 45 -7.04 7.80 0.58
N VAL A 46 -5.92 7.08 0.65
CA VAL A 46 -4.60 7.70 0.80
C VAL A 46 -4.13 8.29 -0.52
N GLU A 47 -4.52 7.65 -1.63
CA GLU A 47 -4.13 8.12 -2.95
C GLU A 47 -4.87 9.40 -3.31
N HIS A 48 -6.18 9.42 -3.07
CA HIS A 48 -7.00 10.57 -3.38
C HIS A 48 -6.38 11.85 -2.80
N LEU A 49 -5.68 11.69 -1.67
CA LEU A 49 -5.04 12.83 -1.02
C LEU A 49 -3.54 12.84 -1.28
N GLY A 50 -3.02 11.71 -1.76
CA GLY A 50 -1.60 11.60 -2.05
C GLY A 50 -0.76 11.58 -0.79
N THR A 51 -0.50 12.75 -0.23
CA THR A 51 0.31 12.86 0.98
C THR A 51 -0.13 14.05 1.83
N GLY A 52 -1.41 14.08 2.19
CA GLY A 52 -1.93 15.15 3.00
C GLY A 52 -2.35 14.70 4.38
N ARG A 53 -3.59 15.00 4.75
CA ARG A 53 -4.11 14.62 6.05
C ARG A 53 -4.67 13.20 6.03
N TRP A 54 -4.27 12.39 7.00
CA TRP A 54 -4.72 11.00 7.09
C TRP A 54 -6.19 10.94 7.50
N ARG A 55 -6.66 11.99 8.18
CA ARG A 55 -8.04 12.06 8.62
C ARG A 55 -9.01 11.87 7.45
N ASP A 56 -8.71 12.53 6.34
CA ASP A 56 -9.54 12.45 5.15
C ASP A 56 -9.52 11.03 4.57
N VAL A 57 -8.43 10.33 4.80
CA VAL A 57 -8.28 8.96 4.31
C VAL A 57 -9.25 8.01 5.01
N LYS A 58 -9.25 8.06 6.34
CA LYS A 58 -10.12 7.20 7.13
C LYS A 58 -11.58 7.56 6.91
N PHE A 59 -11.85 8.84 6.68
CA PHE A 59 -13.21 9.31 6.45
C PHE A 59 -13.66 8.98 5.03
N ARG A 60 -12.79 9.24 4.06
CA ARG A 60 -13.10 8.97 2.66
C ARG A 60 -13.20 7.48 2.40
N ALA A 61 -12.30 6.72 3.02
CA ALA A 61 -12.28 5.27 2.86
C ALA A 61 -13.61 4.65 3.29
N PHE A 62 -13.86 4.65 4.59
CA PHE A 62 -15.10 4.09 5.12
C PHE A 62 -15.19 4.32 6.63
N GLU A 63 -15.89 5.38 7.02
CA GLU A 63 -16.05 5.70 8.43
C GLU A 63 -16.49 4.47 9.24
N ASN A 64 -15.59 4.00 10.10
CA ASN A 64 -15.88 2.83 10.92
C ASN A 64 -16.01 1.58 10.06
N VAL A 65 -15.13 1.46 9.07
CA VAL A 65 -15.14 0.30 8.17
C VAL A 65 -15.15 -1.00 8.96
N HIS A 66 -14.32 -1.08 9.99
CA HIS A 66 -14.24 -2.27 10.83
C HIS A 66 -13.21 -2.09 11.95
N HIS A 67 -13.34 -0.98 12.67
CA HIS A 67 -12.42 -0.68 13.77
C HIS A 67 -11.00 -0.50 13.26
N ARG A 68 -10.76 0.60 12.56
CA ARG A 68 -9.44 0.89 12.01
C ARG A 68 -9.02 2.32 12.34
N THR A 69 -7.79 2.67 11.95
CA THR A 69 -7.26 4.01 12.20
C THR A 69 -6.58 4.58 10.97
N TYR A 70 -6.66 5.89 10.80
CA TYR A 70 -6.05 6.56 9.66
C TYR A 70 -4.59 6.13 9.49
N VAL A 71 -3.88 6.01 10.62
CA VAL A 71 -2.48 5.61 10.60
C VAL A 71 -2.33 4.20 10.04
N ASP A 72 -3.28 3.34 10.36
CA ASP A 72 -3.25 1.95 9.89
C ASP A 72 -3.43 1.88 8.38
N LEU A 73 -4.30 2.75 7.87
CA LEU A 73 -4.57 2.80 6.43
C LEU A 73 -3.34 3.23 5.65
N LYS A 74 -2.69 4.29 6.13
CA LYS A 74 -1.49 4.80 5.48
C LYS A 74 -0.37 3.76 5.47
N ASP A 75 -0.17 3.12 6.62
CA ASP A 75 0.86 2.10 6.75
C ASP A 75 0.56 0.90 5.86
N LYS A 76 -0.73 0.56 5.75
CA LYS A 76 -1.16 -0.57 4.94
C LYS A 76 -0.84 -0.32 3.47
N TRP A 77 -1.06 0.91 3.02
CA TRP A 77 -0.80 1.27 1.63
C TRP A 77 0.69 1.22 1.32
N LYS A 78 1.50 1.74 2.25
CA LYS A 78 2.95 1.76 2.07
C LYS A 78 3.49 0.34 1.98
N THR A 79 2.97 -0.56 2.81
CA THR A 79 3.41 -1.94 2.82
C THR A 79 3.01 -2.65 1.52
N LEU A 80 1.74 -2.55 1.16
CA LEU A 80 1.23 -3.17 -0.05
C LEU A 80 1.98 -2.66 -1.28
N VAL A 81 2.41 -1.41 -1.23
CA VAL A 81 3.15 -0.80 -2.32
C VAL A 81 4.53 -1.42 -2.48
N HIS A 82 5.24 -1.55 -1.36
CA HIS A 82 6.58 -2.12 -1.37
C HIS A 82 6.55 -3.56 -1.89
N THR A 83 5.51 -4.30 -1.51
CA THR A 83 5.36 -5.69 -1.93
C THR A 83 4.94 -5.77 -3.40
N ALA A 84 4.21 -4.77 -3.85
CA ALA A 84 3.74 -4.73 -5.24
C ALA A 84 4.81 -4.15 -6.15
N SER A 85 5.89 -3.64 -5.56
CA SER A 85 6.99 -3.05 -6.33
C SER A 85 8.18 -3.98 -6.37
N ILE A 86 8.42 -4.68 -5.27
CA ILE A 86 9.54 -5.62 -5.18
C ILE A 86 9.53 -6.59 -6.35
N ALA A 87 10.60 -7.38 -6.46
CA ALA A 87 10.71 -8.37 -7.54
C ALA A 87 9.51 -9.31 -7.54
N PRO A 88 9.29 -9.98 -8.69
CA PRO A 88 8.18 -10.92 -8.85
C PRO A 88 8.38 -12.19 -8.03
N GLN A 89 9.61 -12.68 -7.99
CA GLN A 89 9.93 -13.89 -7.25
C GLN A 89 9.70 -13.68 -5.74
N GLN A 90 9.79 -12.44 -5.31
CA GLN A 90 9.60 -12.11 -3.90
C GLN A 90 8.12 -11.93 -3.59
N ARG A 91 7.34 -11.56 -4.60
CA ARG A 91 5.91 -11.36 -4.43
C ARG A 91 5.17 -12.69 -4.36
N ARG A 92 5.41 -13.45 -3.30
CA ARG A 92 4.77 -14.75 -3.12
C ARG A 92 3.71 -14.68 -2.03
N GLY A 93 2.47 -14.48 -2.43
CA GLY A 93 1.38 -14.40 -1.48
C GLY A 93 0.07 -14.91 -2.04
N ALA A 94 -0.99 -14.14 -1.85
CA ALA A 94 -2.31 -14.53 -2.35
C ALA A 94 -2.59 -13.90 -3.71
N PRO A 95 -3.56 -14.47 -4.45
CA PRO A 95 -3.95 -13.98 -5.77
C PRO A 95 -4.66 -12.64 -5.70
N VAL A 96 -3.95 -11.56 -6.07
CA VAL A 96 -4.53 -10.23 -6.05
C VAL A 96 -4.55 -9.62 -7.44
N PRO A 97 -5.44 -8.65 -7.65
CA PRO A 97 -5.59 -7.96 -8.95
C PRO A 97 -4.39 -7.07 -9.26
N GLN A 98 -3.80 -7.27 -10.43
CA GLN A 98 -2.65 -6.47 -10.85
C GLN A 98 -3.01 -5.00 -10.95
N GLU A 99 -4.26 -4.72 -11.29
CA GLU A 99 -4.73 -3.35 -11.42
C GLU A 99 -4.57 -2.59 -10.11
N LEU A 100 -4.72 -3.31 -8.98
CA LEU A 100 -4.59 -2.71 -7.67
C LEU A 100 -3.14 -2.29 -7.40
N LEU A 101 -2.20 -3.13 -7.81
CA LEU A 101 -0.78 -2.85 -7.62
C LEU A 101 -0.31 -1.78 -8.59
N ASP A 102 -0.99 -1.67 -9.72
CA ASP A 102 -0.64 -0.69 -10.74
C ASP A 102 -1.09 0.72 -10.32
N ARG A 103 -2.29 0.80 -9.75
CA ARG A 103 -2.83 2.07 -9.31
C ARG A 103 -2.06 2.61 -8.11
N VAL A 104 -1.77 1.73 -7.16
CA VAL A 104 -1.03 2.11 -5.96
C VAL A 104 0.41 2.48 -6.29
N LEU A 105 1.02 1.74 -7.21
CA LEU A 105 2.39 2.00 -7.62
C LEU A 105 2.48 3.29 -8.44
N ALA A 106 1.65 3.38 -9.47
CA ALA A 106 1.63 4.56 -10.33
C ALA A 106 1.35 5.82 -9.53
N ALA A 107 0.34 5.75 -8.66
CA ALA A 107 -0.03 6.89 -7.84
C ALA A 107 1.10 7.26 -6.88
N GLN A 108 1.76 6.25 -6.31
CA GLN A 108 2.85 6.48 -5.38
C GLN A 108 3.94 7.33 -6.02
N ALA A 109 4.38 6.92 -7.20
CA ALA A 109 5.43 7.64 -7.92
C ALA A 109 4.92 8.99 -8.41
N TYR A 110 3.62 9.07 -8.67
CA TYR A 110 3.02 10.30 -9.15
C TYR A 110 3.14 11.41 -8.10
N TRP A 111 2.88 11.06 -6.84
CA TRP A 111 2.96 12.02 -5.75
C TRP A 111 4.39 12.12 -5.22
N SER A 112 5.28 11.30 -5.76
CA SER A 112 6.67 11.28 -5.33
C SER A 112 7.51 12.21 -6.21
N VAL A 113 6.97 13.40 -6.49
CA VAL A 113 7.68 14.37 -7.31
C VAL A 113 6.84 15.63 -7.50
N ASP A 114 7.35 16.75 -7.02
CA ASP A 114 6.65 18.03 -7.14
C ASP A 114 5.23 17.92 -6.61
N SER A 115 5.08 17.23 -5.48
CA SER A 115 3.77 17.05 -4.86
C SER A 115 3.07 18.39 -4.66
N SER A 116 1.75 18.34 -4.54
CA SER A 116 0.96 19.55 -4.34
C SER A 116 1.47 20.36 -3.16
N GLY A 117 1.60 19.69 -2.02
CA GLY A 117 2.08 20.36 -0.82
C GLY A 117 1.12 21.42 -0.32
N ARG A 118 1.66 22.56 0.10
CA ARG A 118 0.84 23.66 0.60
C ARG A 118 -0.01 23.20 1.78
N ILE A 119 0.60 22.46 2.69
CA ILE A 119 -0.11 21.96 3.87
C ILE A 119 0.59 22.40 5.15
N VAL A 120 1.93 22.42 5.11
CA VAL A 120 2.72 22.82 6.27
C VAL A 120 2.45 24.26 6.66
N THR A 121 2.56 24.57 7.95
CA THR A 121 2.32 25.91 8.44
C THR A 121 3.28 26.25 9.58
N LEU A 122 4.54 26.47 9.24
CA LEU A 122 5.56 26.81 10.22
C LEU A 122 5.65 25.73 11.30
N GLY A 1 41.70 3.22 53.02
CA GLY A 1 41.02 3.87 51.92
C GLY A 1 41.74 3.69 50.60
N SER A 2 41.23 4.33 49.55
CA SER A 2 41.83 4.22 48.23
C SER A 2 43.10 5.07 48.14
N PRO A 3 43.95 4.75 47.15
CA PRO A 3 45.22 5.45 46.93
C PRO A 3 45.00 6.88 46.42
N PHE A 4 45.50 7.85 47.18
CA PHE A 4 45.37 9.25 46.81
C PHE A 4 46.22 9.58 45.59
N ALA A 5 45.56 10.00 44.50
CA ALA A 5 46.25 10.33 43.27
C ALA A 5 46.00 11.80 42.89
N ASP A 6 46.84 12.32 42.00
CA ASP A 6 46.71 13.70 41.56
C ASP A 6 45.88 13.78 40.27
N PRO A 7 45.35 14.98 39.98
CA PRO A 7 44.53 15.22 38.79
C PRO A 7 45.35 15.16 37.51
N ASN A 8 45.02 14.20 36.64
CA ASN A 8 45.72 14.04 35.38
C ASN A 8 45.28 15.09 34.37
N SER A 9 46.08 15.27 33.32
CA SER A 9 45.78 16.26 32.28
C SER A 9 46.68 16.07 31.07
N LEU A 10 46.10 15.59 29.97
CA LEU A 10 46.86 15.37 28.74
C LEU A 10 46.24 16.13 27.58
N ALA A 11 47.08 16.52 26.62
CA ALA A 11 46.61 17.25 25.45
C ALA A 11 46.12 16.29 24.36
N LEU A 12 44.83 16.37 24.06
CA LEU A 12 44.24 15.50 23.04
C LEU A 12 43.63 16.33 21.91
N ALA A 13 44.03 16.04 20.68
CA ALA A 13 43.51 16.76 19.52
C ALA A 13 42.69 15.83 18.62
N ASN A 14 41.39 15.76 18.89
CA ASN A 14 40.50 14.91 18.11
C ASN A 14 39.40 15.74 17.45
N VAL A 15 38.82 15.20 16.38
CA VAL A 15 37.75 15.90 15.66
C VAL A 15 36.42 15.18 15.85
N PRO A 16 35.32 15.93 15.71
CA PRO A 16 33.97 15.38 15.86
C PRO A 16 33.59 14.46 14.71
N LEU A 17 33.91 13.17 14.86
CA LEU A 17 33.60 12.18 13.84
C LEU A 17 33.23 10.85 14.47
N SER A 18 31.93 10.54 14.45
CA SER A 18 31.43 9.29 15.03
C SER A 18 30.56 8.54 14.03
N ARG A 19 30.68 8.93 12.76
CA ARG A 19 29.89 8.29 11.70
C ARG A 19 30.62 7.06 11.14
N SER A 20 30.17 5.88 11.52
CA SER A 20 30.78 4.65 11.06
C SER A 20 29.90 3.96 10.02
N LYS A 21 28.66 3.69 10.39
CA LYS A 21 27.71 3.04 9.49
C LYS A 21 26.28 3.47 9.80
N ARG A 22 25.67 4.23 8.88
CA ARG A 22 24.31 4.70 9.05
C ARG A 22 23.33 3.54 9.07
N PRO A 23 22.18 3.73 9.73
CA PRO A 23 21.14 2.72 9.84
C PRO A 23 20.43 2.47 8.50
N ASP A 24 20.55 1.25 7.99
CA ASP A 24 19.93 0.89 6.73
C ASP A 24 18.47 0.47 6.94
N PHE A 25 17.55 1.26 6.40
CA PHE A 25 16.13 0.98 6.53
C PHE A 25 15.81 -0.44 6.07
N GLY A 26 14.98 -1.13 6.84
CA GLY A 26 14.61 -2.49 6.51
C GLY A 26 13.85 -3.19 7.61
N GLN A 27 12.56 -3.44 7.38
CA GLN A 27 11.72 -4.10 8.38
C GLN A 27 10.81 -5.12 7.72
N ARG A 28 10.91 -6.37 8.16
CA ARG A 28 10.09 -7.44 7.62
C ARG A 28 8.77 -7.58 8.38
N ARG A 29 7.99 -6.50 8.40
CA ARG A 29 6.71 -6.49 9.09
C ARG A 29 5.71 -7.40 8.40
N ILE A 30 4.71 -7.86 9.15
CA ILE A 30 3.68 -8.74 8.60
C ILE A 30 2.36 -7.99 8.44
N ARG A 31 1.83 -7.99 7.21
CA ARG A 31 0.57 -7.31 6.94
C ARG A 31 -0.61 -8.30 7.03
N ARG A 32 -1.67 -7.86 7.69
CA ARG A 32 -2.86 -8.70 7.85
C ARG A 32 -3.58 -8.89 6.52
N PRO A 33 -4.41 -9.93 6.44
CA PRO A 33 -5.17 -10.25 5.23
C PRO A 33 -6.27 -9.23 4.95
N PHE A 34 -6.25 -8.65 3.75
CA PHE A 34 -7.24 -7.66 3.36
C PHE A 34 -8.08 -8.16 2.19
N THR A 35 -9.20 -7.50 1.95
CA THR A 35 -10.09 -7.87 0.86
C THR A 35 -9.89 -6.96 -0.35
N VAL A 36 -10.17 -7.49 -1.54
CA VAL A 36 -10.02 -6.74 -2.77
C VAL A 36 -10.73 -5.39 -2.68
N ALA A 37 -11.92 -5.40 -2.09
CA ALA A 37 -12.70 -4.17 -1.94
C ALA A 37 -12.06 -3.24 -0.92
N GLU A 38 -11.70 -3.78 0.24
CA GLU A 38 -11.08 -3.00 1.29
C GLU A 38 -9.78 -2.36 0.80
N VAL A 39 -9.03 -3.10 0.00
CA VAL A 39 -7.76 -2.62 -0.54
C VAL A 39 -8.00 -1.60 -1.65
N GLU A 40 -9.09 -1.78 -2.39
CA GLU A 40 -9.43 -0.88 -3.48
C GLU A 40 -9.87 0.48 -2.95
N LEU A 41 -10.76 0.47 -1.97
CA LEU A 41 -11.27 1.70 -1.38
C LEU A 41 -10.18 2.40 -0.57
N LEU A 42 -9.46 1.63 0.24
CA LEU A 42 -8.39 2.17 1.07
C LEU A 42 -7.35 2.88 0.21
N VAL A 43 -6.86 2.19 -0.82
CA VAL A 43 -5.86 2.74 -1.71
C VAL A 43 -6.38 4.01 -2.38
N GLU A 44 -7.57 3.94 -2.96
CA GLU A 44 -8.17 5.08 -3.63
C GLU A 44 -8.37 6.24 -2.66
N ALA A 45 -8.48 5.91 -1.38
CA ALA A 45 -8.68 6.92 -0.35
C ALA A 45 -7.38 7.69 -0.08
N VAL A 46 -6.29 6.95 0.09
CA VAL A 46 -4.99 7.56 0.35
C VAL A 46 -4.40 8.17 -0.91
N GLU A 47 -4.70 7.55 -2.05
CA GLU A 47 -4.19 8.04 -3.33
C GLU A 47 -4.90 9.33 -3.74
N HIS A 48 -6.15 9.48 -3.32
CA HIS A 48 -6.92 10.67 -3.63
C HIS A 48 -6.41 11.88 -2.85
N LEU A 49 -6.01 11.65 -1.61
CA LEU A 49 -5.49 12.72 -0.76
C LEU A 49 -3.97 12.70 -0.72
N GLY A 50 -3.37 11.81 -1.52
CA GLY A 50 -1.93 11.70 -1.55
C GLY A 50 -1.32 11.53 -0.18
N THR A 51 -0.11 12.03 0.00
CA THR A 51 0.59 11.92 1.28
C THR A 51 0.29 13.13 2.17
N GLY A 52 -0.94 13.19 2.68
CA GLY A 52 -1.33 14.29 3.54
C GLY A 52 -1.92 13.82 4.85
N ARG A 53 -3.21 14.09 5.03
CA ARG A 53 -3.91 13.70 6.25
C ARG A 53 -4.36 12.24 6.17
N TRP A 54 -3.98 11.46 7.18
CA TRP A 54 -4.34 10.05 7.21
C TRP A 54 -5.83 9.87 7.51
N ARG A 55 -6.33 10.61 8.49
CA ARG A 55 -7.74 10.54 8.86
C ARG A 55 -8.64 10.81 7.65
N ASP A 56 -8.12 11.59 6.71
CA ASP A 56 -8.88 11.93 5.50
C ASP A 56 -9.09 10.69 4.64
N VAL A 57 -8.07 9.86 4.53
CA VAL A 57 -8.14 8.63 3.74
C VAL A 57 -9.01 7.59 4.42
N LYS A 58 -9.07 7.65 5.75
CA LYS A 58 -9.86 6.71 6.52
C LYS A 58 -11.36 6.97 6.35
N PHE A 59 -11.73 8.24 6.39
CA PHE A 59 -13.13 8.63 6.23
C PHE A 59 -13.53 8.63 4.76
N ARG A 60 -12.68 9.20 3.91
CA ARG A 60 -12.94 9.26 2.48
C ARG A 60 -13.27 7.87 1.93
N ALA A 61 -12.73 6.84 2.58
CA ALA A 61 -12.95 5.47 2.15
C ALA A 61 -14.07 4.82 2.96
N PHE A 62 -13.75 4.44 4.19
CA PHE A 62 -14.72 3.81 5.08
C PHE A 62 -14.27 3.89 6.53
N GLU A 63 -14.90 4.77 7.29
CA GLU A 63 -14.56 4.95 8.70
C GLU A 63 -15.24 3.88 9.55
N ASN A 64 -16.00 3.01 8.92
CA ASN A 64 -16.70 1.93 9.62
C ASN A 64 -16.10 0.58 9.27
N VAL A 65 -14.78 0.53 9.13
CA VAL A 65 -14.09 -0.72 8.81
C VAL A 65 -13.53 -1.39 10.05
N HIS A 66 -12.84 -2.50 9.87
CA HIS A 66 -12.25 -3.24 10.98
C HIS A 66 -11.29 -2.35 11.76
N HIS A 67 -10.10 -2.15 11.21
CA HIS A 67 -9.09 -1.32 11.87
C HIS A 67 -9.59 0.10 12.07
N ARG A 68 -10.30 0.61 11.06
CA ARG A 68 -10.84 1.97 11.12
C ARG A 68 -9.85 2.93 11.78
N THR A 69 -8.58 2.77 11.41
CA THR A 69 -7.52 3.62 11.95
C THR A 69 -6.80 4.38 10.85
N TYR A 70 -6.78 5.71 10.96
CA TYR A 70 -6.11 6.54 9.97
C TYR A 70 -4.72 6.02 9.65
N VAL A 71 -3.97 5.68 10.69
CA VAL A 71 -2.62 5.17 10.54
C VAL A 71 -2.63 3.80 9.85
N ASP A 72 -3.65 3.00 10.16
CA ASP A 72 -3.79 1.67 9.58
C ASP A 72 -3.89 1.74 8.06
N LEU A 73 -4.66 2.71 7.58
CA LEU A 73 -4.84 2.88 6.14
C LEU A 73 -3.56 3.36 5.48
N LYS A 74 -2.99 4.44 5.99
CA LYS A 74 -1.75 4.99 5.46
C LYS A 74 -0.65 3.93 5.43
N ASP A 75 -0.48 3.24 6.55
CA ASP A 75 0.54 2.19 6.64
C ASP A 75 0.21 1.03 5.72
N LYS A 76 -1.08 0.70 5.62
CA LYS A 76 -1.53 -0.40 4.77
C LYS A 76 -1.14 -0.16 3.32
N TRP A 77 -1.27 1.09 2.87
CA TRP A 77 -0.94 1.45 1.50
C TRP A 77 0.57 1.38 1.28
N LYS A 78 1.33 2.02 2.16
CA LYS A 78 2.78 2.03 2.05
C LYS A 78 3.33 0.61 1.95
N THR A 79 2.85 -0.28 2.83
CA THR A 79 3.28 -1.66 2.83
C THR A 79 2.93 -2.35 1.52
N LEU A 80 1.67 -2.28 1.13
CA LEU A 80 1.21 -2.89 -0.11
C LEU A 80 2.00 -2.38 -1.31
N VAL A 81 2.44 -1.12 -1.23
CA VAL A 81 3.22 -0.52 -2.29
C VAL A 81 4.59 -1.18 -2.43
N HIS A 82 5.27 -1.36 -1.31
CA HIS A 82 6.59 -1.99 -1.31
C HIS A 82 6.51 -3.41 -1.85
N THR A 83 5.43 -4.12 -1.52
CA THR A 83 5.23 -5.49 -1.98
C THR A 83 4.90 -5.53 -3.46
N ALA A 84 4.24 -4.48 -3.95
CA ALA A 84 3.87 -4.40 -5.35
C ALA A 84 5.02 -3.87 -6.20
N SER A 85 6.07 -3.40 -5.54
CA SER A 85 7.23 -2.86 -6.23
C SER A 85 8.38 -3.87 -6.22
N ILE A 86 8.52 -4.59 -5.12
CA ILE A 86 9.58 -5.59 -4.99
C ILE A 86 9.56 -6.57 -6.16
N ALA A 87 10.56 -7.44 -6.22
CA ALA A 87 10.66 -8.43 -7.28
C ALA A 87 9.36 -9.20 -7.43
N PRO A 88 9.19 -9.84 -8.60
CA PRO A 88 7.99 -10.64 -8.89
C PRO A 88 7.93 -11.92 -8.07
N GLN A 89 9.10 -12.42 -7.69
CA GLN A 89 9.19 -13.65 -6.90
C GLN A 89 8.83 -13.39 -5.45
N GLN A 90 9.06 -12.16 -4.99
CA GLN A 90 8.76 -11.78 -3.62
C GLN A 90 7.32 -11.29 -3.48
N ARG A 91 6.58 -11.35 -4.59
CA ARG A 91 5.19 -10.91 -4.60
C ARG A 91 4.28 -11.99 -4.04
N ARG A 92 4.43 -12.29 -2.76
CA ARG A 92 3.62 -13.31 -2.11
C ARG A 92 2.72 -12.70 -1.04
N GLY A 93 1.42 -12.68 -1.32
CA GLY A 93 0.47 -12.12 -0.38
C GLY A 93 -0.97 -12.33 -0.81
N ALA A 94 -1.34 -13.59 -0.99
CA ALA A 94 -2.71 -13.93 -1.40
C ALA A 94 -3.02 -13.36 -2.79
N PRO A 95 -4.05 -13.92 -3.44
CA PRO A 95 -4.47 -13.50 -4.77
C PRO A 95 -5.10 -12.12 -4.76
N VAL A 96 -4.36 -11.12 -5.21
CA VAL A 96 -4.85 -9.75 -5.26
C VAL A 96 -4.89 -9.21 -6.69
N PRO A 97 -5.74 -8.22 -6.92
CA PRO A 97 -5.90 -7.60 -8.25
C PRO A 97 -4.67 -6.79 -8.66
N GLN A 98 -4.17 -7.04 -9.86
CA GLN A 98 -3.00 -6.33 -10.37
C GLN A 98 -3.29 -4.84 -10.49
N GLU A 99 -4.54 -4.50 -10.78
CA GLU A 99 -4.94 -3.11 -10.93
C GLU A 99 -4.63 -2.31 -9.66
N LEU A 100 -4.74 -2.99 -8.52
CA LEU A 100 -4.47 -2.34 -7.23
C LEU A 100 -2.99 -2.00 -7.09
N LEU A 101 -2.14 -2.92 -7.53
CA LEU A 101 -0.69 -2.72 -7.47
C LEU A 101 -0.22 -1.73 -8.53
N ASP A 102 -0.98 -1.63 -9.61
CA ASP A 102 -0.64 -0.72 -10.70
C ASP A 102 -1.02 0.70 -10.35
N ARG A 103 -2.12 0.86 -9.62
CA ARG A 103 -2.60 2.18 -9.22
C ARG A 103 -1.74 2.74 -8.09
N VAL A 104 -1.36 1.88 -7.15
CA VAL A 104 -0.54 2.29 -6.02
C VAL A 104 0.88 2.61 -6.46
N LEU A 105 1.40 1.82 -7.39
CA LEU A 105 2.75 2.02 -7.91
C LEU A 105 2.83 3.29 -8.74
N ALA A 106 1.94 3.42 -9.71
CA ALA A 106 1.91 4.59 -10.58
C ALA A 106 1.72 5.87 -9.76
N ALA A 107 0.78 5.83 -8.83
CA ALA A 107 0.51 6.99 -7.98
C ALA A 107 1.70 7.32 -7.09
N GLN A 108 2.38 6.27 -6.62
CA GLN A 108 3.55 6.45 -5.75
C GLN A 108 4.63 7.26 -6.46
N ALA A 109 4.99 6.83 -7.66
CA ALA A 109 6.02 7.51 -8.44
C ALA A 109 5.55 8.90 -8.87
N TYR A 110 4.25 9.03 -9.12
CA TYR A 110 3.68 10.30 -9.55
C TYR A 110 3.70 11.32 -8.40
N TRP A 111 3.34 10.85 -7.20
CA TRP A 111 3.32 11.72 -6.03
C TRP A 111 4.74 12.10 -5.61
N SER A 112 5.72 11.34 -6.08
CA SER A 112 7.11 11.60 -5.76
C SER A 112 7.53 12.99 -6.20
N VAL A 113 8.80 13.32 -6.00
CA VAL A 113 9.32 14.62 -6.39
C VAL A 113 10.81 14.73 -6.06
N ASP A 114 11.63 14.81 -7.10
CA ASP A 114 13.08 14.92 -6.92
C ASP A 114 13.79 14.95 -8.28
N SER A 115 14.91 15.67 -8.34
CA SER A 115 15.68 15.78 -9.57
C SER A 115 15.99 14.40 -10.14
N SER A 116 16.25 13.44 -9.27
CA SER A 116 16.55 12.07 -9.68
C SER A 116 15.37 11.14 -9.42
N GLY A 117 15.36 10.01 -10.11
CA GLY A 117 14.29 9.05 -9.94
C GLY A 117 14.77 7.62 -9.98
N ARG A 118 13.95 6.73 -10.52
CA ARG A 118 14.30 5.31 -10.61
C ARG A 118 15.47 5.10 -11.58
N ILE A 119 15.93 3.86 -11.68
CA ILE A 119 17.04 3.53 -12.58
C ILE A 119 16.73 3.95 -14.01
N VAL A 120 15.45 4.04 -14.33
CA VAL A 120 15.02 4.42 -15.67
C VAL A 120 15.60 5.78 -16.06
N THR A 121 15.30 6.22 -17.28
CA THR A 121 15.79 7.50 -17.78
C THR A 121 14.64 8.37 -18.26
N LEU A 122 13.81 8.84 -17.34
CA LEU A 122 12.68 9.69 -17.68
C LEU A 122 12.76 11.02 -16.96
N GLY A 1 42.94 32.64 -48.02
CA GLY A 1 42.64 32.28 -46.65
C GLY A 1 42.65 33.47 -45.71
N SER A 2 41.46 33.99 -45.40
CA SER A 2 41.35 35.14 -44.51
C SER A 2 40.19 34.95 -43.54
N PRO A 3 40.37 34.03 -42.58
CA PRO A 3 39.35 33.74 -41.57
C PRO A 3 39.18 34.87 -40.56
N PHE A 4 37.95 35.33 -40.40
CA PHE A 4 37.65 36.42 -39.47
C PHE A 4 38.12 36.06 -38.06
N ALA A 5 38.52 37.08 -37.31
CA ALA A 5 38.99 36.88 -35.94
C ALA A 5 38.09 37.61 -34.94
N ASP A 6 36.92 37.05 -34.70
CA ASP A 6 35.97 37.64 -33.76
C ASP A 6 36.02 36.93 -32.41
N PRO A 7 35.52 37.61 -31.37
CA PRO A 7 35.50 37.07 -30.00
C PRO A 7 34.51 35.92 -29.86
N ASN A 8 34.37 35.41 -28.63
CA ASN A 8 33.46 34.31 -28.36
C ASN A 8 33.73 33.14 -29.30
N SER A 9 35.00 32.76 -29.42
CA SER A 9 35.39 31.65 -30.28
C SER A 9 35.01 30.31 -29.65
N LEU A 10 35.01 30.26 -28.32
CA LEU A 10 34.67 29.05 -27.60
C LEU A 10 33.19 28.70 -27.78
N ALA A 11 32.93 27.53 -28.35
CA ALA A 11 31.56 27.09 -28.58
C ALA A 11 31.34 25.69 -28.02
N LEU A 12 32.15 24.74 -28.49
CA LEU A 12 32.04 23.35 -28.04
C LEU A 12 32.62 23.20 -26.64
N ALA A 13 31.74 23.07 -25.64
CA ALA A 13 32.17 22.90 -24.26
C ALA A 13 31.29 21.89 -23.54
N ASN A 14 31.92 21.04 -22.73
CA ASN A 14 31.19 20.02 -21.98
C ASN A 14 30.34 20.65 -20.88
N VAL A 15 29.09 20.23 -20.79
CA VAL A 15 28.18 20.75 -19.78
C VAL A 15 27.73 19.65 -18.82
N PRO A 16 27.34 20.06 -17.60
CA PRO A 16 26.89 19.12 -16.57
C PRO A 16 25.53 18.51 -16.89
N LEU A 17 25.56 17.33 -17.51
CA LEU A 17 24.33 16.64 -17.88
C LEU A 17 24.45 15.14 -17.63
N SER A 18 23.77 14.66 -16.61
CA SER A 18 23.79 13.24 -16.26
C SER A 18 22.69 12.90 -15.26
N ARG A 19 22.44 11.60 -15.08
CA ARG A 19 21.42 11.14 -14.14
C ARG A 19 21.77 9.76 -13.61
N SER A 20 21.60 9.59 -12.30
CA SER A 20 21.89 8.31 -11.65
C SER A 20 21.15 8.19 -10.33
N LYS A 21 20.71 6.98 -10.01
CA LYS A 21 19.99 6.72 -8.77
C LYS A 21 19.79 5.22 -8.55
N ARG A 22 19.30 4.86 -7.37
CA ARG A 22 19.06 3.46 -7.04
C ARG A 22 17.95 3.34 -6.00
N PRO A 23 17.33 2.15 -5.94
CA PRO A 23 16.25 1.87 -5.00
C PRO A 23 16.74 1.78 -3.55
N ASP A 24 15.94 2.28 -2.63
CA ASP A 24 16.29 2.27 -1.22
C ASP A 24 15.13 2.77 -0.36
N PHE A 25 15.35 2.81 0.95
CA PHE A 25 14.32 3.26 1.89
C PHE A 25 13.04 2.44 1.74
N GLY A 26 13.20 1.12 1.82
CA GLY A 26 12.05 0.23 1.71
C GLY A 26 12.22 -1.04 2.51
N GLN A 27 11.13 -1.51 3.11
CA GLN A 27 11.15 -2.71 3.92
C GLN A 27 9.84 -3.49 3.77
N ARG A 28 9.95 -4.81 3.67
CA ARG A 28 8.79 -5.67 3.52
C ARG A 28 8.33 -6.20 4.88
N ARG A 29 7.02 -6.26 5.07
CA ARG A 29 6.45 -6.73 6.33
C ARG A 29 4.93 -6.84 6.23
N ILE A 30 4.40 -8.04 6.40
CA ILE A 30 2.97 -8.27 6.33
C ILE A 30 2.49 -9.10 7.51
N ARG A 31 1.76 -8.47 8.42
CA ARG A 31 1.24 -9.16 9.60
C ARG A 31 -0.13 -9.77 9.31
N ARG A 32 -1.15 -8.93 9.21
CA ARG A 32 -2.50 -9.40 8.93
C ARG A 32 -2.84 -9.25 7.46
N PRO A 33 -3.47 -10.28 6.88
CA PRO A 33 -3.86 -10.30 5.47
C PRO A 33 -4.99 -9.32 5.18
N PHE A 34 -5.07 -8.86 3.93
CA PHE A 34 -6.11 -7.92 3.52
C PHE A 34 -7.00 -8.53 2.46
N THR A 35 -8.16 -7.91 2.23
CA THR A 35 -9.11 -8.41 1.24
C THR A 35 -8.95 -7.66 -0.08
N VAL A 36 -9.55 -8.20 -1.14
CA VAL A 36 -9.49 -7.60 -2.45
C VAL A 36 -10.09 -6.20 -2.45
N ALA A 37 -11.30 -6.09 -1.92
CA ALA A 37 -11.99 -4.80 -1.85
C ALA A 37 -11.39 -3.91 -0.76
N GLU A 38 -10.94 -4.54 0.32
CA GLU A 38 -10.35 -3.81 1.44
C GLU A 38 -9.14 -3.00 0.98
N VAL A 39 -8.32 -3.60 0.13
CA VAL A 39 -7.12 -2.94 -0.38
C VAL A 39 -7.48 -1.94 -1.47
N GLU A 40 -8.38 -2.34 -2.36
CA GLU A 40 -8.81 -1.47 -3.45
C GLU A 40 -9.39 -0.17 -2.92
N LEU A 41 -10.12 -0.27 -1.81
CA LEU A 41 -10.72 0.91 -1.20
C LEU A 41 -9.69 1.73 -0.43
N LEU A 42 -8.90 1.05 0.40
CA LEU A 42 -7.86 1.71 1.18
C LEU A 42 -6.86 2.41 0.28
N VAL A 43 -6.61 1.83 -0.89
CA VAL A 43 -5.68 2.40 -1.85
C VAL A 43 -6.27 3.62 -2.53
N GLU A 44 -7.50 3.49 -3.00
CA GLU A 44 -8.18 4.59 -3.68
C GLU A 44 -8.47 5.74 -2.71
N ALA A 45 -8.54 5.41 -1.42
CA ALA A 45 -8.80 6.41 -0.40
C ALA A 45 -7.56 7.26 -0.13
N VAL A 46 -6.43 6.59 0.11
CA VAL A 46 -5.18 7.29 0.38
C VAL A 46 -4.59 7.88 -0.89
N GLU A 47 -4.86 7.23 -2.02
CA GLU A 47 -4.36 7.70 -3.30
C GLU A 47 -5.08 8.97 -3.74
N HIS A 48 -6.40 8.98 -3.57
CA HIS A 48 -7.20 10.13 -3.96
C HIS A 48 -6.72 11.39 -3.24
N LEU A 49 -6.18 11.21 -2.05
CA LEU A 49 -5.68 12.34 -1.26
C LEU A 49 -4.15 12.35 -1.23
N GLY A 50 -3.55 11.39 -1.92
CA GLY A 50 -2.10 11.31 -1.97
C GLY A 50 -1.47 11.32 -0.59
N THR A 51 -0.66 12.34 -0.33
CA THR A 51 0.00 12.47 0.96
C THR A 51 -0.47 13.71 1.71
N GLY A 52 -1.78 13.95 1.67
CA GLY A 52 -2.34 15.10 2.35
C GLY A 52 -2.63 14.82 3.82
N ARG A 53 -3.70 14.08 4.08
CA ARG A 53 -4.09 13.74 5.45
C ARG A 53 -4.55 12.29 5.54
N TRP A 54 -4.11 11.61 6.60
CA TRP A 54 -4.47 10.22 6.81
C TRP A 54 -5.94 10.09 7.19
N ARG A 55 -6.39 10.92 8.13
CA ARG A 55 -7.77 10.90 8.59
C ARG A 55 -8.73 11.09 7.42
N ASP A 56 -8.25 11.73 6.36
CA ASP A 56 -9.05 11.98 5.17
C ASP A 56 -9.25 10.69 4.36
N VAL A 57 -8.23 9.85 4.37
CA VAL A 57 -8.29 8.58 3.64
C VAL A 57 -9.18 7.58 4.36
N LYS A 58 -9.17 7.62 5.68
CA LYS A 58 -9.99 6.70 6.47
C LYS A 58 -11.45 7.14 6.47
N PHE A 59 -11.68 8.44 6.41
CA PHE A 59 -13.03 8.99 6.39
C PHE A 59 -13.62 8.94 4.99
N ARG A 60 -12.75 9.00 3.99
CA ARG A 60 -13.17 8.97 2.60
C ARG A 60 -13.17 7.54 2.06
N ALA A 61 -13.37 6.57 2.95
CA ALA A 61 -13.38 5.17 2.57
C ALA A 61 -14.36 4.37 3.42
N PHE A 62 -13.96 4.10 4.66
CA PHE A 62 -14.79 3.34 5.58
C PHE A 62 -14.41 3.63 7.03
N GLU A 63 -15.21 4.46 7.69
CA GLU A 63 -14.95 4.83 9.08
C GLU A 63 -15.55 3.80 10.03
N ASN A 64 -16.07 2.71 9.46
CA ASN A 64 -16.68 1.65 10.27
C ASN A 64 -15.90 0.35 10.11
N VAL A 65 -15.31 0.16 8.93
CA VAL A 65 -14.54 -1.05 8.65
C VAL A 65 -13.51 -1.31 9.74
N HIS A 66 -13.16 -2.58 9.93
CA HIS A 66 -12.20 -2.97 10.94
C HIS A 66 -10.91 -2.15 10.81
N HIS A 67 -10.20 -1.98 11.92
CA HIS A 67 -8.96 -1.22 11.92
C HIS A 67 -9.16 0.15 11.27
N ARG A 68 -10.16 0.88 11.74
CA ARG A 68 -10.46 2.20 11.19
C ARG A 68 -9.51 3.25 11.77
N THR A 69 -8.21 3.04 11.57
CA THR A 69 -7.20 3.97 12.06
C THR A 69 -6.52 4.71 10.92
N TYR A 70 -6.55 6.03 10.97
CA TYR A 70 -5.93 6.85 9.94
C TYR A 70 -4.51 6.38 9.65
N VAL A 71 -3.75 6.13 10.72
CA VAL A 71 -2.37 5.69 10.58
C VAL A 71 -2.31 4.27 10.02
N ASP A 72 -3.32 3.47 10.35
CA ASP A 72 -3.38 2.09 9.86
C ASP A 72 -3.55 2.05 8.35
N LEU A 73 -4.39 2.93 7.83
CA LEU A 73 -4.64 2.99 6.39
C LEU A 73 -3.40 3.47 5.64
N LYS A 74 -2.83 4.58 6.09
CA LYS A 74 -1.63 5.14 5.46
C LYS A 74 -0.48 4.15 5.51
N ASP A 75 -0.27 3.56 6.68
CA ASP A 75 0.81 2.58 6.85
C ASP A 75 0.56 1.34 6.00
N LYS A 76 -0.70 0.92 5.92
CA LYS A 76 -1.08 -0.25 5.13
C LYS A 76 -0.84 -0.01 3.64
N TRP A 77 -1.02 1.24 3.22
CA TRP A 77 -0.82 1.60 1.82
C TRP A 77 0.65 1.53 1.45
N LYS A 78 1.50 2.18 2.23
CA LYS A 78 2.93 2.19 1.98
C LYS A 78 3.49 0.77 1.92
N THR A 79 3.09 -0.05 2.90
CA THR A 79 3.54 -1.44 2.95
C THR A 79 3.13 -2.21 1.69
N LEU A 80 1.85 -2.14 1.35
CA LEU A 80 1.33 -2.82 0.18
C LEU A 80 2.08 -2.39 -1.08
N VAL A 81 2.54 -1.14 -1.09
CA VAL A 81 3.28 -0.60 -2.23
C VAL A 81 4.63 -1.29 -2.38
N HIS A 82 5.33 -1.45 -1.26
CA HIS A 82 6.64 -2.09 -1.26
C HIS A 82 6.54 -3.54 -1.73
N THR A 83 5.48 -4.23 -1.29
CA THR A 83 5.27 -5.62 -1.65
C THR A 83 4.85 -5.74 -3.12
N ALA A 84 4.16 -4.71 -3.62
CA ALA A 84 3.70 -4.70 -5.01
C ALA A 84 4.79 -4.21 -5.94
N SER A 85 5.88 -3.71 -5.36
CA SER A 85 7.00 -3.20 -6.15
C SER A 85 8.15 -4.20 -6.17
N ILE A 86 8.34 -4.89 -5.05
CA ILE A 86 9.41 -5.88 -4.94
C ILE A 86 9.32 -6.92 -6.05
N ALA A 87 10.26 -7.86 -6.05
CA ALA A 87 10.28 -8.91 -7.05
C ALA A 87 8.93 -9.62 -7.14
N PRO A 88 8.69 -10.30 -8.27
CA PRO A 88 7.43 -11.02 -8.50
C PRO A 88 7.31 -12.26 -7.61
N GLN A 89 8.45 -12.84 -7.25
CA GLN A 89 8.46 -14.03 -6.40
C GLN A 89 8.25 -13.65 -4.94
N GLN A 90 8.16 -12.34 -4.68
CA GLN A 90 7.97 -11.86 -3.32
C GLN A 90 6.65 -11.10 -3.19
N ARG A 91 6.22 -10.49 -4.29
CA ARG A 91 4.98 -9.73 -4.30
C ARG A 91 3.78 -10.66 -4.10
N ARG A 92 3.95 -11.92 -4.46
CA ARG A 92 2.88 -12.91 -4.33
C ARG A 92 2.31 -12.90 -2.91
N GLY A 93 1.00 -12.72 -2.81
CA GLY A 93 0.35 -12.69 -1.51
C GLY A 93 -1.09 -13.13 -1.58
N ALA A 94 -2.00 -12.16 -1.66
CA ALA A 94 -3.43 -12.45 -1.73
C ALA A 94 -3.97 -12.23 -3.14
N PRO A 95 -5.12 -12.84 -3.43
CA PRO A 95 -5.76 -12.73 -4.75
C PRO A 95 -6.32 -11.32 -5.00
N VAL A 96 -5.45 -10.42 -5.45
CA VAL A 96 -5.85 -9.05 -5.73
C VAL A 96 -5.57 -8.69 -7.19
N PRO A 97 -6.31 -7.69 -7.71
CA PRO A 97 -6.16 -7.22 -9.08
C PRO A 97 -4.83 -6.50 -9.31
N GLN A 98 -4.25 -6.70 -10.49
CA GLN A 98 -2.98 -6.06 -10.82
C GLN A 98 -3.13 -4.55 -10.88
N GLU A 99 -4.32 -4.08 -11.29
CA GLU A 99 -4.59 -2.66 -11.38
C GLU A 99 -4.32 -1.96 -10.06
N LEU A 100 -4.47 -2.70 -8.96
CA LEU A 100 -4.24 -2.14 -7.64
C LEU A 100 -2.75 -1.87 -7.40
N LEU A 101 -1.90 -2.78 -7.89
CA LEU A 101 -0.46 -2.63 -7.74
C LEU A 101 0.08 -1.56 -8.68
N ASP A 102 -0.61 -1.37 -9.80
CA ASP A 102 -0.20 -0.38 -10.80
C ASP A 102 -0.54 1.04 -10.32
N ARG A 103 -1.69 1.18 -9.69
CA ARG A 103 -2.13 2.48 -9.18
C ARG A 103 -1.29 2.90 -7.97
N VAL A 104 -1.03 1.95 -7.08
CA VAL A 104 -0.24 2.23 -5.89
C VAL A 104 1.20 2.56 -6.24
N LEU A 105 1.74 1.85 -7.23
CA LEU A 105 3.12 2.07 -7.66
C LEU A 105 3.25 3.40 -8.39
N ALA A 106 2.40 3.61 -9.39
CA ALA A 106 2.41 4.84 -10.17
C ALA A 106 2.16 6.06 -9.27
N ALA A 107 1.19 5.93 -8.37
CA ALA A 107 0.84 7.01 -7.46
C ALA A 107 1.96 7.27 -6.46
N GLN A 108 2.65 6.20 -6.05
CA GLN A 108 3.75 6.30 -5.10
C GLN A 108 4.87 7.17 -5.66
N ALA A 109 5.31 6.84 -6.87
CA ALA A 109 6.38 7.60 -7.52
C ALA A 109 5.89 8.97 -7.96
N TYR A 110 4.60 9.07 -8.27
CA TYR A 110 4.02 10.33 -8.71
C TYR A 110 3.90 11.31 -7.55
N TRP A 111 3.45 10.82 -6.41
CA TRP A 111 3.31 11.65 -5.22
C TRP A 111 4.67 12.04 -4.65
N SER A 112 5.70 11.30 -5.03
CA SER A 112 7.05 11.56 -4.55
C SER A 112 7.50 12.95 -4.96
N VAL A 113 7.55 13.86 -4.00
CA VAL A 113 7.98 15.24 -4.25
C VAL A 113 9.31 15.55 -3.56
N ASP A 114 9.48 15.01 -2.36
CA ASP A 114 10.70 15.24 -1.60
C ASP A 114 10.84 14.21 -0.48
N SER A 115 12.06 13.97 -0.04
CA SER A 115 12.33 13.01 1.02
C SER A 115 12.12 13.64 2.39
N SER A 116 10.88 13.58 2.88
CA SER A 116 10.54 14.14 4.17
C SER A 116 9.54 13.26 4.90
N GLY A 117 9.75 13.08 6.21
CA GLY A 117 8.87 12.24 7.00
C GLY A 117 9.60 11.21 7.81
N ARG A 118 8.98 10.73 8.88
CA ARG A 118 9.59 9.73 9.75
C ARG A 118 8.60 9.26 10.81
N ILE A 119 8.95 8.17 11.49
CA ILE A 119 8.10 7.61 12.54
C ILE A 119 7.85 8.63 13.64
N VAL A 120 6.71 9.31 13.57
CA VAL A 120 6.36 10.32 14.57
C VAL A 120 4.84 10.48 14.67
N THR A 121 4.34 10.50 15.89
CA THR A 121 2.91 10.65 16.13
C THR A 121 2.59 12.00 16.74
N LEU A 122 3.35 12.38 17.76
CA LEU A 122 3.15 13.66 18.43
C LEU A 122 4.38 14.55 18.30
N GLY A 1 30.85 14.28 -29.29
CA GLY A 1 29.67 14.08 -28.46
C GLY A 1 29.99 14.18 -26.98
N SER A 2 31.15 13.67 -26.59
CA SER A 2 31.57 13.70 -25.20
C SER A 2 33.05 13.33 -25.05
N PRO A 3 33.92 14.24 -25.50
CA PRO A 3 35.37 14.02 -25.44
C PRO A 3 35.90 14.07 -24.00
N PHE A 4 37.09 13.51 -23.80
CA PHE A 4 37.71 13.48 -22.49
C PHE A 4 39.03 14.26 -22.48
N ALA A 5 39.46 14.66 -21.29
CA ALA A 5 40.70 15.42 -21.14
C ALA A 5 41.66 14.72 -20.19
N ASP A 6 42.89 15.24 -20.11
CA ASP A 6 43.90 14.66 -19.24
C ASP A 6 43.66 15.06 -17.79
N PRO A 7 44.26 14.30 -16.86
CA PRO A 7 44.12 14.55 -15.43
C PRO A 7 44.85 15.82 -14.99
N ASN A 8 44.68 16.19 -13.72
CA ASN A 8 45.32 17.38 -13.19
C ASN A 8 45.56 17.24 -11.69
N SER A 9 46.56 17.97 -11.19
CA SER A 9 46.89 17.92 -9.77
C SER A 9 46.10 18.96 -8.98
N LEU A 10 44.93 18.56 -8.51
CA LEU A 10 44.07 19.46 -7.74
C LEU A 10 43.39 18.72 -6.59
N ALA A 11 42.88 19.46 -5.62
CA ALA A 11 42.21 18.87 -4.48
C ALA A 11 40.73 18.66 -4.77
N LEU A 12 40.37 17.42 -5.12
CA LEU A 12 38.98 17.08 -5.41
C LEU A 12 38.06 17.44 -4.25
N ALA A 13 36.86 17.88 -4.57
CA ALA A 13 35.88 18.25 -3.55
C ALA A 13 35.11 17.03 -3.06
N ASN A 14 34.16 17.27 -2.16
CA ASN A 14 33.35 16.18 -1.62
C ASN A 14 32.11 15.95 -2.47
N VAL A 15 31.62 14.71 -2.48
CA VAL A 15 30.44 14.37 -3.26
C VAL A 15 29.17 14.79 -2.54
N PRO A 16 28.26 15.43 -3.30
CA PRO A 16 26.98 15.91 -2.76
C PRO A 16 26.03 14.77 -2.41
N LEU A 17 25.89 13.83 -3.34
CA LEU A 17 25.02 12.68 -3.13
C LEU A 17 25.49 11.47 -3.94
N SER A 18 25.32 10.28 -3.38
CA SER A 18 25.72 9.05 -4.05
C SER A 18 24.56 8.07 -4.14
N ARG A 19 24.77 6.98 -4.88
CA ARG A 19 23.75 5.97 -5.06
C ARG A 19 24.36 4.58 -5.15
N SER A 20 24.15 3.77 -4.13
CA SER A 20 24.69 2.41 -4.10
C SER A 20 24.18 1.64 -2.88
N LYS A 21 23.47 0.55 -3.14
CA LYS A 21 22.93 -0.26 -2.06
C LYS A 21 22.58 -1.67 -2.56
N ARG A 22 22.95 -2.68 -1.78
CA ARG A 22 22.67 -4.07 -2.15
C ARG A 22 21.91 -4.78 -1.04
N PRO A 23 20.64 -4.39 -0.85
CA PRO A 23 19.78 -4.99 0.18
C PRO A 23 19.39 -6.43 -0.15
N ASP A 24 19.90 -7.36 0.64
CA ASP A 24 19.61 -8.78 0.43
C ASP A 24 19.24 -9.46 1.74
N PHE A 25 18.20 -8.94 2.39
CA PHE A 25 17.74 -9.50 3.66
C PHE A 25 16.42 -8.86 4.08
N GLY A 26 15.55 -9.67 4.67
CA GLY A 26 14.26 -9.17 5.11
C GLY A 26 13.31 -10.28 5.53
N GLN A 27 13.45 -10.74 6.77
CA GLN A 27 12.60 -11.81 7.29
C GLN A 27 12.03 -11.44 8.66
N ARG A 28 10.82 -10.89 8.66
CA ARG A 28 10.18 -10.49 9.91
C ARG A 28 8.75 -11.02 9.96
N ARG A 29 8.11 -10.86 11.12
CA ARG A 29 6.74 -11.32 11.31
C ARG A 29 5.75 -10.40 10.59
N ILE A 30 5.34 -10.79 9.39
CA ILE A 30 4.40 -9.99 8.61
C ILE A 30 3.18 -10.81 8.23
N ARG A 31 2.01 -10.18 8.26
CA ARG A 31 0.76 -10.84 7.92
C ARG A 31 0.38 -10.58 6.47
N ARG A 32 -0.84 -10.96 6.10
CA ARG A 32 -1.33 -10.75 4.74
C ARG A 32 -2.13 -9.46 4.63
N PRO A 33 -2.29 -8.96 3.40
CA PRO A 33 -3.03 -7.73 3.14
C PRO A 33 -4.53 -7.90 3.37
N PHE A 34 -5.28 -6.81 3.20
CA PHE A 34 -6.72 -6.83 3.38
C PHE A 34 -7.42 -7.35 2.13
N THR A 35 -8.69 -7.73 2.27
CA THR A 35 -9.47 -8.24 1.16
C THR A 35 -9.39 -7.31 -0.05
N VAL A 36 -9.65 -7.85 -1.23
CA VAL A 36 -9.61 -7.07 -2.46
C VAL A 36 -10.43 -5.80 -2.32
N ALA A 37 -11.60 -5.91 -1.70
CA ALA A 37 -12.47 -4.77 -1.50
C ALA A 37 -11.91 -3.82 -0.43
N GLU A 38 -11.45 -4.40 0.68
CA GLU A 38 -10.89 -3.61 1.77
C GLU A 38 -9.70 -2.78 1.28
N VAL A 39 -8.77 -3.44 0.61
CA VAL A 39 -7.58 -2.77 0.10
C VAL A 39 -7.95 -1.80 -1.02
N GLU A 40 -8.99 -2.13 -1.77
CA GLU A 40 -9.43 -1.29 -2.87
C GLU A 40 -9.85 0.09 -2.37
N LEU A 41 -10.73 0.11 -1.37
CA LEU A 41 -11.22 1.36 -0.81
C LEU A 41 -10.08 2.13 -0.14
N LEU A 42 -9.30 1.43 0.68
CA LEU A 42 -8.18 2.04 1.38
C LEU A 42 -7.24 2.74 0.40
N VAL A 43 -6.79 2.00 -0.61
CA VAL A 43 -5.89 2.54 -1.62
C VAL A 43 -6.47 3.81 -2.24
N GLU A 44 -7.72 3.75 -2.64
CA GLU A 44 -8.40 4.89 -3.24
C GLU A 44 -8.52 6.04 -2.25
N ALA A 45 -8.50 5.71 -0.97
CA ALA A 45 -8.61 6.71 0.08
C ALA A 45 -7.32 7.50 0.23
N VAL A 46 -6.20 6.77 0.34
CA VAL A 46 -4.90 7.41 0.49
C VAL A 46 -4.40 7.98 -0.84
N GLU A 47 -4.80 7.33 -1.94
CA GLU A 47 -4.40 7.77 -3.27
C GLU A 47 -5.11 9.06 -3.65
N HIS A 48 -6.40 9.14 -3.32
CA HIS A 48 -7.20 10.32 -3.63
C HIS A 48 -6.57 11.57 -3.04
N LEU A 49 -5.99 11.43 -1.84
CA LEU A 49 -5.35 12.56 -1.16
C LEU A 49 -3.84 12.47 -1.27
N GLY A 50 -3.36 11.45 -1.98
CA GLY A 50 -1.93 11.26 -2.15
C GLY A 50 -1.18 11.30 -0.82
N THR A 51 -0.53 12.41 -0.55
CA THR A 51 0.24 12.57 0.68
C THR A 51 -0.47 13.52 1.65
N GLY A 52 -1.80 13.47 1.66
CA GLY A 52 -2.57 14.33 2.54
C GLY A 52 -2.40 13.97 4.00
N ARG A 53 -3.48 13.56 4.64
CA ARG A 53 -3.44 13.19 6.05
C ARG A 53 -4.14 11.85 6.28
N TRP A 54 -3.58 11.04 7.17
CA TRP A 54 -4.14 9.74 7.48
C TRP A 54 -5.62 9.85 7.84
N ARG A 55 -5.98 10.94 8.50
CA ARG A 55 -7.36 11.17 8.91
C ARG A 55 -8.23 11.47 7.69
N ASP A 56 -7.63 12.03 6.65
CA ASP A 56 -8.36 12.36 5.43
C ASP A 56 -8.70 11.09 4.64
N VAL A 57 -7.74 10.18 4.55
CA VAL A 57 -7.94 8.93 3.83
C VAL A 57 -8.91 8.02 4.57
N LYS A 58 -8.93 8.13 5.90
CA LYS A 58 -9.83 7.31 6.71
C LYS A 58 -11.26 7.80 6.61
N PHE A 59 -11.45 9.11 6.70
CA PHE A 59 -12.78 9.71 6.60
C PHE A 59 -13.29 9.66 5.16
N ARG A 60 -12.44 10.06 4.23
CA ARG A 60 -12.81 10.07 2.82
C ARG A 60 -13.33 8.70 2.38
N ALA A 61 -12.67 7.65 2.86
CA ALA A 61 -13.07 6.28 2.52
C ALA A 61 -14.35 5.89 3.24
N PHE A 62 -14.24 5.59 4.53
CA PHE A 62 -15.39 5.20 5.33
C PHE A 62 -15.11 5.38 6.82
N GLU A 63 -15.66 6.44 7.40
CA GLU A 63 -15.47 6.73 8.81
C GLU A 63 -16.46 5.95 9.66
N ASN A 64 -17.27 5.11 9.02
CA ASN A 64 -18.26 4.30 9.72
C ASN A 64 -17.71 2.91 10.02
N VAL A 65 -16.87 2.40 9.13
CA VAL A 65 -16.29 1.08 9.31
C VAL A 65 -15.63 0.95 10.68
N HIS A 66 -16.00 -0.10 11.40
CA HIS A 66 -15.45 -0.33 12.73
C HIS A 66 -13.93 -0.47 12.68
N HIS A 67 -13.46 -1.61 12.18
CA HIS A 67 -12.03 -1.86 12.07
C HIS A 67 -11.37 -0.89 11.09
N ARG A 68 -10.12 -1.15 10.75
CA ARG A 68 -9.39 -0.30 9.83
C ARG A 68 -9.21 1.10 10.41
N THR A 69 -8.00 1.39 10.89
CA THR A 69 -7.70 2.68 11.48
C THR A 69 -6.92 3.56 10.50
N TYR A 70 -7.09 4.87 10.62
CA TYR A 70 -6.39 5.81 9.74
C TYR A 70 -4.91 5.47 9.64
N VAL A 71 -4.30 5.14 10.77
CA VAL A 71 -2.89 4.78 10.81
C VAL A 71 -2.63 3.49 10.05
N ASP A 72 -3.53 2.53 10.21
CA ASP A 72 -3.40 1.24 9.54
C ASP A 72 -3.57 1.39 8.03
N LEU A 73 -4.29 2.43 7.61
CA LEU A 73 -4.52 2.69 6.20
C LEU A 73 -3.25 3.19 5.51
N LYS A 74 -2.69 4.27 6.05
CA LYS A 74 -1.48 4.85 5.50
C LYS A 74 -0.32 3.85 5.55
N ASP A 75 -0.19 3.16 6.68
CA ASP A 75 0.86 2.17 6.85
C ASP A 75 0.68 1.00 5.89
N LYS A 76 -0.57 0.60 5.67
CA LYS A 76 -0.89 -0.50 4.78
C LYS A 76 -0.54 -0.15 3.35
N TRP A 77 -0.86 1.08 2.94
CA TRP A 77 -0.58 1.54 1.59
C TRP A 77 0.91 1.50 1.30
N LYS A 78 1.70 2.06 2.21
CA LYS A 78 3.16 2.08 2.05
C LYS A 78 3.72 0.67 1.96
N THR A 79 3.23 -0.21 2.83
CA THR A 79 3.69 -1.60 2.86
C THR A 79 3.29 -2.32 1.58
N LEU A 80 2.01 -2.26 1.24
CA LEU A 80 1.50 -2.91 0.04
C LEU A 80 2.21 -2.39 -1.21
N VAL A 81 2.62 -1.12 -1.16
CA VAL A 81 3.32 -0.52 -2.28
C VAL A 81 4.70 -1.13 -2.48
N HIS A 82 5.44 -1.28 -1.38
CA HIS A 82 6.78 -1.85 -1.44
C HIS A 82 6.73 -3.29 -1.93
N THR A 83 5.74 -4.04 -1.47
CA THR A 83 5.59 -5.44 -1.88
C THR A 83 5.07 -5.55 -3.30
N ALA A 84 4.29 -4.55 -3.73
CA ALA A 84 3.75 -4.53 -5.07
C ALA A 84 4.72 -3.91 -6.06
N SER A 85 5.84 -3.39 -5.54
CA SER A 85 6.85 -2.77 -6.38
C SER A 85 8.08 -3.68 -6.50
N ILE A 86 8.38 -4.39 -5.43
CA ILE A 86 9.52 -5.29 -5.40
C ILE A 86 9.47 -6.27 -6.58
N ALA A 87 10.51 -7.10 -6.69
CA ALA A 87 10.58 -8.09 -7.76
C ALA A 87 9.46 -9.13 -7.63
N PRO A 88 9.16 -9.80 -8.75
CA PRO A 88 8.11 -10.83 -8.78
C PRO A 88 8.50 -12.08 -8.01
N GLN A 89 9.79 -12.31 -7.86
CA GLN A 89 10.29 -13.47 -7.14
C GLN A 89 10.23 -13.24 -5.63
N GLN A 90 9.80 -12.05 -5.24
CA GLN A 90 9.69 -11.70 -3.82
C GLN A 90 8.32 -11.13 -3.51
N ARG A 91 7.39 -11.26 -4.44
CA ARG A 91 6.04 -10.75 -4.26
C ARG A 91 5.05 -11.90 -4.09
N ARG A 92 5.57 -13.09 -3.83
CA ARG A 92 4.72 -14.27 -3.65
C ARG A 92 3.83 -14.11 -2.41
N GLY A 93 2.74 -14.87 -2.38
CA GLY A 93 1.82 -14.80 -1.26
C GLY A 93 0.43 -15.28 -1.61
N ALA A 94 -0.16 -14.66 -2.64
CA ALA A 94 -1.50 -15.03 -3.09
C ALA A 94 -1.92 -14.21 -4.30
N PRO A 95 -2.91 -14.72 -5.04
CA PRO A 95 -3.43 -14.05 -6.24
C PRO A 95 -4.20 -12.77 -5.90
N VAL A 96 -3.60 -11.63 -6.21
CA VAL A 96 -4.22 -10.34 -5.94
C VAL A 96 -4.47 -9.57 -7.23
N PRO A 97 -5.40 -8.61 -7.19
CA PRO A 97 -5.76 -7.78 -8.34
C PRO A 97 -4.64 -6.81 -8.72
N GLN A 98 -4.01 -7.04 -9.87
CA GLN A 98 -2.93 -6.19 -10.33
C GLN A 98 -3.38 -4.74 -10.40
N GLU A 99 -4.67 -4.53 -10.66
CA GLU A 99 -5.23 -3.18 -10.75
C GLU A 99 -4.90 -2.37 -9.50
N LEU A 100 -4.87 -3.05 -8.37
CA LEU A 100 -4.57 -2.39 -7.09
C LEU A 100 -3.08 -2.05 -6.99
N LEU A 101 -2.25 -2.96 -7.47
CA LEU A 101 -0.80 -2.77 -7.42
C LEU A 101 -0.36 -1.72 -8.45
N ASP A 102 -1.13 -1.61 -9.53
CA ASP A 102 -0.82 -0.64 -10.58
C ASP A 102 -1.20 0.77 -10.15
N ARG A 103 -2.37 0.89 -9.53
CA ARG A 103 -2.85 2.20 -9.07
C ARG A 103 -1.97 2.73 -7.93
N VAL A 104 -1.59 1.85 -7.01
CA VAL A 104 -0.76 2.22 -5.88
C VAL A 104 0.66 2.58 -6.35
N LEU A 105 1.17 1.80 -7.29
CA LEU A 105 2.52 2.04 -7.82
C LEU A 105 2.58 3.35 -8.60
N ALA A 106 1.66 3.51 -9.55
CA ALA A 106 1.62 4.72 -10.36
C ALA A 106 1.44 5.95 -9.50
N ALA A 107 0.56 5.86 -8.50
CA ALA A 107 0.30 6.97 -7.60
C ALA A 107 1.53 7.30 -6.76
N GLN A 108 2.25 6.26 -6.34
CA GLN A 108 3.45 6.44 -5.53
C GLN A 108 4.49 7.26 -6.28
N ALA A 109 4.74 6.90 -7.53
CA ALA A 109 5.71 7.60 -8.35
C ALA A 109 5.20 8.98 -8.75
N TYR A 110 3.88 9.10 -8.88
CA TYR A 110 3.27 10.37 -9.25
C TYR A 110 3.33 11.37 -8.10
N TRP A 111 3.04 10.90 -6.89
CA TRP A 111 3.07 11.74 -5.71
C TRP A 111 4.50 12.03 -5.28
N SER A 112 5.43 11.20 -5.74
CA SER A 112 6.84 11.36 -5.40
C SER A 112 7.32 12.77 -5.73
N VAL A 113 7.61 13.57 -4.70
CA VAL A 113 8.08 14.93 -4.90
C VAL A 113 9.50 15.10 -4.36
N ASP A 114 9.85 14.30 -3.35
CA ASP A 114 11.18 14.37 -2.75
C ASP A 114 11.66 12.98 -2.37
N SER A 115 12.97 12.84 -2.18
CA SER A 115 13.57 11.56 -1.82
C SER A 115 14.04 11.57 -0.37
N SER A 116 15.15 12.27 -0.13
CA SER A 116 15.71 12.36 1.21
C SER A 116 16.04 13.81 1.57
N GLY A 117 16.24 14.07 2.85
CA GLY A 117 16.56 15.41 3.30
C GLY A 117 16.52 15.54 4.81
N ARG A 118 17.57 15.05 5.47
CA ARG A 118 17.64 15.11 6.93
C ARG A 118 18.31 16.41 7.38
N ILE A 119 18.46 16.56 8.69
CA ILE A 119 19.08 17.76 9.25
C ILE A 119 20.60 17.65 9.22
N VAL A 120 21.20 18.21 8.17
CA VAL A 120 22.66 18.17 8.02
C VAL A 120 23.27 19.55 8.29
N THR A 121 23.19 19.98 9.55
CA THR A 121 23.74 21.28 9.94
C THR A 121 25.26 21.29 9.83
N LEU A 122 25.88 20.18 10.18
CA LEU A 122 27.33 20.07 10.12
C LEU A 122 27.77 19.43 8.81
N GLY A 1 -55.79 -23.99 36.32
CA GLY A 1 -55.02 -22.78 36.09
C GLY A 1 -55.09 -22.31 34.66
N SER A 2 -54.20 -21.39 34.28
CA SER A 2 -54.17 -20.85 32.93
C SER A 2 -52.74 -20.73 32.43
N PRO A 3 -52.58 -20.64 31.10
CA PRO A 3 -51.27 -20.51 30.47
C PRO A 3 -50.63 -19.15 30.73
N PHE A 4 -49.51 -19.16 31.43
CA PHE A 4 -48.79 -17.93 31.76
C PHE A 4 -47.99 -17.43 30.56
N ALA A 5 -47.89 -16.12 30.43
CA ALA A 5 -47.14 -15.52 29.32
C ALA A 5 -46.37 -14.29 29.79
N ASP A 6 -45.40 -13.87 28.99
CA ASP A 6 -44.59 -12.70 29.31
C ASP A 6 -44.87 -11.55 28.35
N PRO A 7 -44.51 -10.32 28.77
CA PRO A 7 -44.72 -9.12 27.96
C PRO A 7 -43.80 -9.07 26.75
N ASN A 8 -44.32 -8.58 25.63
CA ASN A 8 -43.55 -8.49 24.40
C ASN A 8 -42.55 -7.32 24.47
N SER A 9 -41.29 -7.63 24.22
CA SER A 9 -40.24 -6.61 24.26
C SER A 9 -39.27 -6.78 23.09
N LEU A 10 -38.37 -5.82 22.93
CA LEU A 10 -37.39 -5.86 21.86
C LEU A 10 -36.08 -5.20 22.28
N ALA A 11 -35.01 -5.48 21.54
CA ALA A 11 -33.71 -4.91 21.85
C ALA A 11 -33.24 -3.98 20.73
N LEU A 12 -32.38 -3.03 21.08
CA LEU A 12 -31.85 -2.08 20.10
C LEU A 12 -30.70 -1.28 20.69
N ALA A 13 -29.59 -1.24 19.98
CA ALA A 13 -28.41 -0.50 20.42
C ALA A 13 -27.54 -0.09 19.25
N ASN A 14 -26.44 0.60 19.54
CA ASN A 14 -25.53 1.06 18.50
C ASN A 14 -24.07 0.82 18.91
N VAL A 15 -23.19 0.72 17.92
CA VAL A 15 -21.77 0.49 18.19
C VAL A 15 -21.02 1.81 18.31
N PRO A 16 -20.18 1.92 19.36
CA PRO A 16 -19.39 3.12 19.62
C PRO A 16 -18.28 3.32 18.59
N LEU A 17 -17.47 4.35 18.79
CA LEU A 17 -16.37 4.65 17.89
C LEU A 17 -15.03 4.59 18.61
N SER A 18 -13.96 4.96 17.91
CA SER A 18 -12.62 4.95 18.48
C SER A 18 -11.71 5.90 17.71
N ARG A 19 -10.63 6.33 18.38
CA ARG A 19 -9.67 7.23 17.76
C ARG A 19 -8.47 7.47 18.69
N SER A 20 -7.38 7.97 18.11
CA SER A 20 -6.17 8.23 18.89
C SER A 20 -5.24 9.18 18.14
N LYS A 21 -4.08 9.45 18.72
CA LYS A 21 -3.11 10.34 18.10
C LYS A 21 -1.68 9.94 18.50
N ARG A 22 -0.99 9.27 17.58
CA ARG A 22 0.37 8.82 17.83
C ARG A 22 0.99 8.22 16.57
N PRO A 23 2.25 8.55 16.30
CA PRO A 23 2.98 8.05 15.13
C PRO A 23 3.29 6.57 15.24
N ASP A 24 3.75 5.97 14.14
CA ASP A 24 4.10 4.57 14.12
C ASP A 24 4.66 4.16 12.76
N PHE A 25 5.64 3.27 12.77
CA PHE A 25 6.27 2.81 11.54
C PHE A 25 5.96 1.33 11.29
N GLY A 26 6.33 0.85 10.11
CA GLY A 26 6.08 -0.54 9.77
C GLY A 26 7.08 -1.08 8.76
N GLN A 27 7.21 -2.40 8.71
CA GLN A 27 8.14 -3.03 7.78
C GLN A 27 7.73 -2.80 6.34
N ARG A 28 8.43 -3.43 5.40
CA ARG A 28 8.13 -3.28 3.99
C ARG A 28 7.91 -4.64 3.33
N ARG A 29 7.47 -5.62 4.13
CA ARG A 29 7.22 -6.96 3.64
C ARG A 29 6.13 -7.65 4.46
N ILE A 30 4.96 -7.04 4.51
CA ILE A 30 3.84 -7.60 5.26
C ILE A 30 2.71 -8.03 4.34
N ARG A 31 2.01 -9.08 4.71
CA ARG A 31 0.88 -9.59 3.91
C ARG A 31 -0.37 -9.71 4.76
N ARG A 32 -1.32 -8.81 4.54
CA ARG A 32 -2.57 -8.82 5.29
C ARG A 32 -3.71 -9.35 4.42
N PRO A 33 -4.56 -10.20 5.03
CA PRO A 33 -5.70 -10.80 4.33
C PRO A 33 -6.79 -9.78 4.02
N PHE A 34 -6.64 -9.09 2.89
CA PHE A 34 -7.62 -8.09 2.47
C PHE A 34 -8.28 -8.48 1.16
N THR A 35 -9.41 -7.85 0.85
CA THR A 35 -10.15 -8.14 -0.37
C THR A 35 -9.95 -7.02 -1.40
N VAL A 36 -10.18 -7.36 -2.67
CA VAL A 36 -10.03 -6.39 -3.75
C VAL A 36 -10.84 -5.13 -3.47
N ALA A 37 -12.01 -5.31 -2.89
CA ALA A 37 -12.89 -4.18 -2.57
C ALA A 37 -12.29 -3.32 -1.47
N GLU A 38 -11.85 -3.97 -0.39
CA GLU A 38 -11.25 -3.26 0.74
C GLU A 38 -9.98 -2.53 0.31
N VAL A 39 -9.11 -3.25 -0.38
CA VAL A 39 -7.85 -2.67 -0.85
C VAL A 39 -8.10 -1.53 -1.83
N GLU A 40 -9.16 -1.65 -2.61
CA GLU A 40 -9.51 -0.63 -3.59
C GLU A 40 -9.95 0.66 -2.90
N LEU A 41 -10.91 0.54 -1.98
CA LEU A 41 -11.42 1.69 -1.24
C LEU A 41 -10.32 2.32 -0.40
N LEU A 42 -9.45 1.49 0.15
CA LEU A 42 -8.35 1.97 0.99
C LEU A 42 -7.33 2.72 0.16
N VAL A 43 -6.70 2.03 -0.78
CA VAL A 43 -5.70 2.64 -1.65
C VAL A 43 -6.26 3.88 -2.34
N GLU A 44 -7.56 3.87 -2.62
CA GLU A 44 -8.22 4.99 -3.28
C GLU A 44 -8.42 6.14 -2.30
N ALA A 45 -8.69 5.80 -1.04
CA ALA A 45 -8.90 6.81 0.00
C ALA A 45 -7.63 7.60 0.28
N VAL A 46 -6.52 6.88 0.44
CA VAL A 46 -5.23 7.50 0.71
C VAL A 46 -4.68 8.19 -0.53
N GLU A 47 -4.96 7.61 -1.70
CA GLU A 47 -4.49 8.16 -2.95
C GLU A 47 -5.28 9.41 -3.33
N HIS A 48 -6.60 9.30 -3.28
CA HIS A 48 -7.47 10.43 -3.62
C HIS A 48 -7.15 11.65 -2.77
N LEU A 49 -6.59 11.40 -1.59
CA LEU A 49 -6.22 12.48 -0.68
C LEU A 49 -4.72 12.74 -0.72
N GLY A 50 -3.96 11.76 -1.19
CA GLY A 50 -2.52 11.90 -1.27
C GLY A 50 -1.93 12.51 -0.02
N THR A 51 -0.78 13.17 -0.18
CA THR A 51 -0.11 13.81 0.95
C THR A 51 -0.11 12.89 2.18
N GLY A 52 -0.10 11.59 1.94
CA GLY A 52 -0.10 10.62 3.03
C GLY A 52 -1.00 11.04 4.17
N ARG A 53 -2.16 11.60 3.83
CA ARG A 53 -3.11 12.06 4.85
C ARG A 53 -3.79 10.87 5.53
N TRP A 54 -3.06 10.23 6.43
CA TRP A 54 -3.60 9.07 7.14
C TRP A 54 -4.90 9.43 7.86
N ARG A 55 -5.04 10.69 8.24
CA ARG A 55 -6.24 11.16 8.93
C ARG A 55 -7.40 11.31 7.95
N ASP A 56 -7.15 12.00 6.84
CA ASP A 56 -8.18 12.21 5.84
C ASP A 56 -8.70 10.89 5.29
N VAL A 57 -7.78 10.00 4.94
CA VAL A 57 -8.15 8.69 4.41
C VAL A 57 -8.96 7.89 5.43
N LYS A 58 -8.49 7.88 6.68
CA LYS A 58 -9.16 7.15 7.75
C LYS A 58 -10.63 7.56 7.83
N PHE A 59 -10.89 8.86 7.70
CA PHE A 59 -12.25 9.38 7.77
C PHE A 59 -12.94 9.25 6.41
N ARG A 60 -12.15 9.13 5.35
CA ARG A 60 -12.69 9.00 4.00
C ARG A 60 -12.33 7.65 3.41
N ALA A 61 -12.74 6.58 4.08
CA ALA A 61 -12.46 5.22 3.62
C ALA A 61 -13.34 4.20 4.34
N PHE A 62 -13.21 4.15 5.65
CA PHE A 62 -13.98 3.21 6.46
C PHE A 62 -14.61 3.92 7.67
N GLU A 63 -14.88 5.21 7.50
CA GLU A 63 -15.48 6.00 8.57
C GLU A 63 -16.78 5.35 9.07
N ASN A 64 -17.56 4.84 8.14
CA ASN A 64 -18.83 4.20 8.49
C ASN A 64 -18.83 2.74 8.05
N VAL A 65 -17.65 2.13 8.04
CA VAL A 65 -17.52 0.73 7.65
C VAL A 65 -16.61 -0.03 8.62
N HIS A 66 -16.63 0.40 9.89
CA HIS A 66 -15.81 -0.25 10.91
C HIS A 66 -14.33 -0.16 10.57
N HIS A 67 -13.79 1.05 10.63
CA HIS A 67 -12.38 1.26 10.33
C HIS A 67 -11.49 0.71 11.43
N ARG A 68 -10.17 0.82 11.25
CA ARG A 68 -9.22 0.33 12.24
C ARG A 68 -8.38 1.46 12.81
N THR A 69 -7.44 1.96 12.01
CA THR A 69 -6.58 3.05 12.44
C THR A 69 -5.99 3.79 11.24
N TYR A 70 -6.00 5.12 11.32
CA TYR A 70 -5.47 5.95 10.23
C TYR A 70 -4.09 5.48 9.82
N VAL A 71 -3.26 5.12 10.80
CA VAL A 71 -1.91 4.66 10.54
C VAL A 71 -1.92 3.34 9.77
N ASP A 72 -2.92 2.51 10.05
CA ASP A 72 -3.05 1.22 9.39
C ASP A 72 -3.35 1.40 7.90
N LEU A 73 -4.23 2.35 7.59
CA LEU A 73 -4.60 2.61 6.20
C LEU A 73 -3.40 3.14 5.41
N LYS A 74 -2.71 4.14 5.98
CA LYS A 74 -1.55 4.73 5.32
C LYS A 74 -0.40 3.73 5.25
N ASP A 75 -0.16 3.03 6.36
CA ASP A 75 0.91 2.04 6.42
C ASP A 75 0.64 0.88 5.47
N LYS A 76 -0.63 0.48 5.39
CA LYS A 76 -1.02 -0.61 4.51
C LYS A 76 -0.77 -0.26 3.04
N TRP A 77 -1.19 0.93 2.65
CA TRP A 77 -1.00 1.39 1.28
C TRP A 77 0.47 1.40 0.90
N LYS A 78 1.29 2.05 1.72
CA LYS A 78 2.72 2.13 1.48
C LYS A 78 3.35 0.73 1.46
N THR A 79 3.02 -0.07 2.47
CA THR A 79 3.55 -1.42 2.57
C THR A 79 3.19 -2.25 1.34
N LEU A 80 1.92 -2.27 1.00
CA LEU A 80 1.44 -3.01 -0.16
C LEU A 80 2.13 -2.54 -1.44
N VAL A 81 2.47 -1.26 -1.47
CA VAL A 81 3.14 -0.68 -2.64
C VAL A 81 4.54 -1.22 -2.79
N HIS A 82 5.28 -1.29 -1.68
CA HIS A 82 6.64 -1.80 -1.69
C HIS A 82 6.67 -3.26 -2.12
N THR A 83 5.71 -4.04 -1.65
CA THR A 83 5.62 -5.46 -1.99
C THR A 83 5.19 -5.65 -3.44
N ALA A 84 4.39 -4.71 -3.94
CA ALA A 84 3.91 -4.77 -5.32
C ALA A 84 4.92 -4.17 -6.28
N SER A 85 5.96 -3.54 -5.74
CA SER A 85 6.98 -2.92 -6.55
C SER A 85 8.26 -3.77 -6.58
N ILE A 86 8.53 -4.44 -5.46
CA ILE A 86 9.71 -5.29 -5.36
C ILE A 86 9.73 -6.34 -6.47
N ALA A 87 10.79 -7.14 -6.49
CA ALA A 87 10.94 -8.18 -7.49
C ALA A 87 9.71 -9.09 -7.52
N PRO A 88 9.54 -9.82 -8.64
CA PRO A 88 8.41 -10.73 -8.81
C PRO A 88 8.51 -11.96 -7.92
N GLN A 89 9.74 -12.35 -7.59
CA GLN A 89 9.96 -13.51 -6.73
C GLN A 89 9.74 -13.16 -5.27
N GLN A 90 9.94 -11.89 -4.94
CA GLN A 90 9.75 -11.43 -3.56
C GLN A 90 8.32 -10.94 -3.34
N ARG A 91 7.49 -11.09 -4.36
CA ARG A 91 6.09 -10.66 -4.29
C ARG A 91 5.27 -11.64 -3.46
N ARG A 92 5.54 -11.71 -2.17
CA ARG A 92 4.83 -12.62 -1.27
C ARG A 92 3.63 -11.92 -0.64
N GLY A 93 2.83 -11.26 -1.48
CA GLY A 93 1.65 -10.56 -0.98
C GLY A 93 0.39 -11.39 -1.11
N ALA A 94 -0.76 -10.75 -0.85
CA ALA A 94 -2.04 -11.44 -0.94
C ALA A 94 -2.42 -11.72 -2.39
N PRO A 95 -3.34 -12.68 -2.58
CA PRO A 95 -3.81 -13.06 -3.92
C PRO A 95 -4.66 -11.97 -4.57
N VAL A 96 -3.99 -10.95 -5.13
CA VAL A 96 -4.68 -9.85 -5.78
C VAL A 96 -4.25 -9.73 -7.24
N PRO A 97 -5.13 -9.13 -8.06
CA PRO A 97 -4.86 -8.93 -9.48
C PRO A 97 -3.76 -7.90 -9.74
N GLN A 98 -3.21 -7.93 -10.95
CA GLN A 98 -2.14 -7.00 -11.31
C GLN A 98 -2.65 -5.56 -11.27
N GLU A 99 -3.92 -5.37 -11.59
CA GLU A 99 -4.53 -4.04 -11.59
C GLU A 99 -4.32 -3.35 -10.25
N LEU A 100 -4.53 -4.09 -9.16
CA LEU A 100 -4.35 -3.54 -7.82
C LEU A 100 -2.95 -2.97 -7.64
N LEU A 101 -1.96 -3.69 -8.15
CA LEU A 101 -0.57 -3.24 -8.04
C LEU A 101 -0.29 -2.10 -9.01
N ASP A 102 -1.08 -2.01 -10.06
CA ASP A 102 -0.91 -0.95 -11.06
C ASP A 102 -1.45 0.37 -10.54
N ARG A 103 -2.53 0.31 -9.77
CA ARG A 103 -3.14 1.50 -9.21
C ARG A 103 -2.34 2.02 -8.01
N VAL A 104 -1.91 1.08 -7.16
CA VAL A 104 -1.13 1.44 -5.98
C VAL A 104 0.24 1.98 -6.37
N LEU A 105 0.84 1.38 -7.39
CA LEU A 105 2.16 1.81 -7.86
C LEU A 105 2.07 3.16 -8.56
N ALA A 106 1.13 3.28 -9.50
CA ALA A 106 0.94 4.52 -10.24
C ALA A 106 0.69 5.69 -9.29
N ALA A 107 -0.11 5.45 -8.27
CA ALA A 107 -0.44 6.48 -7.28
C ALA A 107 0.79 6.86 -6.46
N GLN A 108 1.52 5.85 -6.01
CA GLN A 108 2.71 6.06 -5.20
C GLN A 108 3.68 7.01 -5.90
N ALA A 109 3.99 6.70 -7.16
CA ALA A 109 4.90 7.54 -7.94
C ALA A 109 4.31 8.91 -8.20
N TYR A 110 3.01 8.95 -8.48
CA TYR A 110 2.33 10.22 -8.75
C TYR A 110 2.50 11.18 -7.58
N TRP A 111 2.48 10.65 -6.37
CA TRP A 111 2.63 11.47 -5.17
C TRP A 111 4.08 11.46 -4.69
N SER A 112 4.97 10.86 -5.49
CA SER A 112 6.37 10.78 -5.15
C SER A 112 7.23 11.49 -6.19
N VAL A 113 8.40 11.97 -5.77
CA VAL A 113 9.31 12.66 -6.66
C VAL A 113 9.96 11.70 -7.66
N ASP A 114 10.14 10.45 -7.22
CA ASP A 114 10.74 9.44 -8.06
C ASP A 114 10.72 8.08 -7.38
N SER A 115 10.27 7.05 -8.10
CA SER A 115 10.19 5.70 -7.56
C SER A 115 11.34 4.84 -8.09
N SER A 116 11.96 4.09 -7.20
CA SER A 116 13.07 3.22 -7.57
C SER A 116 12.56 1.92 -8.18
N GLY A 117 13.48 1.12 -8.73
CA GLY A 117 13.10 -0.14 -9.33
C GLY A 117 14.22 -0.72 -10.20
N ARG A 118 14.31 -2.04 -10.19
CA ARG A 118 15.34 -2.73 -10.98
C ARG A 118 14.72 -3.64 -12.03
N ILE A 119 15.56 -4.31 -12.80
CA ILE A 119 15.08 -5.22 -13.84
C ILE A 119 14.23 -6.34 -13.25
N VAL A 120 12.92 -6.16 -13.29
CA VAL A 120 12.00 -7.16 -12.76
C VAL A 120 11.64 -8.19 -13.82
N THR A 121 11.41 -9.43 -13.37
CA THR A 121 11.06 -10.51 -14.28
C THR A 121 9.54 -10.67 -14.40
N LEU A 122 8.84 -9.55 -14.46
CA LEU A 122 7.38 -9.55 -14.56
C LEU A 122 6.94 -9.62 -16.02
N GLY A 1 -61.68 -7.30 49.22
CA GLY A 1 -61.29 -7.66 47.87
C GLY A 1 -59.85 -7.29 47.57
N SER A 2 -58.93 -8.18 47.93
CA SER A 2 -57.51 -7.94 47.70
C SER A 2 -56.77 -9.25 47.46
N PRO A 3 -57.02 -9.87 46.31
CA PRO A 3 -56.38 -11.14 45.94
C PRO A 3 -54.89 -10.98 45.64
N PHE A 4 -54.24 -12.09 45.31
CA PHE A 4 -52.82 -12.07 45.00
C PHE A 4 -52.49 -13.03 43.86
N ALA A 5 -51.61 -12.60 42.96
CA ALA A 5 -51.22 -13.41 41.81
C ALA A 5 -49.70 -13.48 41.69
N ASP A 6 -49.23 -14.36 40.82
CA ASP A 6 -47.79 -14.53 40.60
C ASP A 6 -47.39 -14.04 39.21
N PRO A 7 -46.09 -13.76 39.04
CA PRO A 7 -45.56 -13.29 37.75
C PRO A 7 -45.56 -14.37 36.69
N ASN A 8 -46.68 -14.51 35.99
CA ASN A 8 -46.81 -15.51 34.94
C ASN A 8 -46.75 -14.86 33.56
N SER A 9 -45.94 -15.44 32.68
CA SER A 9 -45.79 -14.92 31.32
C SER A 9 -46.59 -15.75 30.33
N LEU A 10 -47.48 -15.09 29.59
CA LEU A 10 -48.31 -15.76 28.61
C LEU A 10 -48.00 -15.26 27.20
N ALA A 11 -46.71 -15.16 26.87
CA ALA A 11 -46.29 -14.70 25.56
C ALA A 11 -44.79 -14.92 25.36
N LEU A 12 -44.45 -15.67 24.33
CA LEU A 12 -43.05 -15.96 24.02
C LEU A 12 -42.87 -16.25 22.53
N ALA A 13 -41.82 -15.66 21.95
CA ALA A 13 -41.53 -15.85 20.53
C ALA A 13 -40.07 -15.50 20.22
N ASN A 14 -39.45 -16.31 19.37
CA ASN A 14 -38.06 -16.08 18.98
C ASN A 14 -37.90 -16.08 17.47
N VAL A 15 -37.25 -15.05 16.95
CA VAL A 15 -37.03 -14.93 15.51
C VAL A 15 -35.55 -15.05 15.17
N PRO A 16 -35.27 -15.47 13.93
CA PRO A 16 -33.89 -15.63 13.45
C PRO A 16 -33.18 -14.30 13.27
N LEU A 17 -31.88 -14.28 13.55
CA LEU A 17 -31.09 -13.06 13.41
C LEU A 17 -29.71 -13.38 12.83
N SER A 18 -29.16 -12.43 12.06
CA SER A 18 -27.86 -12.61 11.45
C SER A 18 -27.10 -11.29 11.41
N ARG A 19 -25.80 -11.36 11.67
CA ARG A 19 -24.95 -10.16 11.66
C ARG A 19 -23.47 -10.54 11.62
N SER A 20 -22.63 -9.57 11.30
CA SER A 20 -21.18 -9.80 11.22
C SER A 20 -20.50 -9.37 12.50
N LYS A 21 -19.23 -9.74 12.64
CA LYS A 21 -18.45 -9.38 13.82
C LYS A 21 -16.96 -9.28 13.49
N ARG A 22 -16.35 -8.18 13.91
CA ARG A 22 -14.93 -7.96 13.65
C ARG A 22 -14.21 -7.48 14.91
N PRO A 23 -14.09 -8.39 15.91
CA PRO A 23 -13.43 -8.08 17.18
C PRO A 23 -11.92 -7.90 17.02
N ASP A 24 -11.44 -6.70 17.34
CA ASP A 24 -10.02 -6.40 17.24
C ASP A 24 -9.31 -6.67 18.57
N PHE A 25 -8.00 -6.46 18.58
CA PHE A 25 -7.21 -6.68 19.79
C PHE A 25 -5.77 -6.17 19.60
N GLY A 26 -5.02 -6.12 20.69
CA GLY A 26 -3.65 -5.66 20.63
C GLY A 26 -2.65 -6.76 20.90
N GLN A 27 -2.57 -7.72 19.99
CA GLN A 27 -1.65 -8.85 20.14
C GLN A 27 -0.69 -8.93 18.95
N ARG A 28 0.39 -9.69 19.13
CA ARG A 28 1.38 -9.85 18.06
C ARG A 28 1.15 -11.15 17.29
N ARG A 29 -0.11 -11.58 17.24
CA ARG A 29 -0.48 -12.80 16.53
C ARG A 29 -0.35 -12.61 15.03
N ILE A 30 -0.42 -13.72 14.28
CA ILE A 30 -0.31 -13.68 12.84
C ILE A 30 -1.33 -12.71 12.24
N ARG A 31 -0.88 -11.89 11.29
CA ARG A 31 -1.75 -10.93 10.64
C ARG A 31 -2.37 -11.52 9.37
N ARG A 32 -3.65 -11.23 9.16
CA ARG A 32 -4.36 -11.74 7.99
C ARG A 32 -4.14 -10.84 6.78
N PRO A 33 -4.38 -11.38 5.58
CA PRO A 33 -4.22 -10.64 4.33
C PRO A 33 -5.27 -9.54 4.16
N PHE A 34 -5.29 -8.91 3.00
CA PHE A 34 -6.24 -7.84 2.71
C PHE A 34 -7.19 -8.27 1.59
N THR A 35 -8.31 -7.54 1.49
CA THR A 35 -9.31 -7.83 0.47
C THR A 35 -9.24 -6.82 -0.68
N VAL A 36 -9.62 -7.27 -1.87
CA VAL A 36 -9.61 -6.39 -3.04
C VAL A 36 -10.42 -5.12 -2.79
N ALA A 37 -11.54 -5.27 -2.08
CA ALA A 37 -12.40 -4.14 -1.77
C ALA A 37 -11.77 -3.24 -0.72
N GLU A 38 -11.30 -3.84 0.36
CA GLU A 38 -10.68 -3.09 1.44
C GLU A 38 -9.46 -2.32 0.93
N VAL A 39 -8.59 -3.01 0.21
CA VAL A 39 -7.39 -2.38 -0.33
C VAL A 39 -7.75 -1.29 -1.35
N GLU A 40 -8.72 -1.58 -2.19
CA GLU A 40 -9.16 -0.62 -3.20
C GLU A 40 -9.60 0.70 -2.56
N LEU A 41 -10.49 0.60 -1.57
CA LEU A 41 -10.99 1.78 -0.88
C LEU A 41 -9.84 2.53 -0.20
N LEU A 42 -9.00 1.79 0.51
CA LEU A 42 -7.87 2.40 1.21
C LEU A 42 -6.95 3.13 0.22
N VAL A 43 -6.46 2.40 -0.77
CA VAL A 43 -5.57 2.97 -1.77
C VAL A 43 -6.19 4.22 -2.40
N GLU A 44 -7.50 4.16 -2.66
CA GLU A 44 -8.20 5.28 -3.25
C GLU A 44 -8.38 6.42 -2.25
N ALA A 45 -8.43 6.07 -0.97
CA ALA A 45 -8.59 7.05 0.10
C ALA A 45 -7.28 7.82 0.33
N VAL A 46 -6.18 7.08 0.48
CA VAL A 46 -4.89 7.68 0.71
C VAL A 46 -4.37 8.38 -0.55
N GLU A 47 -4.75 7.84 -1.71
CA GLU A 47 -4.32 8.41 -2.98
C GLU A 47 -5.05 9.72 -3.26
N HIS A 48 -6.37 9.72 -3.05
CA HIS A 48 -7.17 10.91 -3.28
C HIS A 48 -6.57 12.12 -2.59
N LEU A 49 -5.86 11.89 -1.49
CA LEU A 49 -5.23 12.96 -0.74
C LEU A 49 -3.71 12.94 -0.93
N GLY A 50 -3.20 11.85 -1.47
CA GLY A 50 -1.78 11.72 -1.71
C GLY A 50 -0.99 11.67 -0.42
N THR A 51 -0.24 12.74 -0.15
CA THR A 51 0.58 12.81 1.06
C THR A 51 0.08 13.92 1.99
N GLY A 52 -1.03 13.67 2.65
CA GLY A 52 -1.59 14.65 3.56
C GLY A 52 -1.86 14.07 4.94
N ARG A 53 -3.08 14.29 5.44
CA ARG A 53 -3.47 13.78 6.75
C ARG A 53 -4.01 12.36 6.66
N TRP A 54 -3.70 11.55 7.65
CA TRP A 54 -4.15 10.17 7.68
C TRP A 54 -5.65 10.08 7.95
N ARG A 55 -6.10 10.84 8.94
CA ARG A 55 -7.52 10.85 9.30
C ARG A 55 -8.38 11.20 8.10
N ASP A 56 -7.80 11.94 7.14
CA ASP A 56 -8.52 12.33 5.95
C ASP A 56 -8.76 11.13 5.02
N VAL A 57 -7.80 10.20 5.02
CA VAL A 57 -7.91 9.01 4.20
C VAL A 57 -8.92 8.03 4.77
N LYS A 58 -9.00 7.97 6.09
CA LYS A 58 -9.94 7.07 6.77
C LYS A 58 -11.36 7.62 6.69
N PHE A 59 -11.48 8.94 6.62
CA PHE A 59 -12.79 9.58 6.53
C PHE A 59 -13.29 9.62 5.09
N ARG A 60 -12.40 9.99 4.18
CA ARG A 60 -12.75 10.08 2.76
C ARG A 60 -13.17 8.71 2.23
N ALA A 61 -12.70 7.64 2.88
CA ALA A 61 -13.02 6.29 2.47
C ALA A 61 -14.30 5.80 3.15
N PHE A 62 -14.17 5.42 4.42
CA PHE A 62 -15.32 4.94 5.18
C PHE A 62 -14.96 4.78 6.66
N GLU A 63 -15.52 5.64 7.50
CA GLU A 63 -15.25 5.59 8.93
C GLU A 63 -16.02 4.44 9.59
N ASN A 64 -16.84 3.76 8.79
CA ASN A 64 -17.63 2.64 9.30
C ASN A 64 -17.15 1.32 8.70
N VAL A 65 -16.38 1.41 7.61
CA VAL A 65 -15.86 0.22 6.94
C VAL A 65 -14.40 -0.02 7.32
N HIS A 66 -14.16 -1.11 8.04
CA HIS A 66 -12.82 -1.48 8.46
C HIS A 66 -12.13 -0.28 9.14
N HIS A 67 -12.88 0.42 9.98
CA HIS A 67 -12.35 1.58 10.68
C HIS A 67 -11.42 1.14 11.82
N ARG A 68 -10.23 0.69 11.46
CA ARG A 68 -9.26 0.24 12.45
C ARG A 68 -8.51 1.42 13.06
N THR A 69 -7.58 1.99 12.29
CA THR A 69 -6.79 3.12 12.76
C THR A 69 -6.16 3.88 11.59
N TYR A 70 -6.06 5.19 11.71
CA TYR A 70 -5.47 6.01 10.67
C TYR A 70 -4.13 5.44 10.20
N VAL A 71 -3.29 5.06 11.16
CA VAL A 71 -2.00 4.48 10.85
C VAL A 71 -2.13 3.20 10.04
N ASP A 72 -3.13 2.39 10.39
CA ASP A 72 -3.38 1.13 9.70
C ASP A 72 -3.63 1.37 8.22
N LEU A 73 -4.43 2.39 7.92
CA LEU A 73 -4.77 2.71 6.53
C LEU A 73 -3.51 3.09 5.75
N LYS A 74 -2.82 4.12 6.22
CA LYS A 74 -1.60 4.57 5.55
C LYS A 74 -0.56 3.45 5.49
N ASP A 75 -0.50 2.65 6.55
CA ASP A 75 0.44 1.53 6.61
C ASP A 75 0.08 0.45 5.59
N LYS A 76 -1.22 0.22 5.43
CA LYS A 76 -1.70 -0.78 4.50
C LYS A 76 -1.26 -0.46 3.07
N TRP A 77 -1.44 0.79 2.67
CA TRP A 77 -1.06 1.23 1.34
C TRP A 77 0.46 1.13 1.14
N LYS A 78 1.20 1.61 2.13
CA LYS A 78 2.66 1.58 2.07
C LYS A 78 3.17 0.14 2.00
N THR A 79 2.64 -0.72 2.87
CA THR A 79 3.04 -2.11 2.91
C THR A 79 2.72 -2.81 1.58
N LEU A 80 1.47 -2.69 1.14
CA LEU A 80 1.05 -3.30 -0.11
C LEU A 80 1.87 -2.78 -1.29
N VAL A 81 2.26 -1.51 -1.21
CA VAL A 81 3.05 -0.89 -2.26
C VAL A 81 4.45 -1.51 -2.34
N HIS A 82 5.07 -1.67 -1.18
CA HIS A 82 6.42 -2.24 -1.12
C HIS A 82 6.43 -3.66 -1.66
N THR A 83 5.37 -4.41 -1.37
CA THR A 83 5.26 -5.79 -1.85
C THR A 83 4.97 -5.84 -3.34
N ALA A 84 4.27 -4.82 -3.84
CA ALA A 84 3.93 -4.75 -5.25
C ALA A 84 5.06 -4.11 -6.06
N SER A 85 6.07 -3.62 -5.36
CA SER A 85 7.21 -2.97 -6.01
C SER A 85 8.44 -3.89 -5.97
N ILE A 86 8.57 -4.65 -4.89
CA ILE A 86 9.70 -5.56 -4.73
C ILE A 86 9.81 -6.49 -5.93
N ALA A 87 10.87 -7.30 -5.94
CA ALA A 87 11.09 -8.25 -7.02
C ALA A 87 9.85 -9.10 -7.29
N PRO A 88 9.79 -9.70 -8.49
CA PRO A 88 8.66 -10.53 -8.89
C PRO A 88 8.61 -11.85 -8.11
N GLN A 89 9.77 -12.30 -7.65
CA GLN A 89 9.86 -13.54 -6.90
C GLN A 89 9.52 -13.32 -5.43
N GLN A 90 9.67 -12.08 -4.98
CA GLN A 90 9.37 -11.74 -3.59
C GLN A 90 7.95 -11.20 -3.46
N ARG A 91 7.52 -10.42 -4.44
CA ARG A 91 6.18 -9.85 -4.43
C ARG A 91 5.12 -10.94 -4.26
N ARG A 92 5.45 -12.15 -4.70
CA ARG A 92 4.53 -13.27 -4.59
C ARG A 92 4.02 -13.43 -3.17
N GLY A 93 2.79 -13.00 -2.93
CA GLY A 93 2.22 -13.09 -1.60
C GLY A 93 0.85 -13.75 -1.61
N ALA A 94 -0.19 -12.93 -1.51
CA ALA A 94 -1.57 -13.44 -1.51
C ALA A 94 -2.19 -13.32 -2.90
N PRO A 95 -3.26 -14.11 -3.13
CA PRO A 95 -3.96 -14.11 -4.41
C PRO A 95 -4.74 -12.82 -4.66
N VAL A 96 -4.04 -11.80 -5.13
CA VAL A 96 -4.66 -10.51 -5.41
C VAL A 96 -4.56 -10.15 -6.89
N PRO A 97 -5.48 -9.31 -7.36
CA PRO A 97 -5.52 -8.87 -8.76
C PRO A 97 -4.36 -7.94 -9.10
N GLN A 98 -3.87 -8.06 -10.33
CA GLN A 98 -2.76 -7.22 -10.78
C GLN A 98 -3.14 -5.76 -10.79
N GLU A 99 -4.41 -5.48 -11.06
CA GLU A 99 -4.92 -4.11 -11.10
C GLU A 99 -4.61 -3.38 -9.80
N LEU A 100 -4.66 -4.11 -8.69
CA LEU A 100 -4.38 -3.53 -7.38
C LEU A 100 -2.97 -2.98 -7.32
N LEU A 101 -2.01 -3.72 -7.88
CA LEU A 101 -0.62 -3.30 -7.88
C LEU A 101 -0.39 -2.20 -8.91
N ASP A 102 -1.23 -2.16 -9.93
CA ASP A 102 -1.12 -1.15 -10.98
C ASP A 102 -1.64 0.20 -10.49
N ARG A 103 -2.71 0.17 -9.70
CA ARG A 103 -3.30 1.38 -9.17
C ARG A 103 -2.44 1.98 -8.07
N VAL A 104 -1.96 1.11 -7.16
CA VAL A 104 -1.12 1.55 -6.06
C VAL A 104 0.21 2.11 -6.57
N LEU A 105 0.78 1.46 -7.57
CA LEU A 105 2.04 1.88 -8.15
C LEU A 105 1.89 3.23 -8.86
N ALA A 106 0.91 3.31 -9.76
CA ALA A 106 0.66 4.53 -10.50
C ALA A 106 0.48 5.72 -9.56
N ALA A 107 -0.25 5.50 -8.47
CA ALA A 107 -0.50 6.55 -7.48
C ALA A 107 0.81 6.96 -6.79
N GLN A 108 1.63 5.97 -6.47
CA GLN A 108 2.90 6.23 -5.79
C GLN A 108 3.72 7.25 -6.56
N ALA A 109 3.86 7.04 -7.87
CA ALA A 109 4.62 7.95 -8.71
C ALA A 109 3.85 9.23 -8.97
N TYR A 110 2.52 9.14 -8.95
CA TYR A 110 1.67 10.29 -9.18
C TYR A 110 1.93 11.40 -8.15
N TRP A 111 2.03 10.99 -6.89
CA TRP A 111 2.28 11.94 -5.81
C TRP A 111 3.69 12.52 -5.91
N SER A 112 4.56 11.83 -6.64
CA SER A 112 5.93 12.28 -6.82
C SER A 112 5.98 13.65 -7.47
N VAL A 113 6.43 14.65 -6.71
CA VAL A 113 6.53 16.01 -7.22
C VAL A 113 7.99 16.42 -7.43
N ASP A 114 8.88 15.82 -6.65
CA ASP A 114 10.29 16.12 -6.75
C ASP A 114 10.59 17.54 -6.28
N SER A 115 11.20 17.64 -5.10
CA SER A 115 11.53 18.95 -4.54
C SER A 115 12.65 18.82 -3.49
N SER A 116 13.62 19.72 -3.56
CA SER A 116 14.74 19.70 -2.61
C SER A 116 14.30 20.22 -1.26
N GLY A 117 14.79 19.58 -0.19
CA GLY A 117 14.44 19.99 1.15
C GLY A 117 13.63 18.95 1.89
N ARG A 118 13.71 17.71 1.43
CA ARG A 118 12.97 16.61 2.06
C ARG A 118 13.86 15.84 3.02
N ILE A 119 14.08 16.41 4.20
CA ILE A 119 14.91 15.78 5.22
C ILE A 119 16.08 15.05 4.58
N VAL A 120 16.74 15.70 3.63
CA VAL A 120 17.88 15.11 2.94
C VAL A 120 19.13 15.17 3.81
N THR A 121 20.02 14.20 3.63
CA THR A 121 21.25 14.14 4.40
C THR A 121 22.47 14.32 3.51
N LEU A 122 22.40 13.78 2.30
CA LEU A 122 23.49 13.88 1.34
C LEU A 122 23.46 15.22 0.61
N GLY A 1 75.84 -44.69 -37.23
CA GLY A 1 74.81 -43.67 -37.22
C GLY A 1 73.42 -44.24 -37.36
N SER A 2 72.74 -44.39 -36.23
CA SER A 2 71.38 -44.93 -36.22
C SER A 2 70.50 -44.21 -35.20
N PRO A 3 70.20 -42.93 -35.49
CA PRO A 3 69.37 -42.11 -34.61
C PRO A 3 67.91 -42.55 -34.59
N PHE A 4 67.26 -42.41 -33.45
CA PHE A 4 65.87 -42.79 -33.30
C PHE A 4 65.04 -41.64 -32.75
N ALA A 5 63.84 -41.46 -33.31
CA ALA A 5 62.95 -40.39 -32.87
C ALA A 5 61.53 -40.61 -33.39
N ASP A 6 60.58 -40.71 -32.47
CA ASP A 6 59.19 -40.92 -32.83
C ASP A 6 58.39 -39.63 -32.72
N PRO A 7 57.23 -39.59 -33.38
CA PRO A 7 56.35 -38.41 -33.37
C PRO A 7 55.68 -38.20 -32.02
N ASN A 8 55.63 -36.95 -31.58
CA ASN A 8 55.02 -36.61 -30.30
C ASN A 8 53.88 -35.62 -30.48
N SER A 9 52.81 -35.81 -29.73
CA SER A 9 51.64 -34.93 -29.81
C SER A 9 50.85 -34.96 -28.51
N LEU A 10 49.84 -34.10 -28.42
CA LEU A 10 49.01 -34.02 -27.23
C LEU A 10 47.59 -33.58 -27.59
N ALA A 11 46.61 -34.10 -26.86
CA ALA A 11 45.21 -33.75 -27.10
C ALA A 11 44.46 -33.56 -25.79
N LEU A 12 43.66 -32.50 -25.72
CA LEU A 12 42.89 -32.20 -24.51
C LEU A 12 41.66 -31.39 -24.85
N ALA A 13 40.54 -31.73 -24.22
CA ALA A 13 39.27 -31.03 -24.44
C ALA A 13 38.29 -31.28 -23.31
N ASN A 14 37.49 -30.27 -22.99
CA ASN A 14 36.51 -30.38 -21.92
C ASN A 14 35.17 -29.78 -22.34
N VAL A 15 34.11 -30.57 -22.23
CA VAL A 15 32.77 -30.11 -22.60
C VAL A 15 32.27 -29.04 -21.65
N PRO A 16 31.37 -28.18 -22.15
CA PRO A 16 30.80 -27.09 -21.36
C PRO A 16 29.87 -27.59 -20.26
N LEU A 17 29.40 -26.67 -19.41
CA LEU A 17 28.51 -27.03 -18.31
C LEU A 17 27.09 -26.55 -18.60
N SER A 18 26.14 -27.03 -17.81
CA SER A 18 24.73 -26.64 -17.97
C SER A 18 24.01 -26.67 -16.63
N ARG A 19 22.85 -26.02 -16.58
CA ARG A 19 22.05 -25.96 -15.36
C ARG A 19 20.57 -25.86 -15.69
N SER A 20 19.75 -26.58 -14.94
CA SER A 20 18.30 -26.57 -15.15
C SER A 20 17.57 -26.37 -13.83
N LYS A 21 17.02 -25.17 -13.64
CA LYS A 21 16.28 -24.86 -12.42
C LYS A 21 14.78 -24.81 -12.68
N ARG A 22 14.04 -25.66 -11.99
CA ARG A 22 12.59 -25.72 -12.15
C ARG A 22 11.89 -25.01 -10.99
N PRO A 23 10.84 -24.24 -11.33
CA PRO A 23 10.06 -23.48 -10.34
C PRO A 23 9.23 -24.41 -9.45
N ASP A 24 8.57 -23.82 -8.45
CA ASP A 24 7.73 -24.58 -7.53
C ASP A 24 6.33 -24.00 -7.47
N PHE A 25 5.33 -24.88 -7.35
CA PHE A 25 3.94 -24.46 -7.28
C PHE A 25 3.38 -24.62 -5.87
N GLY A 26 2.23 -24.04 -5.62
CA GLY A 26 1.60 -24.14 -4.32
C GLY A 26 0.44 -23.18 -4.15
N GLN A 27 -0.02 -23.02 -2.91
CA GLN A 27 -1.13 -22.11 -2.62
C GLN A 27 -0.63 -20.79 -2.06
N ARG A 28 -1.51 -19.81 -2.02
CA ARG A 28 -1.16 -18.48 -1.52
C ARG A 28 -1.71 -18.28 -0.11
N ARG A 29 -0.81 -18.09 0.85
CA ARG A 29 -1.20 -17.87 2.24
C ARG A 29 -2.01 -16.58 2.39
N ILE A 30 -2.80 -16.51 3.45
CA ILE A 30 -3.62 -15.33 3.70
C ILE A 30 -3.29 -14.73 5.07
N ARG A 31 -2.89 -13.46 5.06
CA ARG A 31 -2.55 -12.76 6.29
C ARG A 31 -3.79 -12.16 6.94
N ARG A 32 -4.28 -11.06 6.38
CA ARG A 32 -5.46 -10.39 6.90
C ARG A 32 -6.60 -10.44 5.89
N PRO A 33 -7.84 -10.24 6.38
CA PRO A 33 -9.03 -10.25 5.54
C PRO A 33 -9.11 -9.05 4.61
N PHE A 34 -8.27 -9.06 3.57
CA PHE A 34 -8.25 -7.97 2.60
C PHE A 34 -8.66 -8.45 1.21
N THR A 35 -9.65 -7.77 0.63
CA THR A 35 -10.13 -8.14 -0.69
C THR A 35 -9.93 -7.00 -1.68
N VAL A 36 -10.07 -7.31 -2.97
CA VAL A 36 -9.91 -6.30 -4.01
C VAL A 36 -10.74 -5.05 -3.72
N ALA A 37 -11.93 -5.27 -3.16
CA ALA A 37 -12.82 -4.16 -2.82
C ALA A 37 -12.25 -3.33 -1.67
N GLU A 38 -11.87 -4.00 -0.60
CA GLU A 38 -11.31 -3.32 0.57
C GLU A 38 -10.02 -2.60 0.21
N VAL A 39 -9.12 -3.31 -0.45
CA VAL A 39 -7.83 -2.73 -0.86
C VAL A 39 -8.04 -1.54 -1.78
N GLU A 40 -9.04 -1.63 -2.64
CA GLU A 40 -9.35 -0.55 -3.58
C GLU A 40 -9.70 0.73 -2.84
N LEU A 41 -10.64 0.64 -1.91
CA LEU A 41 -11.08 1.79 -1.13
C LEU A 41 -9.91 2.38 -0.36
N LEU A 42 -9.07 1.53 0.19
CA LEU A 42 -7.91 1.96 0.96
C LEU A 42 -7.01 2.87 0.12
N VAL A 43 -6.60 2.37 -1.05
CA VAL A 43 -5.75 3.13 -1.94
C VAL A 43 -6.37 4.49 -2.28
N GLU A 44 -7.66 4.48 -2.56
CA GLU A 44 -8.37 5.71 -2.90
C GLU A 44 -8.35 6.69 -1.73
N ALA A 45 -8.35 6.15 -0.51
CA ALA A 45 -8.32 6.98 0.69
C ALA A 45 -7.05 7.80 0.77
N VAL A 46 -5.91 7.14 0.60
CA VAL A 46 -4.62 7.82 0.65
C VAL A 46 -4.34 8.56 -0.65
N GLU A 47 -4.87 8.03 -1.75
CA GLU A 47 -4.68 8.64 -3.06
C GLU A 47 -5.44 9.95 -3.18
N HIS A 48 -6.70 9.92 -2.76
CA HIS A 48 -7.55 11.11 -2.81
C HIS A 48 -6.85 12.30 -2.17
N LEU A 49 -5.95 12.03 -1.23
CA LEU A 49 -5.22 13.08 -0.53
C LEU A 49 -3.77 13.13 -1.01
N GLY A 50 -3.33 12.07 -1.69
CA GLY A 50 -1.97 12.03 -2.19
C GLY A 50 -0.94 12.26 -1.10
N THR A 51 -0.60 11.20 -0.37
CA THR A 51 0.37 11.31 0.71
C THR A 51 0.08 12.50 1.61
N GLY A 52 -1.01 12.40 2.37
CA GLY A 52 -1.39 13.48 3.27
C GLY A 52 -1.66 13.00 4.67
N ARG A 53 -2.52 13.72 5.39
CA ARG A 53 -2.86 13.35 6.76
C ARG A 53 -3.67 12.06 6.79
N TRP A 54 -3.28 11.16 7.69
CA TRP A 54 -3.97 9.86 7.82
C TRP A 54 -5.41 10.07 8.24
N ARG A 55 -5.65 11.09 9.06
CA ARG A 55 -7.01 11.39 9.54
C ARG A 55 -7.96 11.57 8.37
N ASP A 56 -7.53 12.33 7.37
CA ASP A 56 -8.36 12.59 6.19
C ASP A 56 -8.57 11.31 5.39
N VAL A 57 -7.57 10.43 5.42
CA VAL A 57 -7.65 9.16 4.70
C VAL A 57 -8.82 8.32 5.17
N LYS A 58 -8.91 8.12 6.49
CA LYS A 58 -9.99 7.35 7.08
C LYS A 58 -11.33 8.05 6.90
N PHE A 59 -11.35 9.36 7.12
CA PHE A 59 -12.56 10.15 6.99
C PHE A 59 -13.09 10.10 5.56
N ARG A 60 -12.18 10.25 4.60
CA ARG A 60 -12.55 10.22 3.18
C ARG A 60 -12.86 8.80 2.73
N ALA A 61 -12.11 7.84 3.26
CA ALA A 61 -12.30 6.44 2.91
C ALA A 61 -13.77 6.03 3.06
N PHE A 62 -14.20 5.83 4.30
CA PHE A 62 -15.57 5.44 4.58
C PHE A 62 -16.07 6.07 5.89
N GLU A 63 -15.21 6.08 6.89
CA GLU A 63 -15.56 6.66 8.19
C GLU A 63 -16.84 6.03 8.73
N ASN A 64 -16.97 4.72 8.56
CA ASN A 64 -18.14 4.00 9.03
C ASN A 64 -17.82 2.54 9.31
N VAL A 65 -17.02 1.93 8.43
CA VAL A 65 -16.62 0.54 8.58
C VAL A 65 -16.07 0.27 9.98
N HIS A 66 -15.86 -1.01 10.30
CA HIS A 66 -15.35 -1.39 11.61
C HIS A 66 -14.00 -2.09 11.46
N HIS A 67 -13.25 -2.15 12.55
CA HIS A 67 -11.93 -2.79 12.55
C HIS A 67 -11.02 -2.13 11.52
N ARG A 68 -10.57 -0.91 11.83
CA ARG A 68 -9.69 -0.18 10.92
C ARG A 68 -9.24 1.13 11.56
N THR A 69 -8.12 1.66 11.07
CA THR A 69 -7.58 2.92 11.59
C THR A 69 -6.81 3.66 10.51
N TYR A 70 -6.85 5.00 10.58
CA TYR A 70 -6.15 5.83 9.61
C TYR A 70 -4.72 5.36 9.41
N VAL A 71 -4.06 5.01 10.51
CA VAL A 71 -2.67 4.55 10.47
C VAL A 71 -2.57 3.22 9.72
N ASP A 72 -3.56 2.36 9.93
CA ASP A 72 -3.58 1.05 9.27
C ASP A 72 -3.68 1.20 7.76
N LEU A 73 -4.40 2.23 7.32
CA LEU A 73 -4.58 2.49 5.89
C LEU A 73 -3.26 2.95 5.26
N LYS A 74 -2.69 4.00 5.82
CA LYS A 74 -1.43 4.54 5.31
C LYS A 74 -0.31 3.51 5.39
N ASP A 75 -0.22 2.82 6.54
CA ASP A 75 0.80 1.80 6.74
C ASP A 75 0.61 0.65 5.75
N LYS A 76 -0.65 0.30 5.48
CA LYS A 76 -0.96 -0.79 4.57
C LYS A 76 -0.51 -0.45 3.15
N TRP A 77 -0.68 0.82 2.76
CA TRP A 77 -0.29 1.27 1.43
C TRP A 77 1.22 1.16 1.25
N LYS A 78 1.97 1.60 2.25
CA LYS A 78 3.42 1.56 2.21
C LYS A 78 3.92 0.11 2.10
N THR A 79 3.28 -0.78 2.83
CA THR A 79 3.65 -2.19 2.81
C THR A 79 3.25 -2.85 1.50
N LEU A 80 2.00 -2.68 1.11
CA LEU A 80 1.50 -3.27 -0.13
C LEU A 80 2.28 -2.73 -1.33
N VAL A 81 2.68 -1.47 -1.25
CA VAL A 81 3.44 -0.85 -2.33
C VAL A 81 4.82 -1.46 -2.47
N HIS A 82 5.50 -1.62 -1.34
CA HIS A 82 6.84 -2.20 -1.33
C HIS A 82 6.82 -3.61 -1.89
N THR A 83 5.76 -4.36 -1.57
CA THR A 83 5.63 -5.73 -2.04
C THR A 83 5.29 -5.77 -3.52
N ALA A 84 4.59 -4.75 -4.00
CA ALA A 84 4.20 -4.66 -5.40
C ALA A 84 5.30 -4.02 -6.24
N SER A 85 6.34 -3.54 -5.56
CA SER A 85 7.46 -2.89 -6.25
C SER A 85 8.68 -3.81 -6.25
N ILE A 86 8.85 -4.58 -5.18
CA ILE A 86 9.98 -5.49 -5.07
C ILE A 86 10.09 -6.38 -6.30
N ALA A 87 11.19 -7.13 -6.39
CA ALA A 87 11.42 -8.02 -7.52
C ALA A 87 10.38 -9.14 -7.54
N PRO A 88 10.22 -9.76 -8.72
CA PRO A 88 9.25 -10.86 -8.91
C PRO A 88 9.67 -12.12 -8.19
N GLN A 89 10.97 -12.28 -7.97
CA GLN A 89 11.51 -13.45 -7.29
C GLN A 89 10.83 -13.65 -5.94
N GLN A 90 10.35 -12.56 -5.36
CA GLN A 90 9.68 -12.62 -4.06
C GLN A 90 8.18 -12.82 -4.24
N ARG A 91 7.54 -11.87 -4.92
CA ARG A 91 6.10 -11.93 -5.16
C ARG A 91 5.37 -12.47 -3.93
N ARG A 92 5.79 -12.00 -2.75
CA ARG A 92 5.17 -12.43 -1.51
C ARG A 92 3.99 -11.54 -1.14
N GLY A 93 2.80 -11.94 -1.57
CA GLY A 93 1.61 -11.16 -1.27
C GLY A 93 0.34 -11.97 -1.41
N ALA A 94 -0.73 -11.52 -0.76
CA ALA A 94 -2.01 -12.21 -0.82
C ALA A 94 -2.49 -12.37 -2.26
N PRO A 95 -3.42 -13.29 -2.48
CA PRO A 95 -3.98 -13.57 -3.81
C PRO A 95 -4.86 -12.43 -4.31
N VAL A 96 -4.22 -11.37 -4.80
CA VAL A 96 -4.93 -10.21 -5.32
C VAL A 96 -4.60 -9.98 -6.79
N PRO A 97 -5.51 -9.29 -7.49
CA PRO A 97 -5.34 -8.98 -8.92
C PRO A 97 -4.24 -7.95 -9.15
N GLN A 98 -3.61 -8.02 -10.33
CA GLN A 98 -2.54 -7.10 -10.68
C GLN A 98 -3.02 -5.65 -10.60
N GLU A 99 -4.33 -5.45 -10.81
CA GLU A 99 -4.91 -4.11 -10.77
C GLU A 99 -4.52 -3.40 -9.48
N LEU A 100 -4.58 -4.12 -8.37
CA LEU A 100 -4.24 -3.56 -7.07
C LEU A 100 -2.83 -2.98 -7.07
N LEU A 101 -1.90 -3.72 -7.67
CA LEU A 101 -0.51 -3.28 -7.75
C LEU A 101 -0.35 -2.16 -8.78
N ASP A 102 -1.24 -2.12 -9.75
CA ASP A 102 -1.21 -1.10 -10.79
C ASP A 102 -1.73 0.23 -10.26
N ARG A 103 -2.80 0.17 -9.48
CA ARG A 103 -3.40 1.37 -8.91
C ARG A 103 -2.48 1.98 -7.87
N VAL A 104 -1.93 1.14 -7.00
CA VAL A 104 -1.03 1.61 -5.95
C VAL A 104 0.26 2.16 -6.53
N LEU A 105 0.78 1.50 -7.56
CA LEU A 105 2.01 1.92 -8.20
C LEU A 105 1.81 3.23 -8.96
N ALA A 106 0.80 3.25 -9.83
CA ALA A 106 0.50 4.45 -10.61
C ALA A 106 0.26 5.65 -9.70
N ALA A 107 -0.53 5.44 -8.65
CA ALA A 107 -0.83 6.51 -7.72
C ALA A 107 0.43 7.00 -7.02
N GLN A 108 1.28 6.08 -6.62
CA GLN A 108 2.53 6.42 -5.95
C GLN A 108 3.33 7.43 -6.76
N ALA A 109 3.49 7.16 -8.05
CA ALA A 109 4.23 8.04 -8.93
C ALA A 109 3.42 9.28 -9.28
N TYR A 110 2.09 9.14 -9.26
CA TYR A 110 1.20 10.26 -9.59
C TYR A 110 1.39 11.40 -8.59
N TRP A 111 1.47 11.06 -7.31
CA TRP A 111 1.64 12.05 -6.26
C TRP A 111 3.04 12.68 -6.33
N SER A 112 3.96 11.99 -7.01
CA SER A 112 5.32 12.48 -7.15
C SER A 112 5.39 13.63 -8.14
N VAL A 113 5.77 14.80 -7.65
CA VAL A 113 5.88 15.99 -8.49
C VAL A 113 7.34 16.29 -8.84
N ASP A 114 8.24 15.91 -7.96
CA ASP A 114 9.66 16.12 -8.17
C ASP A 114 9.99 17.62 -8.11
N SER A 115 9.56 18.27 -7.04
CA SER A 115 9.80 19.71 -6.88
C SER A 115 11.30 20.00 -6.81
N SER A 116 11.94 19.51 -5.76
CA SER A 116 13.38 19.72 -5.58
C SER A 116 13.96 18.66 -4.65
N GLY A 117 15.29 18.61 -4.60
CA GLY A 117 15.97 17.64 -3.74
C GLY A 117 17.40 18.04 -3.43
N ARG A 118 17.54 19.10 -2.65
CA ARG A 118 18.87 19.58 -2.27
C ARG A 118 19.62 18.53 -1.44
N ILE A 119 20.88 18.81 -1.15
CA ILE A 119 21.70 17.90 -0.37
C ILE A 119 21.52 18.15 1.12
N VAL A 120 20.28 18.07 1.59
CA VAL A 120 19.98 18.28 2.99
C VAL A 120 20.86 17.42 3.89
N THR A 121 21.67 18.06 4.72
CA THR A 121 22.56 17.34 5.63
C THR A 121 22.84 18.16 6.88
N LEU A 122 21.85 18.22 7.77
CA LEU A 122 22.00 18.97 9.01
C LEU A 122 23.21 18.50 9.81
N GLY A 1 71.20 25.33 -20.11
CA GLY A 1 70.04 24.75 -20.75
C GLY A 1 68.75 25.09 -20.02
N SER A 2 68.06 24.07 -19.53
CA SER A 2 66.80 24.27 -18.82
C SER A 2 66.21 22.94 -18.37
N PRO A 3 65.91 22.07 -19.35
CA PRO A 3 65.34 20.75 -19.08
C PRO A 3 66.33 19.80 -18.42
N PHE A 4 66.01 19.37 -17.20
CA PHE A 4 66.88 18.46 -16.46
C PHE A 4 66.62 17.01 -16.86
N ALA A 5 65.41 16.54 -16.62
CA ALA A 5 65.03 15.18 -16.96
C ALA A 5 63.76 15.14 -17.79
N ASP A 6 63.33 13.94 -18.17
CA ASP A 6 62.12 13.77 -18.96
C ASP A 6 61.02 13.09 -18.16
N PRO A 7 59.77 13.24 -18.60
CA PRO A 7 58.61 12.64 -17.94
C PRO A 7 58.58 11.12 -18.08
N ASN A 8 58.26 10.44 -16.99
CA ASN A 8 58.19 8.98 -16.99
C ASN A 8 57.00 8.49 -16.17
N SER A 9 56.09 7.78 -16.83
CA SER A 9 54.91 7.25 -16.15
C SER A 9 54.73 5.77 -16.46
N LEU A 10 54.93 4.93 -15.44
CA LEU A 10 54.78 3.49 -15.59
C LEU A 10 54.28 2.85 -14.30
N ALA A 11 53.04 2.36 -14.33
CA ALA A 11 52.45 1.72 -13.17
C ALA A 11 51.34 0.75 -13.58
N LEU A 12 50.85 -0.03 -12.63
CA LEU A 12 49.79 -1.00 -12.89
C LEU A 12 48.51 -0.60 -12.16
N ALA A 13 47.38 -1.08 -12.66
CA ALA A 13 46.08 -0.77 -12.07
C ALA A 13 45.31 -2.06 -11.75
N ASN A 14 44.69 -2.09 -10.58
CA ASN A 14 43.93 -3.26 -10.16
C ASN A 14 42.57 -2.84 -9.60
N VAL A 15 41.62 -3.77 -9.63
CA VAL A 15 40.27 -3.49 -9.13
C VAL A 15 40.00 -4.29 -7.85
N PRO A 16 39.07 -3.77 -7.03
CA PRO A 16 38.69 -4.42 -5.77
C PRO A 16 37.91 -5.72 -5.99
N LEU A 17 38.63 -6.83 -6.03
CA LEU A 17 38.00 -8.14 -6.23
C LEU A 17 37.48 -8.70 -4.92
N SER A 18 36.54 -7.99 -4.31
CA SER A 18 35.96 -8.42 -3.04
C SER A 18 34.51 -8.85 -3.23
N ARG A 19 33.89 -9.36 -2.16
CA ARG A 19 32.51 -9.81 -2.21
C ARG A 19 31.79 -9.50 -0.90
N SER A 20 30.50 -9.22 -0.99
CA SER A 20 29.69 -8.90 0.18
C SER A 20 28.27 -9.42 0.03
N LYS A 21 27.89 -10.36 0.89
CA LYS A 21 26.55 -10.93 0.86
C LYS A 21 25.98 -11.09 2.26
N ARG A 22 25.00 -10.26 2.60
CA ARG A 22 24.38 -10.31 3.91
C ARG A 22 22.95 -9.76 3.86
N PRO A 23 22.05 -10.49 3.21
CA PRO A 23 20.65 -10.09 3.07
C PRO A 23 19.89 -10.16 4.39
N ASP A 24 18.62 -9.76 4.37
CA ASP A 24 17.79 -9.78 5.57
C ASP A 24 16.36 -10.20 5.23
N PHE A 25 15.75 -10.98 6.12
CA PHE A 25 14.39 -11.45 5.91
C PHE A 25 13.77 -11.94 7.22
N GLY A 26 12.46 -11.82 7.34
CA GLY A 26 11.78 -12.26 8.54
C GLY A 26 10.98 -11.15 9.19
N GLN A 27 9.65 -11.25 9.11
CA GLN A 27 8.77 -10.26 9.69
C GLN A 27 8.01 -10.82 10.89
N ARG A 28 7.45 -9.94 11.70
CA ARG A 28 6.70 -10.36 12.88
C ARG A 28 5.20 -10.15 12.67
N ARG A 29 4.40 -11.04 13.26
CA ARG A 29 2.95 -10.96 13.14
C ARG A 29 2.54 -11.02 11.67
N ILE A 30 3.05 -12.01 10.95
CA ILE A 30 2.73 -12.18 9.55
C ILE A 30 1.22 -12.23 9.32
N ARG A 31 0.69 -11.17 8.70
CA ARG A 31 -0.75 -11.09 8.44
C ARG A 31 -1.01 -11.01 6.94
N ARG A 32 -2.09 -11.65 6.50
CA ARG A 32 -2.46 -11.65 5.09
C ARG A 32 -3.00 -10.29 4.67
N PRO A 33 -3.00 -10.03 3.35
CA PRO A 33 -3.48 -8.77 2.79
C PRO A 33 -5.00 -8.64 2.90
N PHE A 34 -5.51 -7.44 2.59
CA PHE A 34 -6.94 -7.18 2.65
C PHE A 34 -7.64 -7.65 1.38
N THR A 35 -8.97 -7.80 1.46
CA THR A 35 -9.75 -8.23 0.32
C THR A 35 -9.67 -7.24 -0.83
N VAL A 36 -10.05 -7.67 -2.03
CA VAL A 36 -10.01 -6.82 -3.19
C VAL A 36 -10.85 -5.55 -2.98
N ALA A 37 -11.99 -5.71 -2.33
CA ALA A 37 -12.88 -4.58 -2.06
C ALA A 37 -12.30 -3.69 -0.97
N GLU A 38 -11.89 -4.30 0.14
CA GLU A 38 -11.31 -3.55 1.26
C GLU A 38 -10.09 -2.77 0.81
N VAL A 39 -9.19 -3.44 0.09
CA VAL A 39 -7.98 -2.80 -0.40
C VAL A 39 -8.30 -1.68 -1.38
N GLU A 40 -9.18 -1.97 -2.32
CA GLU A 40 -9.57 -0.98 -3.33
C GLU A 40 -10.03 0.31 -2.67
N LEU A 41 -10.84 0.18 -1.62
CA LEU A 41 -11.35 1.35 -0.89
C LEU A 41 -10.22 2.09 -0.21
N LEU A 42 -9.36 1.35 0.49
CA LEU A 42 -8.23 1.95 1.19
C LEU A 42 -7.34 2.74 0.24
N VAL A 43 -6.75 2.04 -0.72
CA VAL A 43 -5.88 2.67 -1.70
C VAL A 43 -6.57 3.85 -2.38
N GLU A 44 -7.86 3.69 -2.64
CA GLU A 44 -8.64 4.75 -3.28
C GLU A 44 -8.77 5.96 -2.37
N ALA A 45 -8.79 5.71 -1.06
CA ALA A 45 -8.90 6.78 -0.09
C ALA A 45 -7.59 7.56 0.04
N VAL A 46 -6.50 6.84 0.24
CA VAL A 46 -5.19 7.46 0.38
C VAL A 46 -4.71 8.03 -0.95
N GLU A 47 -5.14 7.42 -2.04
CA GLU A 47 -4.76 7.88 -3.38
C GLU A 47 -5.46 9.18 -3.73
N HIS A 48 -6.78 9.22 -3.53
CA HIS A 48 -7.56 10.42 -3.82
C HIS A 48 -7.01 11.63 -3.07
N LEU A 49 -6.34 11.37 -1.96
CA LEU A 49 -5.77 12.43 -1.13
C LEU A 49 -4.25 12.48 -1.29
N GLY A 50 -3.71 11.48 -1.96
CA GLY A 50 -2.27 11.42 -2.16
C GLY A 50 -1.51 11.25 -0.87
N THR A 51 -0.61 12.18 -0.58
CA THR A 51 0.20 12.13 0.64
C THR A 51 -0.18 13.25 1.59
N GLY A 52 -1.35 13.14 2.20
CA GLY A 52 -1.80 14.16 3.13
C GLY A 52 -1.84 13.67 4.57
N ARG A 53 -2.90 14.03 5.28
CA ARG A 53 -3.05 13.63 6.68
C ARG A 53 -3.79 12.29 6.77
N TRP A 54 -3.24 11.37 7.57
CA TRP A 54 -3.85 10.06 7.74
C TRP A 54 -5.31 10.18 8.15
N ARG A 55 -5.65 11.29 8.81
CA ARG A 55 -7.02 11.52 9.26
C ARG A 55 -7.94 11.79 8.07
N ASP A 56 -7.39 12.43 7.04
CA ASP A 56 -8.16 12.75 5.84
C ASP A 56 -8.54 11.48 5.09
N VAL A 57 -7.57 10.59 4.92
CA VAL A 57 -7.81 9.33 4.21
C VAL A 57 -8.71 8.40 5.03
N LYS A 58 -8.62 8.51 6.35
CA LYS A 58 -9.43 7.69 7.23
C LYS A 58 -10.91 8.05 7.12
N PHE A 59 -11.20 9.34 7.11
CA PHE A 59 -12.58 9.82 7.00
C PHE A 59 -13.04 9.81 5.55
N ARG A 60 -12.08 9.80 4.63
CA ARG A 60 -12.39 9.80 3.20
C ARG A 60 -12.46 8.36 2.67
N ALA A 61 -12.01 7.41 3.47
CA ALA A 61 -12.02 6.00 3.08
C ALA A 61 -13.41 5.40 3.26
N PHE A 62 -13.74 5.04 4.50
CA PHE A 62 -15.04 4.44 4.81
C PHE A 62 -15.56 4.96 6.16
N GLU A 63 -14.64 5.20 7.09
CA GLU A 63 -15.01 5.68 8.41
C GLU A 63 -16.25 4.97 8.92
N ASN A 64 -16.35 3.67 8.63
CA ASN A 64 -17.48 2.88 9.07
C ASN A 64 -17.05 1.47 9.48
N VAL A 65 -16.14 0.90 8.69
CA VAL A 65 -15.63 -0.44 8.98
C VAL A 65 -15.17 -0.56 10.43
N HIS A 66 -15.20 -1.79 10.94
CA HIS A 66 -14.79 -2.04 12.32
C HIS A 66 -13.41 -1.44 12.59
N HIS A 67 -12.37 -2.12 12.10
CA HIS A 67 -11.00 -1.65 12.29
C HIS A 67 -10.72 -0.43 11.43
N ARG A 68 -10.80 0.75 12.03
CA ARG A 68 -10.56 1.99 11.31
C ARG A 68 -9.48 2.83 12.01
N THR A 69 -8.26 2.77 11.49
CA THR A 69 -7.15 3.52 12.08
C THR A 69 -6.44 4.35 11.02
N TYR A 70 -6.23 5.63 11.32
CA TYR A 70 -5.55 6.53 10.39
C TYR A 70 -4.25 5.91 9.89
N VAL A 71 -3.34 5.66 10.81
CA VAL A 71 -2.05 5.08 10.46
C VAL A 71 -2.22 3.74 9.76
N ASP A 72 -3.25 2.99 10.15
CA ASP A 72 -3.52 1.69 9.55
C ASP A 72 -3.77 1.83 8.05
N LEU A 73 -4.42 2.92 7.66
CA LEU A 73 -4.71 3.17 6.26
C LEU A 73 -3.45 3.57 5.50
N LYS A 74 -2.79 4.63 5.96
CA LYS A 74 -1.57 5.11 5.33
C LYS A 74 -0.52 4.01 5.27
N ASP A 75 -0.41 3.24 6.34
CA ASP A 75 0.55 2.14 6.41
C ASP A 75 0.14 1.01 5.49
N LYS A 76 -1.16 0.75 5.41
CA LYS A 76 -1.67 -0.33 4.57
C LYS A 76 -1.30 -0.11 3.12
N TRP A 77 -1.46 1.13 2.66
CA TRP A 77 -1.14 1.49 1.27
C TRP A 77 0.37 1.43 1.03
N LYS A 78 1.13 2.07 1.92
CA LYS A 78 2.58 2.09 1.80
C LYS A 78 3.15 0.67 1.78
N THR A 79 2.69 -0.17 2.71
CA THR A 79 3.14 -1.55 2.78
C THR A 79 2.82 -2.31 1.51
N LEU A 80 1.56 -2.26 1.09
CA LEU A 80 1.12 -2.94 -0.12
C LEU A 80 1.92 -2.47 -1.34
N VAL A 81 2.34 -1.21 -1.30
CA VAL A 81 3.12 -0.64 -2.39
C VAL A 81 4.50 -1.28 -2.48
N HIS A 82 5.16 -1.42 -1.33
CA HIS A 82 6.49 -2.02 -1.29
C HIS A 82 6.45 -3.47 -1.76
N THR A 83 5.41 -4.19 -1.36
CA THR A 83 5.25 -5.59 -1.75
C THR A 83 4.87 -5.71 -3.23
N ALA A 84 4.17 -4.70 -3.73
CA ALA A 84 3.75 -4.70 -5.13
C ALA A 84 4.84 -4.14 -6.03
N SER A 85 5.90 -3.60 -5.42
CA SER A 85 7.01 -3.03 -6.16
C SER A 85 8.22 -3.96 -6.14
N ILE A 86 8.41 -4.64 -5.02
CA ILE A 86 9.53 -5.57 -4.87
C ILE A 86 9.59 -6.55 -6.03
N ALA A 87 10.68 -7.31 -6.10
CA ALA A 87 10.85 -8.29 -7.17
C ALA A 87 9.63 -9.22 -7.26
N PRO A 88 9.49 -9.88 -8.42
CA PRO A 88 8.38 -10.79 -8.67
C PRO A 88 8.48 -12.07 -7.84
N GLN A 89 9.70 -12.43 -7.46
CA GLN A 89 9.93 -13.63 -6.66
C GLN A 89 9.78 -13.33 -5.18
N GLN A 90 9.81 -12.05 -4.84
CA GLN A 90 9.68 -11.63 -3.45
C GLN A 90 8.27 -11.11 -3.16
N ARG A 91 7.48 -10.95 -4.21
CA ARG A 91 6.11 -10.46 -4.08
C ARG A 91 5.13 -11.63 -4.01
N ARG A 92 5.63 -12.80 -3.64
CA ARG A 92 4.80 -13.99 -3.54
C ARG A 92 3.84 -13.88 -2.36
N GLY A 93 2.56 -14.13 -2.62
CA GLY A 93 1.56 -14.06 -1.57
C GLY A 93 0.21 -14.59 -2.02
N ALA A 94 -0.84 -13.79 -1.81
CA ALA A 94 -2.18 -14.20 -2.20
C ALA A 94 -2.53 -13.68 -3.60
N PRO A 95 -3.54 -14.29 -4.22
CA PRO A 95 -4.00 -13.93 -5.56
C PRO A 95 -4.69 -12.57 -5.58
N VAL A 96 -3.95 -11.54 -6.02
CA VAL A 96 -4.50 -10.19 -6.09
C VAL A 96 -4.46 -9.66 -7.52
N PRO A 97 -5.35 -8.69 -7.81
CA PRO A 97 -5.44 -8.07 -9.14
C PRO A 97 -4.23 -7.20 -9.46
N GLN A 98 -3.71 -7.33 -10.68
CA GLN A 98 -2.55 -6.56 -11.10
C GLN A 98 -2.87 -5.06 -11.10
N GLU A 99 -4.11 -4.72 -11.45
CA GLU A 99 -4.54 -3.33 -11.50
C GLU A 99 -4.28 -2.64 -10.16
N LEU A 100 -4.56 -3.35 -9.07
CA LEU A 100 -4.36 -2.81 -7.73
C LEU A 100 -2.91 -2.37 -7.53
N LEU A 101 -1.98 -3.18 -8.04
CA LEU A 101 -0.55 -2.87 -7.92
C LEU A 101 -0.16 -1.76 -8.89
N ASP A 102 -0.89 -1.64 -9.99
CA ASP A 102 -0.61 -0.61 -10.98
C ASP A 102 -1.09 0.76 -10.50
N ARG A 103 -2.20 0.77 -9.78
CA ARG A 103 -2.75 2.02 -9.26
C ARG A 103 -1.95 2.51 -8.05
N VAL A 104 -1.59 1.58 -7.17
CA VAL A 104 -0.83 1.92 -5.98
C VAL A 104 0.60 2.35 -6.33
N LEU A 105 1.17 1.67 -7.32
CA LEU A 105 2.53 1.98 -7.76
C LEU A 105 2.57 3.31 -8.52
N ALA A 106 1.70 3.44 -9.52
CA ALA A 106 1.63 4.66 -10.31
C ALA A 106 1.37 5.87 -9.43
N ALA A 107 0.42 5.74 -8.52
CA ALA A 107 0.07 6.83 -7.62
C ALA A 107 1.24 7.17 -6.69
N GLN A 108 1.87 6.13 -6.14
CA GLN A 108 3.00 6.32 -5.24
C GLN A 108 4.08 7.18 -5.89
N ALA A 109 4.46 6.83 -7.12
CA ALA A 109 5.47 7.57 -7.85
C ALA A 109 4.95 8.93 -8.29
N TYR A 110 3.70 8.97 -8.73
CA TYR A 110 3.08 10.22 -9.18
C TYR A 110 3.07 11.25 -8.06
N TRP A 111 2.73 10.81 -6.86
CA TRP A 111 2.67 11.69 -5.70
C TRP A 111 4.08 12.02 -5.19
N SER A 112 5.05 11.19 -5.58
CA SER A 112 6.43 11.39 -5.16
C SER A 112 7.07 12.55 -5.92
N VAL A 113 8.02 13.22 -5.28
CA VAL A 113 8.70 14.34 -5.90
C VAL A 113 10.10 13.95 -6.37
N ASP A 114 10.68 12.95 -5.71
CA ASP A 114 12.01 12.47 -6.06
C ASP A 114 12.03 10.95 -6.14
N SER A 115 12.30 10.43 -7.34
CA SER A 115 12.34 8.99 -7.56
C SER A 115 13.74 8.45 -7.28
N SER A 116 13.99 8.11 -6.02
CA SER A 116 15.30 7.58 -5.62
C SER A 116 15.18 6.12 -5.21
N GLY A 117 15.43 5.22 -6.17
CA GLY A 117 15.35 3.80 -5.88
C GLY A 117 14.25 3.12 -6.67
N ARG A 118 14.32 3.24 -8.00
CA ARG A 118 13.32 2.62 -8.86
C ARG A 118 13.90 2.32 -10.24
N ILE A 119 15.14 1.82 -10.26
CA ILE A 119 15.81 1.49 -11.51
C ILE A 119 16.08 0.00 -11.60
N VAL A 120 15.83 -0.72 -10.51
CA VAL A 120 16.05 -2.16 -10.47
C VAL A 120 14.73 -2.91 -10.55
N THR A 121 14.03 -2.78 -11.68
CA THR A 121 12.75 -3.45 -11.87
C THR A 121 12.91 -4.68 -12.76
N LEU A 122 14.11 -5.25 -12.76
CA LEU A 122 14.39 -6.44 -13.56
C LEU A 122 14.15 -7.72 -12.75
N GLY A 1 -17.32 32.19 -55.79
CA GLY A 1 -15.99 31.64 -55.64
C GLY A 1 -15.90 30.63 -54.50
N SER A 2 -15.81 29.35 -54.86
CA SER A 2 -15.73 28.29 -53.86
C SER A 2 -15.08 27.04 -54.45
N PRO A 3 -13.76 27.13 -54.72
CA PRO A 3 -13.00 26.01 -55.29
C PRO A 3 -12.83 24.86 -54.30
N PHE A 4 -12.06 23.86 -54.70
CA PHE A 4 -11.81 22.70 -53.85
C PHE A 4 -10.33 22.59 -53.49
N ALA A 5 -10.05 22.00 -52.34
CA ALA A 5 -8.67 21.84 -51.88
C ALA A 5 -8.44 20.43 -51.35
N ASP A 6 -7.20 19.94 -51.48
CA ASP A 6 -6.85 18.61 -51.01
C ASP A 6 -5.98 18.69 -49.76
N PRO A 7 -6.61 18.55 -48.58
CA PRO A 7 -5.91 18.60 -47.30
C PRO A 7 -5.03 17.39 -47.07
N ASN A 8 -3.72 17.57 -47.17
CA ASN A 8 -2.78 16.49 -46.97
C ASN A 8 -2.74 16.05 -45.51
N SER A 9 -2.50 14.76 -45.28
CA SER A 9 -2.45 14.22 -43.94
C SER A 9 -1.07 13.66 -43.64
N LEU A 10 -0.72 13.59 -42.35
CA LEU A 10 0.57 13.06 -41.93
C LEU A 10 0.40 11.75 -41.16
N ALA A 11 1.20 10.76 -41.52
CA ALA A 11 1.15 9.46 -40.86
C ALA A 11 2.30 9.30 -39.87
N LEU A 12 2.26 8.21 -39.10
CA LEU A 12 3.30 7.94 -38.11
C LEU A 12 4.28 6.89 -38.62
N ALA A 13 5.31 6.61 -37.83
CA ALA A 13 6.31 5.62 -38.20
C ALA A 13 6.60 4.67 -37.04
N ASN A 14 7.07 5.22 -35.93
CA ASN A 14 7.38 4.41 -34.75
C ASN A 14 6.80 5.04 -33.49
N VAL A 15 6.57 4.22 -32.48
CA VAL A 15 6.01 4.69 -31.22
C VAL A 15 7.02 4.57 -30.08
N PRO A 16 6.87 5.40 -29.05
CA PRO A 16 7.76 5.40 -27.89
C PRO A 16 7.59 4.15 -27.02
N LEU A 17 8.46 3.99 -26.04
CA LEU A 17 8.40 2.83 -25.15
C LEU A 17 8.59 3.27 -23.69
N SER A 18 8.26 2.37 -22.77
CA SER A 18 8.39 2.65 -21.35
C SER A 18 9.24 1.59 -20.65
N ARG A 19 9.71 1.91 -19.45
CA ARG A 19 10.54 0.98 -18.69
C ARG A 19 10.83 1.54 -17.29
N SER A 20 10.86 0.65 -16.31
CA SER A 20 11.13 1.04 -14.93
C SER A 20 11.52 -0.16 -14.08
N LYS A 21 12.42 0.06 -13.14
CA LYS A 21 12.88 -1.01 -12.25
C LYS A 21 13.05 -0.50 -10.82
N ARG A 22 13.29 -1.42 -9.89
CA ARG A 22 13.47 -1.07 -8.49
C ARG A 22 14.14 -2.20 -7.73
N PRO A 23 14.77 -1.86 -6.59
CA PRO A 23 15.46 -2.83 -5.75
C PRO A 23 14.50 -3.77 -5.04
N ASP A 24 15.05 -4.77 -4.36
CA ASP A 24 14.22 -5.74 -3.64
C ASP A 24 14.87 -6.09 -2.30
N PHE A 25 14.06 -6.12 -1.25
CA PHE A 25 14.54 -6.45 0.09
C PHE A 25 13.39 -6.76 1.03
N GLY A 26 13.37 -7.98 1.56
CA GLY A 26 12.30 -8.38 2.46
C GLY A 26 12.78 -9.38 3.49
N GLN A 27 12.32 -10.63 3.35
CA GLN A 27 12.70 -11.69 4.27
C GLN A 27 12.19 -11.39 5.68
N ARG A 28 11.02 -10.78 5.76
CA ARG A 28 10.42 -10.44 7.05
C ARG A 28 8.93 -10.78 7.05
N ARG A 29 8.52 -11.64 6.14
CA ARG A 29 7.11 -12.05 6.04
C ARG A 29 6.18 -10.87 6.32
N ILE A 30 6.45 -9.75 5.65
CA ILE A 30 5.63 -8.56 5.84
C ILE A 30 4.56 -8.45 4.75
N ARG A 31 3.48 -9.20 4.92
CA ARG A 31 2.39 -9.19 3.95
C ARG A 31 1.26 -10.12 4.40
N ARG A 32 0.07 -9.56 4.56
CA ARG A 32 -1.09 -10.34 4.99
C ARG A 32 -2.16 -10.36 3.89
N PRO A 33 -3.05 -11.36 3.97
CA PRO A 33 -4.14 -11.51 2.99
C PRO A 33 -5.20 -10.41 3.13
N PHE A 34 -5.34 -9.62 2.08
CA PHE A 34 -6.32 -8.52 2.08
C PHE A 34 -7.37 -8.74 1.01
N THR A 35 -8.49 -8.03 1.14
CA THR A 35 -9.58 -8.15 0.17
C THR A 35 -9.48 -7.09 -0.90
N VAL A 36 -9.75 -7.48 -2.15
CA VAL A 36 -9.70 -6.55 -3.27
C VAL A 36 -10.49 -5.29 -2.98
N ALA A 37 -11.63 -5.45 -2.31
CA ALA A 37 -12.49 -4.31 -1.97
C ALA A 37 -11.87 -3.48 -0.84
N GLU A 38 -11.41 -4.16 0.20
CA GLU A 38 -10.79 -3.48 1.34
C GLU A 38 -9.57 -2.67 0.90
N VAL A 39 -8.69 -3.31 0.14
CA VAL A 39 -7.49 -2.64 -0.35
C VAL A 39 -7.83 -1.53 -1.32
N GLU A 40 -8.82 -1.76 -2.18
CA GLU A 40 -9.25 -0.78 -3.16
C GLU A 40 -9.71 0.50 -2.47
N LEU A 41 -10.63 0.36 -1.52
CA LEU A 41 -11.17 1.49 -0.78
C LEU A 41 -10.07 2.20 0.00
N LEU A 42 -9.27 1.42 0.72
CA LEU A 42 -8.18 1.97 1.52
C LEU A 42 -7.22 2.76 0.65
N VAL A 43 -6.72 2.13 -0.41
CA VAL A 43 -5.79 2.78 -1.31
C VAL A 43 -6.46 3.94 -2.05
N GLU A 44 -7.77 3.83 -2.23
CA GLU A 44 -8.52 4.89 -2.91
C GLU A 44 -8.68 6.11 -2.03
N ALA A 45 -8.67 5.89 -0.71
CA ALA A 45 -8.81 6.98 0.25
C ALA A 45 -7.52 7.79 0.36
N VAL A 46 -6.41 7.09 0.52
CA VAL A 46 -5.10 7.73 0.64
C VAL A 46 -4.69 8.37 -0.69
N GLU A 47 -5.12 7.76 -1.79
CA GLU A 47 -4.79 8.26 -3.12
C GLU A 47 -5.56 9.56 -3.42
N HIS A 48 -6.86 9.53 -3.15
CA HIS A 48 -7.71 10.68 -3.39
C HIS A 48 -7.12 11.94 -2.74
N LEU A 49 -6.37 11.74 -1.66
CA LEU A 49 -5.76 12.85 -0.95
C LEU A 49 -4.26 12.89 -1.20
N GLY A 50 -3.74 11.83 -1.80
CA GLY A 50 -2.31 11.77 -2.10
C GLY A 50 -1.45 11.84 -0.85
N THR A 51 -0.85 13.00 -0.61
CA THR A 51 -0.01 13.20 0.56
C THR A 51 -0.69 14.07 1.60
N GLY A 52 -2.01 13.92 1.70
CA GLY A 52 -2.77 14.70 2.67
C GLY A 52 -2.50 14.26 4.10
N ARG A 53 -3.51 13.69 4.74
CA ARG A 53 -3.37 13.24 6.12
C ARG A 53 -4.02 11.87 6.31
N TRP A 54 -3.37 11.01 7.08
CA TRP A 54 -3.89 9.66 7.33
C TRP A 54 -5.32 9.71 7.84
N ARG A 55 -5.61 10.73 8.65
CA ARG A 55 -6.95 10.89 9.21
C ARG A 55 -7.96 11.24 8.12
N ASP A 56 -7.47 11.87 7.05
CA ASP A 56 -8.34 12.26 5.95
C ASP A 56 -8.72 11.05 5.10
N VAL A 57 -7.79 10.10 4.98
CA VAL A 57 -8.02 8.89 4.20
C VAL A 57 -8.98 7.95 4.93
N LYS A 58 -8.86 7.91 6.25
CA LYS A 58 -9.71 7.05 7.07
C LYS A 58 -11.12 7.62 7.17
N PHE A 59 -11.23 8.94 7.16
CA PHE A 59 -12.52 9.62 7.25
C PHE A 59 -13.20 9.68 5.88
N ARG A 60 -12.38 9.71 4.83
CA ARG A 60 -12.90 9.77 3.47
C ARG A 60 -13.16 8.38 2.92
N ALA A 61 -12.39 7.41 3.40
CA ALA A 61 -12.53 6.02 2.95
C ALA A 61 -13.98 5.56 3.06
N PHE A 62 -14.52 5.60 4.27
CA PHE A 62 -15.90 5.19 4.51
C PHE A 62 -16.39 5.67 5.87
N GLU A 63 -15.50 5.63 6.86
CA GLU A 63 -15.85 6.07 8.21
C GLU A 63 -16.91 5.16 8.82
N ASN A 64 -17.13 4.01 8.19
CA ASN A 64 -18.12 3.05 8.67
C ASN A 64 -17.49 1.69 8.91
N VAL A 65 -16.45 1.38 8.13
CA VAL A 65 -15.75 0.11 8.25
C VAL A 65 -15.40 -0.20 9.69
N HIS A 66 -15.05 -1.45 9.97
CA HIS A 66 -14.68 -1.87 11.32
C HIS A 66 -13.47 -1.09 11.82
N HIS A 67 -12.87 -1.56 12.91
CA HIS A 67 -11.70 -0.91 13.48
C HIS A 67 -10.67 -0.60 12.41
N ARG A 68 -10.28 0.67 12.31
CA ARG A 68 -9.31 1.10 11.32
C ARG A 68 -8.58 2.36 11.78
N THR A 69 -7.29 2.22 12.11
CA THR A 69 -6.49 3.34 12.57
C THR A 69 -5.93 4.13 11.39
N TYR A 70 -6.01 5.45 11.47
CA TYR A 70 -5.51 6.32 10.41
C TYR A 70 -4.11 5.91 9.99
N VAL A 71 -3.26 5.61 10.97
CA VAL A 71 -1.88 5.20 10.71
C VAL A 71 -1.85 3.87 9.95
N ASP A 72 -2.75 2.97 10.31
CA ASP A 72 -2.83 1.66 9.68
C ASP A 72 -3.16 1.80 8.19
N LEU A 73 -4.07 2.71 7.88
CA LEU A 73 -4.48 2.93 6.50
C LEU A 73 -3.29 3.40 5.65
N LYS A 74 -2.66 4.49 6.09
CA LYS A 74 -1.52 5.04 5.37
C LYS A 74 -0.35 4.05 5.37
N ASP A 75 -0.16 3.36 6.48
CA ASP A 75 0.91 2.38 6.60
C ASP A 75 0.69 1.21 5.66
N LYS A 76 -0.57 0.79 5.53
CA LYS A 76 -0.93 -0.32 4.66
C LYS A 76 -0.66 0.02 3.19
N TRP A 77 -1.05 1.24 2.79
CA TRP A 77 -0.85 1.69 1.43
C TRP A 77 0.63 1.69 1.05
N LYS A 78 1.44 2.32 1.90
CA LYS A 78 2.87 2.39 1.66
C LYS A 78 3.50 0.99 1.67
N THR A 79 3.10 0.18 2.64
CA THR A 79 3.62 -1.18 2.76
C THR A 79 3.27 -2.01 1.54
N LEU A 80 1.98 -2.01 1.18
CA LEU A 80 1.52 -2.78 0.02
C LEU A 80 2.24 -2.33 -1.25
N VAL A 81 2.60 -1.06 -1.30
CA VAL A 81 3.31 -0.51 -2.45
C VAL A 81 4.71 -1.09 -2.58
N HIS A 82 5.42 -1.14 -1.45
CA HIS A 82 6.78 -1.68 -1.43
C HIS A 82 6.78 -3.16 -1.82
N THR A 83 5.79 -3.90 -1.33
CA THR A 83 5.69 -5.32 -1.64
C THR A 83 5.25 -5.55 -3.08
N ALA A 84 4.48 -4.60 -3.61
CA ALA A 84 3.99 -4.70 -4.98
C ALA A 84 5.03 -4.18 -5.97
N SER A 85 6.09 -3.57 -5.45
CA SER A 85 7.15 -3.03 -6.28
C SER A 85 8.38 -3.94 -6.28
N ILE A 86 8.64 -4.56 -5.13
CA ILE A 86 9.77 -5.46 -4.98
C ILE A 86 9.74 -6.55 -6.04
N ALA A 87 10.76 -7.40 -6.04
CA ALA A 87 10.86 -8.50 -6.99
C ALA A 87 9.57 -9.32 -7.00
N PRO A 88 9.36 -10.08 -8.08
CA PRO A 88 8.17 -10.92 -8.25
C PRO A 88 8.18 -12.12 -7.29
N GLN A 89 9.32 -12.79 -7.20
CA GLN A 89 9.45 -13.95 -6.33
C GLN A 89 9.17 -13.57 -4.88
N GLN A 90 9.32 -12.30 -4.57
CA GLN A 90 9.08 -11.80 -3.21
C GLN A 90 7.60 -11.48 -3.00
N ARG A 91 6.93 -11.09 -4.08
CA ARG A 91 5.51 -10.76 -4.02
C ARG A 91 4.65 -11.92 -4.50
N ARG A 92 4.96 -13.13 -4.04
CA ARG A 92 4.23 -14.32 -4.43
C ARG A 92 3.28 -14.77 -3.32
N GLY A 93 2.16 -14.06 -3.18
CA GLY A 93 1.20 -14.39 -2.15
C GLY A 93 -0.13 -14.87 -2.74
N ALA A 94 -1.22 -14.43 -2.12
CA ALA A 94 -2.55 -14.82 -2.58
C ALA A 94 -2.84 -14.24 -3.97
N PRO A 95 -3.82 -14.83 -4.66
CA PRO A 95 -4.22 -14.38 -6.00
C PRO A 95 -4.91 -13.02 -5.98
N VAL A 96 -4.16 -11.98 -6.31
CA VAL A 96 -4.70 -10.62 -6.33
C VAL A 96 -4.56 -10.01 -7.71
N PRO A 97 -5.42 -9.01 -8.00
CA PRO A 97 -5.40 -8.31 -9.30
C PRO A 97 -4.18 -7.43 -9.47
N GLN A 98 -3.52 -7.54 -10.62
CA GLN A 98 -2.34 -6.76 -10.91
C GLN A 98 -2.66 -5.27 -10.95
N GLU A 99 -3.88 -4.95 -11.37
CA GLU A 99 -4.32 -3.57 -11.46
C GLU A 99 -4.12 -2.84 -10.12
N LEU A 100 -4.29 -3.59 -9.03
CA LEU A 100 -4.13 -3.02 -7.69
C LEU A 100 -2.69 -2.58 -7.46
N LEU A 101 -1.74 -3.38 -7.94
CA LEU A 101 -0.32 -3.08 -7.78
C LEU A 101 0.10 -1.98 -8.75
N ASP A 102 -0.57 -1.90 -9.89
CA ASP A 102 -0.26 -0.88 -10.88
C ASP A 102 -0.84 0.47 -10.49
N ARG A 103 -2.00 0.45 -9.83
CA ARG A 103 -2.66 1.67 -9.40
C ARG A 103 -1.97 2.25 -8.17
N VAL A 104 -1.46 1.37 -7.30
CA VAL A 104 -0.78 1.80 -6.09
C VAL A 104 0.63 2.31 -6.40
N LEU A 105 1.32 1.63 -7.31
CA LEU A 105 2.66 2.02 -7.70
C LEU A 105 2.64 3.29 -8.55
N ALA A 106 1.70 3.35 -9.48
CA ALA A 106 1.58 4.51 -10.36
C ALA A 106 1.18 5.76 -9.56
N ALA A 107 0.20 5.61 -8.69
CA ALA A 107 -0.27 6.72 -7.87
C ALA A 107 0.80 7.15 -6.87
N GLN A 108 1.54 6.18 -6.35
CA GLN A 108 2.60 6.46 -5.38
C GLN A 108 3.68 7.35 -5.99
N ALA A 109 4.18 6.94 -7.14
CA ALA A 109 5.22 7.70 -7.84
C ALA A 109 4.66 9.00 -8.41
N TYR A 110 3.37 8.99 -8.74
CA TYR A 110 2.72 10.16 -9.29
C TYR A 110 2.68 11.30 -8.28
N TRP A 111 2.36 10.97 -7.03
CA TRP A 111 2.29 11.97 -5.97
C TRP A 111 3.70 12.37 -5.52
N SER A 112 4.68 11.54 -5.84
CA SER A 112 6.06 11.81 -5.45
C SER A 112 6.52 13.15 -6.03
N VAL A 113 6.67 14.13 -5.15
CA VAL A 113 7.10 15.46 -5.56
C VAL A 113 8.43 15.84 -4.89
N ASP A 114 8.58 15.45 -3.63
CA ASP A 114 9.78 15.74 -2.87
C ASP A 114 10.20 14.54 -2.02
N SER A 115 11.50 14.43 -1.77
CA SER A 115 12.02 13.32 -0.97
C SER A 115 13.40 13.66 -0.41
N SER A 116 13.63 13.29 0.84
CA SER A 116 14.91 13.57 1.50
C SER A 116 15.50 12.28 2.09
N GLY A 117 16.71 12.39 2.62
CA GLY A 117 17.37 11.24 3.21
C GLY A 117 17.52 11.35 4.71
N ARG A 118 17.75 10.23 5.37
CA ARG A 118 17.90 10.21 6.82
C ARG A 118 18.38 8.83 7.29
N ILE A 119 18.78 8.76 8.56
CA ILE A 119 19.26 7.50 9.14
C ILE A 119 18.10 6.64 9.60
N VAL A 120 17.18 6.34 8.68
CA VAL A 120 16.02 5.52 9.00
C VAL A 120 16.43 4.08 9.26
N THR A 121 17.56 3.67 8.68
CA THR A 121 18.06 2.31 8.85
C THR A 121 19.26 2.28 9.79
N LEU A 122 19.16 3.02 10.90
CA LEU A 122 20.24 3.07 11.88
C LEU A 122 21.52 3.60 11.24
N GLY A 1 -43.71 -67.25 2.71
CA GLY A 1 -43.80 -65.91 3.27
C GLY A 1 -42.71 -65.00 2.75
N SER A 2 -43.04 -64.20 1.73
CA SER A 2 -42.08 -63.28 1.13
C SER A 2 -42.81 -62.11 0.46
N PRO A 3 -43.41 -61.23 1.27
CA PRO A 3 -44.13 -60.07 0.78
C PRO A 3 -43.20 -59.02 0.18
N PHE A 4 -43.77 -57.87 -0.20
CA PHE A 4 -42.99 -56.79 -0.80
C PHE A 4 -43.32 -55.46 -0.14
N ALA A 5 -42.58 -54.42 -0.51
CA ALA A 5 -42.79 -53.09 0.05
C ALA A 5 -42.20 -52.02 -0.85
N ASP A 6 -42.97 -50.97 -1.12
CA ASP A 6 -42.51 -49.88 -1.97
C ASP A 6 -42.34 -48.60 -1.15
N PRO A 7 -41.10 -48.33 -0.73
CA PRO A 7 -40.78 -47.15 0.06
C PRO A 7 -40.87 -45.86 -0.76
N ASN A 8 -42.03 -45.21 -0.68
CA ASN A 8 -42.25 -43.96 -1.41
C ASN A 8 -42.00 -42.75 -0.52
N SER A 9 -41.52 -41.66 -1.13
CA SER A 9 -41.22 -40.44 -0.39
C SER A 9 -40.81 -39.32 -1.34
N LEU A 10 -41.27 -38.11 -1.04
CA LEU A 10 -40.95 -36.94 -1.87
C LEU A 10 -40.45 -35.79 -1.01
N ALA A 11 -39.42 -35.10 -1.49
CA ALA A 11 -38.85 -33.98 -0.77
C ALA A 11 -37.94 -33.15 -1.68
N LEU A 12 -38.03 -31.83 -1.57
CA LEU A 12 -37.22 -30.93 -2.38
C LEU A 12 -37.18 -29.53 -1.76
N ALA A 13 -36.03 -29.19 -1.18
CA ALA A 13 -35.86 -27.87 -0.56
C ALA A 13 -34.39 -27.63 -0.21
N ASN A 14 -33.76 -26.70 -0.92
CA ASN A 14 -32.37 -26.37 -0.68
C ASN A 14 -32.22 -24.91 -0.25
N VAL A 15 -31.53 -24.70 0.87
CA VAL A 15 -31.31 -23.35 1.37
C VAL A 15 -29.84 -22.97 1.33
N PRO A 16 -29.57 -21.66 1.26
CA PRO A 16 -28.20 -21.13 1.20
C PRO A 16 -27.44 -21.32 2.51
N LEU A 17 -26.17 -20.96 2.51
CA LEU A 17 -25.33 -21.10 3.70
C LEU A 17 -23.99 -20.42 3.51
N SER A 18 -23.51 -19.72 4.54
CA SER A 18 -22.24 -19.03 4.48
C SER A 18 -21.83 -18.52 5.86
N ARG A 19 -20.64 -17.91 5.93
CA ARG A 19 -20.14 -17.39 7.19
C ARG A 19 -18.83 -16.62 6.98
N SER A 20 -18.81 -15.37 7.41
CA SER A 20 -17.63 -14.53 7.26
C SER A 20 -17.05 -14.17 8.63
N LYS A 21 -17.08 -15.11 9.55
CA LYS A 21 -16.55 -14.90 10.89
C LYS A 21 -15.13 -14.33 10.84
N ARG A 22 -14.67 -13.80 11.96
CA ARG A 22 -13.33 -13.23 12.04
C ARG A 22 -12.85 -13.16 13.49
N PRO A 23 -12.61 -14.34 14.09
CA PRO A 23 -12.14 -14.44 15.47
C PRO A 23 -10.72 -13.95 15.64
N ASP A 24 -9.95 -13.98 14.56
CA ASP A 24 -8.56 -13.53 14.57
C ASP A 24 -8.46 -12.09 15.07
N PHE A 25 -7.27 -11.72 15.54
CA PHE A 25 -7.05 -10.36 16.03
C PHE A 25 -5.71 -9.82 15.54
N GLY A 26 -5.53 -8.51 15.68
CA GLY A 26 -4.30 -7.88 15.23
C GLY A 26 -4.32 -6.37 15.38
N GLN A 27 -3.64 -5.87 16.41
CA GLN A 27 -3.60 -4.44 16.67
C GLN A 27 -2.17 -3.92 16.62
N ARG A 28 -1.38 -4.45 15.69
CA ARG A 28 0.01 -4.04 15.54
C ARG A 28 0.32 -3.66 14.11
N ARG A 29 1.52 -3.14 13.88
CA ARG A 29 1.94 -2.73 12.55
C ARG A 29 2.53 -3.90 11.78
N ILE A 30 1.68 -4.86 11.43
CA ILE A 30 2.11 -6.04 10.69
C ILE A 30 1.26 -6.26 9.45
N ARG A 31 1.86 -6.85 8.41
CA ARG A 31 1.15 -7.12 7.17
C ARG A 31 0.08 -8.19 7.36
N ARG A 32 -1.14 -7.75 7.67
CA ARG A 32 -2.25 -8.67 7.88
C ARG A 32 -3.00 -8.92 6.58
N PRO A 33 -3.76 -10.03 6.54
CA PRO A 33 -4.55 -10.41 5.37
C PRO A 33 -5.73 -9.47 5.13
N PHE A 34 -5.76 -8.86 3.95
CA PHE A 34 -6.82 -7.93 3.60
C PHE A 34 -7.62 -8.45 2.40
N THR A 35 -8.81 -7.88 2.21
CA THR A 35 -9.67 -8.29 1.10
C THR A 35 -9.59 -7.30 -0.05
N VAL A 36 -9.83 -7.78 -1.27
CA VAL A 36 -9.78 -6.93 -2.46
C VAL A 36 -10.63 -5.68 -2.26
N ALA A 37 -11.77 -5.84 -1.61
CA ALA A 37 -12.68 -4.72 -1.36
C ALA A 37 -12.09 -3.76 -0.33
N GLU A 38 -11.63 -4.31 0.78
CA GLU A 38 -11.05 -3.50 1.85
C GLU A 38 -9.84 -2.73 1.33
N VAL A 39 -9.00 -3.40 0.55
CA VAL A 39 -7.80 -2.77 -0.01
C VAL A 39 -8.17 -1.70 -1.03
N GLU A 40 -9.22 -1.97 -1.81
CA GLU A 40 -9.67 -1.02 -2.83
C GLU A 40 -10.05 0.31 -2.21
N LEU A 41 -10.91 0.26 -1.19
CA LEU A 41 -11.37 1.47 -0.51
C LEU A 41 -10.21 2.13 0.24
N LEU A 42 -9.34 1.31 0.82
CA LEU A 42 -8.20 1.81 1.57
C LEU A 42 -7.26 2.61 0.66
N VAL A 43 -6.64 1.91 -0.29
CA VAL A 43 -5.72 2.55 -1.23
C VAL A 43 -6.38 3.74 -1.92
N GLU A 44 -7.66 3.58 -2.24
CA GLU A 44 -8.41 4.65 -2.92
C GLU A 44 -8.50 5.89 -2.03
N ALA A 45 -8.56 5.67 -0.72
CA ALA A 45 -8.64 6.77 0.23
C ALA A 45 -7.36 7.59 0.25
N VAL A 46 -6.23 6.90 0.41
CA VAL A 46 -4.93 7.55 0.44
C VAL A 46 -4.50 7.99 -0.96
N GLU A 47 -4.95 7.26 -1.97
CA GLU A 47 -4.62 7.58 -3.36
C GLU A 47 -5.32 8.86 -3.80
N HIS A 48 -6.55 9.05 -3.35
CA HIS A 48 -7.33 10.23 -3.70
C HIS A 48 -6.76 11.47 -3.02
N LEU A 49 -6.39 11.34 -1.76
CA LEU A 49 -5.84 12.45 -1.00
C LEU A 49 -4.32 12.53 -1.17
N GLY A 50 -3.76 11.53 -1.83
CA GLY A 50 -2.32 11.51 -2.06
C GLY A 50 -1.54 11.40 -0.77
N THR A 51 -0.95 12.51 -0.34
CA THR A 51 -0.16 12.53 0.88
C THR A 51 -0.57 13.70 1.78
N GLY A 52 -1.54 13.45 2.66
CA GLY A 52 -2.00 14.49 3.56
C GLY A 52 -2.19 13.99 4.98
N ARG A 53 -3.15 14.57 5.68
CA ARG A 53 -3.42 14.17 7.06
C ARG A 53 -3.98 12.75 7.12
N TRP A 54 -3.38 11.92 7.96
CA TRP A 54 -3.82 10.54 8.11
C TRP A 54 -5.31 10.46 8.43
N ARG A 55 -5.81 11.49 9.12
CA ARG A 55 -7.21 11.54 9.48
C ARG A 55 -8.09 11.73 8.25
N ASP A 56 -7.55 12.41 7.24
CA ASP A 56 -8.28 12.68 6.01
C ASP A 56 -8.55 11.37 5.25
N VAL A 57 -7.50 10.56 5.10
CA VAL A 57 -7.62 9.29 4.40
C VAL A 57 -8.49 8.31 5.17
N LYS A 58 -8.46 8.42 6.49
CA LYS A 58 -9.24 7.54 7.36
C LYS A 58 -10.74 7.78 7.14
N PHE A 59 -11.14 9.05 7.14
CA PHE A 59 -12.54 9.41 6.95
C PHE A 59 -12.93 9.32 5.48
N ARG A 60 -12.06 9.85 4.62
CA ARG A 60 -12.32 9.84 3.17
C ARG A 60 -12.67 8.44 2.70
N ALA A 61 -12.10 7.43 3.37
CA ALA A 61 -12.36 6.04 3.01
C ALA A 61 -13.74 5.59 3.47
N PHE A 62 -13.89 5.39 4.77
CA PHE A 62 -15.16 4.96 5.34
C PHE A 62 -15.19 5.18 6.85
N GLU A 63 -15.90 6.20 7.29
CA GLU A 63 -16.00 6.52 8.71
C GLU A 63 -16.74 5.42 9.46
N ASN A 64 -15.98 4.61 10.20
CA ASN A 64 -16.58 3.51 10.97
C ASN A 64 -17.54 2.71 10.11
N VAL A 65 -17.05 2.19 8.99
CA VAL A 65 -17.88 1.40 8.08
C VAL A 65 -17.19 0.10 7.70
N HIS A 66 -15.88 0.17 7.48
CA HIS A 66 -15.10 -1.00 7.12
C HIS A 66 -13.64 -0.62 6.85
N HIS A 67 -12.90 -0.38 7.92
CA HIS A 67 -11.49 -0.01 7.79
C HIS A 67 -10.81 -0.01 9.16
N ARG A 68 -9.51 0.28 9.17
CA ARG A 68 -8.74 0.30 10.41
C ARG A 68 -8.30 1.72 10.76
N THR A 69 -7.49 1.85 11.80
CA THR A 69 -7.00 3.14 12.23
C THR A 69 -6.39 3.93 11.06
N TYR A 70 -6.42 5.25 11.15
CA TYR A 70 -5.87 6.10 10.11
C TYR A 70 -4.46 5.66 9.71
N VAL A 71 -3.64 5.38 10.72
CA VAL A 71 -2.26 4.93 10.49
C VAL A 71 -2.24 3.58 9.79
N ASP A 72 -3.23 2.75 10.07
CA ASP A 72 -3.32 1.43 9.46
C ASP A 72 -3.52 1.53 7.96
N LEU A 73 -4.40 2.44 7.55
CA LEU A 73 -4.69 2.63 6.13
C LEU A 73 -3.47 3.16 5.39
N LYS A 74 -2.87 4.23 5.92
CA LYS A 74 -1.69 4.83 5.32
C LYS A 74 -0.51 3.84 5.33
N ASP A 75 -0.31 3.17 6.46
CA ASP A 75 0.77 2.20 6.59
C ASP A 75 0.54 1.01 5.67
N LYS A 76 -0.72 0.58 5.57
CA LYS A 76 -1.07 -0.55 4.73
C LYS A 76 -0.74 -0.27 3.26
N TRP A 77 -1.14 0.90 2.79
CA TRP A 77 -0.88 1.29 1.40
C TRP A 77 0.61 1.32 1.11
N LYS A 78 1.36 2.05 1.95
CA LYS A 78 2.80 2.16 1.78
C LYS A 78 3.45 0.77 1.75
N THR A 79 3.05 -0.09 2.68
CA THR A 79 3.59 -1.44 2.76
C THR A 79 3.23 -2.25 1.51
N LEU A 80 1.95 -2.28 1.19
CA LEU A 80 1.48 -3.01 0.02
C LEU A 80 2.15 -2.50 -1.25
N VAL A 81 2.49 -1.22 -1.27
CA VAL A 81 3.15 -0.61 -2.42
C VAL A 81 4.56 -1.16 -2.60
N HIS A 82 5.31 -1.20 -1.50
CA HIS A 82 6.68 -1.69 -1.52
C HIS A 82 6.72 -3.15 -1.97
N THR A 83 5.78 -3.94 -1.49
CA THR A 83 5.70 -5.36 -1.84
C THR A 83 5.21 -5.55 -3.27
N ALA A 84 4.39 -4.61 -3.73
CA ALA A 84 3.84 -4.67 -5.08
C ALA A 84 4.81 -4.06 -6.09
N SER A 85 5.88 -3.46 -5.60
CA SER A 85 6.88 -2.84 -6.45
C SER A 85 8.14 -3.69 -6.52
N ILE A 86 8.49 -4.31 -5.39
CA ILE A 86 9.68 -5.15 -5.32
C ILE A 86 9.70 -6.18 -6.45
N ALA A 87 10.83 -6.86 -6.61
CA ALA A 87 10.97 -7.86 -7.65
C ALA A 87 9.82 -8.87 -7.61
N PRO A 88 9.61 -9.58 -8.71
CA PRO A 88 8.55 -10.60 -8.82
C PRO A 88 8.84 -11.83 -7.97
N GLN A 89 10.10 -12.23 -7.94
CA GLN A 89 10.50 -13.41 -7.16
C GLN A 89 10.07 -13.26 -5.71
N GLN A 90 9.95 -12.02 -5.25
CA GLN A 90 9.55 -11.75 -3.87
C GLN A 90 8.04 -11.74 -3.73
N ARG A 91 7.35 -11.44 -4.84
CA ARG A 91 5.89 -11.40 -4.84
C ARG A 91 5.31 -12.81 -4.83
N ARG A 92 5.41 -13.48 -3.68
CA ARG A 92 4.89 -14.84 -3.54
C ARG A 92 3.89 -14.92 -2.39
N GLY A 93 2.86 -14.08 -2.45
CA GLY A 93 1.86 -14.07 -1.40
C GLY A 93 0.52 -14.63 -1.88
N ALA A 94 -0.56 -14.03 -1.42
CA ALA A 94 -1.90 -14.47 -1.79
C ALA A 94 -2.27 -13.95 -3.17
N PRO A 95 -3.27 -14.60 -3.80
CA PRO A 95 -3.74 -14.22 -5.14
C PRO A 95 -4.48 -12.89 -5.14
N VAL A 96 -3.80 -11.84 -5.59
CA VAL A 96 -4.39 -10.52 -5.64
C VAL A 96 -4.41 -9.97 -7.07
N PRO A 97 -5.32 -9.03 -7.33
CA PRO A 97 -5.46 -8.41 -8.65
C PRO A 97 -4.28 -7.50 -8.99
N GLN A 98 -3.75 -7.66 -10.20
CA GLN A 98 -2.63 -6.85 -10.65
C GLN A 98 -3.00 -5.37 -10.70
N GLU A 99 -4.25 -5.10 -11.04
CA GLU A 99 -4.74 -3.73 -11.13
C GLU A 99 -4.50 -2.98 -9.82
N LEU A 100 -4.73 -3.67 -8.71
CA LEU A 100 -4.54 -3.07 -7.39
C LEU A 100 -3.10 -2.60 -7.20
N LEU A 101 -2.16 -3.39 -7.70
CA LEU A 101 -0.75 -3.05 -7.59
C LEU A 101 -0.38 -1.93 -8.55
N ASP A 102 -1.11 -1.84 -9.66
CA ASP A 102 -0.86 -0.81 -10.66
C ASP A 102 -1.36 0.55 -10.18
N ARG A 103 -2.54 0.56 -9.55
CA ARG A 103 -3.13 1.79 -9.04
C ARG A 103 -2.32 2.33 -7.86
N VAL A 104 -1.97 1.45 -6.93
CA VAL A 104 -1.20 1.83 -5.76
C VAL A 104 0.19 2.30 -6.15
N LEU A 105 0.80 1.60 -7.10
CA LEU A 105 2.15 1.95 -7.56
C LEU A 105 2.14 3.28 -8.31
N ALA A 106 1.24 3.40 -9.29
CA ALA A 106 1.12 4.63 -10.06
C ALA A 106 0.96 5.85 -9.16
N ALA A 107 0.07 5.74 -8.18
CA ALA A 107 -0.18 6.83 -7.24
C ALA A 107 1.08 7.17 -6.46
N GLN A 108 1.75 6.13 -5.95
CA GLN A 108 2.96 6.32 -5.17
C GLN A 108 3.97 7.17 -5.93
N ALA A 109 4.16 6.85 -7.21
CA ALA A 109 5.10 7.58 -8.06
C ALA A 109 4.54 8.95 -8.44
N TYR A 110 3.25 9.00 -8.75
CA TYR A 110 2.60 10.24 -9.13
C TYR A 110 2.81 11.31 -8.07
N TRP A 111 2.66 10.93 -6.81
CA TRP A 111 2.84 11.86 -5.70
C TRP A 111 4.31 11.98 -5.31
N SER A 112 5.17 11.30 -6.07
CA SER A 112 6.60 11.33 -5.80
C SER A 112 7.29 12.41 -6.62
N VAL A 113 6.49 13.33 -7.15
CA VAL A 113 7.02 14.43 -7.96
C VAL A 113 6.23 15.72 -7.73
N ASP A 114 6.79 16.62 -6.94
CA ASP A 114 6.13 17.88 -6.64
C ASP A 114 4.83 17.66 -5.89
N SER A 115 4.92 17.00 -4.74
CA SER A 115 3.74 16.71 -3.92
C SER A 115 3.32 17.96 -3.13
N SER A 116 2.05 17.98 -2.73
CA SER A 116 1.53 19.11 -1.97
C SER A 116 1.99 19.05 -0.51
N GLY A 117 2.03 20.21 0.14
CA GLY A 117 2.46 20.26 1.52
C GLY A 117 1.47 21.00 2.40
N ARG A 118 1.86 21.24 3.65
CA ARG A 118 1.00 21.93 4.61
C ARG A 118 0.93 23.43 4.29
N ILE A 119 0.17 24.16 5.10
CA ILE A 119 0.03 25.59 4.91
C ILE A 119 1.29 26.34 5.31
N VAL A 120 2.14 26.64 4.33
CA VAL A 120 3.39 27.35 4.58
C VAL A 120 3.36 28.74 3.98
N THR A 121 2.30 29.49 4.26
CA THR A 121 2.15 30.84 3.74
C THR A 121 2.92 31.85 4.59
N LEU A 122 3.13 31.52 5.85
CA LEU A 122 3.86 32.39 6.77
C LEU A 122 5.37 32.20 6.61
N GLY A 1 64.78 -34.13 -37.51
CA GLY A 1 64.21 -33.16 -36.60
C GLY A 1 64.48 -31.73 -37.02
N SER A 2 63.49 -31.10 -37.64
CA SER A 2 63.63 -29.73 -38.10
C SER A 2 62.79 -28.77 -37.25
N PRO A 3 63.13 -27.48 -37.29
CA PRO A 3 62.41 -26.45 -36.53
C PRO A 3 61.01 -26.20 -37.08
N PHE A 4 60.07 -25.93 -36.17
CA PHE A 4 58.69 -25.68 -36.55
C PHE A 4 58.12 -24.48 -35.79
N ALA A 5 56.98 -23.99 -36.24
CA ALA A 5 56.32 -22.86 -35.59
C ALA A 5 55.00 -23.26 -34.97
N ASP A 6 54.83 -22.95 -33.69
CA ASP A 6 53.60 -23.29 -32.98
C ASP A 6 52.82 -22.02 -32.63
N PRO A 7 51.51 -22.19 -32.35
CA PRO A 7 50.63 -21.08 -32.00
C PRO A 7 50.95 -20.51 -30.62
N ASN A 8 51.89 -19.57 -30.57
CA ASN A 8 52.29 -18.94 -29.31
C ASN A 8 51.42 -17.73 -29.02
N SER A 9 51.41 -17.31 -27.75
CA SER A 9 50.62 -16.16 -27.34
C SER A 9 51.16 -14.87 -27.96
N LEU A 10 50.63 -14.53 -29.12
CA LEU A 10 51.06 -13.33 -29.83
C LEU A 10 49.99 -12.23 -29.74
N ALA A 11 50.11 -11.36 -28.75
CA ALA A 11 49.17 -10.27 -28.56
C ALA A 11 47.73 -10.80 -28.50
N LEU A 12 47.52 -11.80 -27.66
CA LEU A 12 46.19 -12.40 -27.51
C LEU A 12 45.17 -11.36 -27.06
N ALA A 13 43.95 -11.47 -27.56
CA ALA A 13 42.88 -10.54 -27.21
C ALA A 13 41.57 -11.27 -26.97
N ASN A 14 41.15 -11.32 -25.71
CA ASN A 14 39.91 -11.99 -25.35
C ASN A 14 38.98 -11.04 -24.61
N VAL A 15 37.67 -11.25 -24.79
CA VAL A 15 36.67 -10.42 -24.15
C VAL A 15 36.55 -10.74 -22.67
N PRO A 16 36.53 -9.69 -21.83
CA PRO A 16 36.42 -9.84 -20.38
C PRO A 16 35.04 -10.32 -19.94
N LEU A 17 34.99 -11.56 -19.46
CA LEU A 17 33.73 -12.15 -19.02
C LEU A 17 33.19 -11.42 -17.79
N SER A 18 31.87 -11.36 -17.68
CA SER A 18 31.23 -10.69 -16.54
C SER A 18 29.79 -11.17 -16.37
N ARG A 19 29.09 -10.59 -15.40
CA ARG A 19 27.71 -10.96 -15.14
C ARG A 19 27.05 -9.96 -14.20
N SER A 20 25.73 -9.94 -14.19
CA SER A 20 24.97 -9.02 -13.33
C SER A 20 24.02 -9.79 -12.42
N LYS A 21 23.93 -9.35 -11.16
CA LYS A 21 23.05 -9.99 -10.20
C LYS A 21 22.74 -9.04 -9.04
N ARG A 22 21.53 -9.17 -8.49
CA ARG A 22 21.11 -8.32 -7.38
C ARG A 22 19.98 -8.99 -6.60
N PRO A 23 20.32 -10.05 -5.85
CA PRO A 23 19.35 -10.80 -5.04
C PRO A 23 18.86 -10.00 -3.84
N ASP A 24 17.73 -10.39 -3.29
CA ASP A 24 17.15 -9.71 -2.14
C ASP A 24 16.05 -10.55 -1.50
N PHE A 25 15.49 -10.05 -0.41
CA PHE A 25 14.42 -10.76 0.29
C PHE A 25 13.49 -9.78 1.00
N GLY A 26 12.23 -10.18 1.15
CA GLY A 26 11.26 -9.32 1.80
C GLY A 26 9.93 -10.00 2.01
N GLN A 27 9.67 -10.46 3.23
CA GLN A 27 8.42 -11.14 3.55
C GLN A 27 7.51 -10.26 4.40
N ARG A 28 6.25 -10.16 4.00
CA ARG A 28 5.29 -9.34 4.73
C ARG A 28 4.05 -10.16 5.10
N ARG A 29 4.05 -10.72 6.31
CA ARG A 29 2.94 -11.52 6.78
C ARG A 29 1.80 -10.63 7.26
N ILE A 30 0.56 -11.09 7.05
CA ILE A 30 -0.61 -10.33 7.46
C ILE A 30 -1.46 -11.13 8.45
N ARG A 31 -2.16 -10.43 9.33
CA ARG A 31 -3.00 -11.07 10.32
C ARG A 31 -4.32 -11.55 9.69
N ARG A 32 -5.22 -10.61 9.43
CA ARG A 32 -6.51 -10.92 8.83
C ARG A 32 -6.49 -10.62 7.33
N PRO A 33 -7.05 -11.53 6.54
CA PRO A 33 -7.12 -11.39 5.08
C PRO A 33 -8.10 -10.29 4.65
N PHE A 34 -7.80 -9.65 3.53
CA PHE A 34 -8.66 -8.58 3.03
C PHE A 34 -9.24 -8.95 1.67
N THR A 35 -10.27 -8.23 1.25
CA THR A 35 -10.93 -8.48 -0.02
C THR A 35 -10.63 -7.38 -1.03
N VAL A 36 -10.81 -7.68 -2.30
CA VAL A 36 -10.56 -6.71 -3.37
C VAL A 36 -11.28 -5.39 -3.09
N ALA A 37 -12.47 -5.50 -2.51
CA ALA A 37 -13.27 -4.32 -2.20
C ALA A 37 -12.63 -3.51 -1.05
N GLU A 38 -12.27 -4.21 0.02
CA GLU A 38 -11.65 -3.57 1.17
C GLU A 38 -10.33 -2.92 0.78
N VAL A 39 -9.48 -3.67 0.10
CA VAL A 39 -8.18 -3.15 -0.34
C VAL A 39 -8.34 -1.97 -1.29
N GLU A 40 -9.36 -2.05 -2.14
CA GLU A 40 -9.63 -0.98 -3.11
C GLU A 40 -10.01 0.31 -2.40
N LEU A 41 -10.92 0.20 -1.44
CA LEU A 41 -11.38 1.37 -0.69
C LEU A 41 -10.22 2.04 0.04
N LEU A 42 -9.42 1.23 0.73
CA LEU A 42 -8.27 1.75 1.47
C LEU A 42 -7.34 2.53 0.55
N VAL A 43 -6.92 1.89 -0.55
CA VAL A 43 -6.04 2.53 -1.51
C VAL A 43 -6.61 3.86 -1.98
N GLU A 44 -7.91 3.90 -2.23
CA GLU A 44 -8.58 5.12 -2.68
C GLU A 44 -8.52 6.20 -1.61
N ALA A 45 -8.55 5.78 -0.35
CA ALA A 45 -8.49 6.72 0.77
C ALA A 45 -7.16 7.45 0.81
N VAL A 46 -6.07 6.69 0.74
CA VAL A 46 -4.73 7.27 0.77
C VAL A 46 -4.38 7.92 -0.57
N GLU A 47 -4.90 7.33 -1.65
CA GLU A 47 -4.64 7.85 -2.99
C GLU A 47 -5.37 9.17 -3.21
N HIS A 48 -6.62 9.23 -2.75
CA HIS A 48 -7.43 10.44 -2.90
C HIS A 48 -6.72 11.65 -2.29
N LEU A 49 -6.02 11.41 -1.19
CA LEU A 49 -5.30 12.49 -0.50
C LEU A 49 -3.80 12.37 -0.74
N GLY A 50 -3.40 11.40 -1.56
CA GLY A 50 -2.00 11.20 -1.86
C GLY A 50 -1.15 11.14 -0.61
N THR A 51 -0.44 12.22 -0.32
CA THR A 51 0.42 12.28 0.87
C THR A 51 0.02 13.43 1.78
N GLY A 52 -1.26 13.48 2.14
CA GLY A 52 -1.75 14.53 3.00
C GLY A 52 -1.89 14.09 4.44
N ARG A 53 -3.10 14.23 4.99
CA ARG A 53 -3.37 13.84 6.36
C ARG A 53 -3.95 12.42 6.43
N TRP A 54 -3.51 11.64 7.41
CA TRP A 54 -3.99 10.28 7.57
C TRP A 54 -5.43 10.26 8.07
N ARG A 55 -5.80 11.28 8.84
CA ARG A 55 -7.16 11.38 9.37
C ARG A 55 -8.18 11.42 8.25
N ASP A 56 -7.90 12.22 7.21
CA ASP A 56 -8.80 12.34 6.08
C ASP A 56 -8.93 11.02 5.33
N VAL A 57 -7.87 10.20 5.41
CA VAL A 57 -7.86 8.91 4.74
C VAL A 57 -8.87 7.95 5.36
N LYS A 58 -8.80 7.82 6.69
CA LYS A 58 -9.71 6.94 7.41
C LYS A 58 -11.15 7.41 7.27
N PHE A 59 -11.34 8.73 7.25
CA PHE A 59 -12.68 9.31 7.12
C PHE A 59 -13.19 9.18 5.68
N ARG A 60 -12.32 9.50 4.72
CA ARG A 60 -12.69 9.41 3.31
C ARG A 60 -12.80 7.95 2.86
N ALA A 61 -12.06 7.07 3.54
CA ALA A 61 -12.08 5.65 3.21
C ALA A 61 -13.50 5.10 3.24
N PHE A 62 -14.16 5.24 4.39
CA PHE A 62 -15.52 4.75 4.55
C PHE A 62 -16.22 5.46 5.71
N GLU A 63 -15.53 5.55 6.84
CA GLU A 63 -16.09 6.20 8.02
C GLU A 63 -17.51 5.71 8.30
N ASN A 64 -17.76 4.44 7.99
CA ASN A 64 -19.08 3.85 8.21
C ASN A 64 -18.95 2.37 8.59
N VAL A 65 -18.04 1.67 7.92
CA VAL A 65 -17.82 0.26 8.18
C VAL A 65 -16.72 0.05 9.21
N HIS A 66 -16.38 -1.21 9.47
CA HIS A 66 -15.34 -1.53 10.44
C HIS A 66 -14.07 -0.74 10.15
N HIS A 67 -13.69 0.13 11.09
CA HIS A 67 -12.49 0.94 10.94
C HIS A 67 -11.36 0.40 11.80
N ARG A 68 -10.13 0.56 11.31
CA ARG A 68 -8.95 0.08 12.04
C ARG A 68 -8.21 1.24 12.68
N THR A 69 -7.45 1.98 11.87
CA THR A 69 -6.69 3.12 12.35
C THR A 69 -6.10 3.93 11.20
N TYR A 70 -6.00 5.23 11.38
CA TYR A 70 -5.45 6.11 10.36
C TYR A 70 -4.12 5.58 9.84
N VAL A 71 -3.13 5.53 10.73
CA VAL A 71 -1.80 5.04 10.36
C VAL A 71 -1.88 3.64 9.78
N ASP A 72 -2.87 2.87 10.21
CA ASP A 72 -3.05 1.50 9.73
C ASP A 72 -3.28 1.49 8.23
N LEU A 73 -4.13 2.37 7.75
CA LEU A 73 -4.43 2.45 6.32
C LEU A 73 -3.23 2.98 5.55
N LYS A 74 -2.63 4.05 6.05
CA LYS A 74 -1.45 4.64 5.40
C LYS A 74 -0.31 3.64 5.31
N ASP A 75 -0.01 2.99 6.43
CA ASP A 75 1.06 2.00 6.48
C ASP A 75 0.73 0.80 5.59
N LYS A 76 -0.54 0.42 5.58
CA LYS A 76 -0.99 -0.72 4.78
C LYS A 76 -0.71 -0.48 3.30
N TRP A 77 -0.95 0.74 2.84
CA TRP A 77 -0.72 1.10 1.44
C TRP A 77 0.76 1.07 1.11
N LYS A 78 1.56 1.76 1.93
CA LYS A 78 3.00 1.81 1.73
C LYS A 78 3.59 0.41 1.65
N THR A 79 3.17 -0.46 2.56
CA THR A 79 3.66 -1.83 2.59
C THR A 79 3.27 -2.59 1.32
N LEU A 80 1.99 -2.55 0.98
CA LEU A 80 1.49 -3.23 -0.21
C LEU A 80 2.20 -2.73 -1.46
N VAL A 81 2.61 -1.46 -1.44
CA VAL A 81 3.30 -0.87 -2.57
C VAL A 81 4.69 -1.47 -2.74
N HIS A 82 5.42 -1.59 -1.64
CA HIS A 82 6.76 -2.16 -1.67
C HIS A 82 6.74 -3.61 -2.14
N THR A 83 5.73 -4.35 -1.68
CA THR A 83 5.58 -5.75 -2.06
C THR A 83 5.12 -5.90 -3.50
N ALA A 84 4.38 -4.90 -3.97
CA ALA A 84 3.87 -4.91 -5.34
C ALA A 84 4.87 -4.27 -6.31
N SER A 85 5.96 -3.74 -5.76
CA SER A 85 6.99 -3.10 -6.56
C SER A 85 8.23 -3.98 -6.64
N ILE A 86 8.50 -4.72 -5.56
CA ILE A 86 9.66 -5.59 -5.50
C ILE A 86 9.71 -6.51 -6.72
N ALA A 87 10.82 -7.23 -6.87
CA ALA A 87 11.00 -8.15 -7.98
C ALA A 87 9.93 -9.24 -7.98
N PRO A 88 9.68 -9.84 -9.15
CA PRO A 88 8.68 -10.90 -9.29
C PRO A 88 9.11 -12.19 -8.61
N GLN A 89 10.42 -12.42 -8.55
CA GLN A 89 10.95 -13.63 -7.93
C GLN A 89 10.43 -13.78 -6.50
N GLN A 90 10.10 -12.65 -5.88
CA GLN A 90 9.58 -12.67 -4.52
C GLN A 90 8.06 -12.76 -4.51
N ARG A 91 7.41 -11.71 -5.00
CA ARG A 91 5.95 -11.67 -5.05
C ARG A 91 5.35 -12.08 -3.71
N ARG A 92 6.04 -11.74 -2.63
CA ARG A 92 5.57 -12.06 -1.29
C ARG A 92 4.44 -11.15 -0.86
N GLY A 93 3.29 -11.29 -1.52
CA GLY A 93 2.15 -10.46 -1.19
C GLY A 93 0.85 -11.26 -1.11
N ALA A 94 -0.27 -10.56 -1.07
CA ALA A 94 -1.58 -11.20 -0.99
C ALA A 94 -2.14 -11.47 -2.38
N PRO A 95 -3.10 -12.41 -2.46
CA PRO A 95 -3.74 -12.78 -3.73
C PRO A 95 -4.64 -11.67 -4.26
N VAL A 96 -4.02 -10.65 -4.87
CA VAL A 96 -4.76 -9.53 -5.43
C VAL A 96 -4.46 -9.38 -6.92
N PRO A 97 -5.40 -8.75 -7.64
CA PRO A 97 -5.26 -8.52 -9.09
C PRO A 97 -4.18 -7.49 -9.41
N GLN A 98 -3.55 -7.64 -10.57
CA GLN A 98 -2.50 -6.73 -11.00
C GLN A 98 -3.00 -5.29 -10.99
N GLU A 99 -4.29 -5.11 -11.24
CA GLU A 99 -4.89 -3.77 -11.26
C GLU A 99 -4.62 -3.04 -9.96
N LEU A 100 -4.68 -3.76 -8.84
CA LEU A 100 -4.43 -3.17 -7.54
C LEU A 100 -2.98 -2.71 -7.41
N LEU A 101 -2.07 -3.51 -7.95
CA LEU A 101 -0.64 -3.19 -7.89
C LEU A 101 -0.30 -2.09 -8.90
N ASP A 102 -1.10 -1.99 -9.96
CA ASP A 102 -0.87 -0.98 -10.99
C ASP A 102 -1.33 0.39 -10.50
N ARG A 103 -2.40 0.42 -9.72
CA ARG A 103 -2.94 1.67 -9.20
C ARG A 103 -2.09 2.18 -8.04
N VAL A 104 -1.68 1.27 -7.16
CA VAL A 104 -0.86 1.63 -6.01
C VAL A 104 0.53 2.06 -6.45
N LEU A 105 1.08 1.37 -7.44
CA LEU A 105 2.41 1.69 -7.95
C LEU A 105 2.40 3.00 -8.72
N ALA A 106 1.49 3.11 -9.68
CA ALA A 106 1.37 4.32 -10.48
C ALA A 106 1.18 5.55 -9.61
N ALA A 107 0.31 5.43 -8.60
CA ALA A 107 0.04 6.53 -7.69
C ALA A 107 1.29 6.89 -6.87
N GLN A 108 1.97 5.86 -6.37
CA GLN A 108 3.17 6.07 -5.57
C GLN A 108 4.18 6.93 -6.31
N ALA A 109 4.39 6.60 -7.59
CA ALA A 109 5.33 7.35 -8.41
C ALA A 109 4.76 8.71 -8.82
N TYR A 110 3.44 8.78 -8.91
CA TYR A 110 2.77 10.02 -9.29
C TYR A 110 2.91 11.07 -8.19
N TRP A 111 2.73 10.64 -6.95
CA TRP A 111 2.84 11.54 -5.80
C TRP A 111 4.30 11.79 -5.44
N SER A 112 5.18 10.91 -5.91
CA SER A 112 6.60 11.03 -5.62
C SER A 112 7.22 12.16 -6.43
N VAL A 113 7.61 13.23 -5.74
CA VAL A 113 8.22 14.38 -6.40
C VAL A 113 9.73 14.42 -6.17
N ASP A 114 10.13 14.67 -4.93
CA ASP A 114 11.54 14.73 -4.58
C ASP A 114 11.86 13.74 -3.47
N SER A 115 13.07 13.20 -3.50
CA SER A 115 13.50 12.23 -2.49
C SER A 115 13.72 12.91 -1.14
N SER A 116 12.64 13.05 -0.37
CA SER A 116 12.71 13.68 0.93
C SER A 116 12.78 12.64 2.05
N GLY A 117 13.11 13.09 3.26
CA GLY A 117 13.21 12.18 4.39
C GLY A 117 14.65 11.85 4.73
N ARG A 118 14.92 11.66 6.02
CA ARG A 118 16.25 11.33 6.48
C ARG A 118 16.35 9.86 6.88
N ILE A 119 17.49 9.48 7.44
CA ILE A 119 17.71 8.10 7.87
C ILE A 119 17.25 7.89 9.31
N VAL A 120 16.03 8.35 9.61
CA VAL A 120 15.47 8.21 10.95
C VAL A 120 15.57 6.77 11.44
N THR A 121 15.67 6.60 12.75
CA THR A 121 15.77 5.27 13.35
C THR A 121 14.48 4.90 14.07
N LEU A 122 13.88 5.87 14.76
CA LEU A 122 12.65 5.64 15.49
C LEU A 122 11.65 6.76 15.23
#